data_6OPN
#
_entry.id   6OPN
#
loop_
_entity.id
_entity.type
_entity.pdbx_description
1 polymer 'Envelope glycoprotein gp160'
2 polymer 'Envelope glycoprotein gp41'
3 polymer 'T-cell surface glycoprotein CD4'
4 branched 2-acetamido-2-deoxy-beta-D-glucopyranose-(1-4)-2-acetamido-2-deoxy-beta-D-glucopyranose
5 branched alpha-D-mannopyranose-(1-2)-alpha-D-mannopyranose-(1-3)-beta-D-mannopyranose-(1-4)-2-acetamido-2-deoxy-beta-D-glucopyranose-(1-4)-2-acetamido-2-deoxy-beta-D-glucopyranose
6 non-polymer 2-acetamido-2-deoxy-beta-D-glucopyranose
7 non-polymer "[3'-(5-methyl-1,3,4-oxadiazol-2-yl)[1,1'-biphenyl]-3-yl](piperidin-1-yl)methanone"
#
loop_
_entity_poly.entity_id
_entity_poly.type
_entity_poly.pdbx_seq_one_letter_code
_entity_poly.pdbx_strand_id
1 'polypeptide(L)'
;MDAMKRGLCCVLLLCGAVFVSPSQEIHARFRRGARAAKKWVTVYYGVPVWKEATTTLFCASDAKAYDTEVHNVWATHACV
PTDPNPQEIVLGNVTENFNMWKNNMVEQMHEDIISLWDQSLKPCVKLTPLCVTLNCNNVNTNNTNNSTNATISDWEKMET
GEMKNCSFNVTTSIRDKIKKEYALFYKLDVVPLENKNNINNTNITNYRLINCNTSVITQACPKVSFEPIPIHYCAPAGFA
ILKCNSKTFNGSGPCTNVSTVQCTHGIRPVVSTQLLLNGSLAEEEIVIRSENITDNAKTIIVQLNEAVEINCTRPNNNTR
KSIHIGPGRAFYATGDIIGNIRQAHCNISKARWNETLGQIVAKLEEQFPNKTIIFNHSSGGDPEIVTHSFNCGGEFFYCN
TTPLFNSTWNNTRTDDYPTGGEQNITLQCRIKQIINMWQGVGKAMYAPPIRGQIRCSSNITGLLLTRDGGRDQNGTETFR
PGGGNMRDNWRSELYKYKVVKIEPLGIAPTACKRRVVQRRRRRR
;
A,D,G
2 'polypeptide(L)'
;AVGLGAFILGFLGAAGSTMGAASMALTVQARLLLSGIVQQQNNLLRAPEAQQHMLQLTVWGIKQLQARVLAVERYLRDQQ
LLGIWGCSGKIICCTNVPWNDSWSNKTINEIWDNMTWMQWEKEIDNYTQHIYTLLEVSQIQQEKNEQELLELD
;
B,E,H
3 'polypeptide(L)'
;METDTLLLWVLLLWVPGSTGKKVVLGKKGDTVELTCTASQKKSIQFHWKNSNQIKILGNQGSFLTKGPSKLNDRADSRRS
LWDQGNFPLIIKNLKIEDSDTYICEVEDQKEEVQLLVFGLTANSDTHLLQGQSLTLTLESPPGSSPSVQCRSPRGKNIQG
GKTLSVSQLELQDSGTWTCTVLQNQKKVEFKIDIVVLAGGSGHHHHHH
;
C,F,I
#
loop_
_chem_comp.id
_chem_comp.type
_chem_comp.name
_chem_comp.formula
BMA D-saccharide, beta linking beta-D-mannopyranose 'C6 H12 O6'
MAN D-saccharide, alpha linking alpha-D-mannopyranose 'C6 H12 O6'
N07 non-polymer [3'-(5-methyl-1,3,4-oxadiazol-2-yl)[1,1'-biphenyl]-3-yl](piperidin-1-yl)methanone 'C21 H21 N3 O2'
NAG D-saccharide, beta linking 2-acetamido-2-deoxy-beta-D-glucopyranose 'C8 H15 N O6'
#
# COMPACT_ATOMS: atom_id res chain seq x y z
N ALA A 37 -11.78 43.33 -27.86
CA ALA A 37 -12.82 42.94 -28.81
C ALA A 37 -12.27 41.88 -29.75
N LYS A 38 -10.98 41.65 -29.62
CA LYS A 38 -10.30 40.65 -30.41
C LYS A 38 -10.40 39.32 -29.70
N LYS A 39 -10.84 38.31 -30.43
CA LYS A 39 -11.02 36.98 -29.89
C LYS A 39 -9.76 36.16 -30.10
N TRP A 40 -9.32 35.52 -29.03
CA TRP A 40 -8.09 34.72 -29.03
C TRP A 40 -8.29 33.28 -28.57
N VAL A 41 -7.43 32.37 -29.01
CA VAL A 41 -7.51 30.98 -28.56
C VAL A 41 -6.87 30.73 -27.20
N THR A 42 -7.57 30.18 -26.22
CA THR A 42 -6.84 29.93 -24.97
C THR A 42 -7.02 28.52 -24.48
N VAL A 43 -6.06 28.07 -23.69
CA VAL A 43 -6.10 26.70 -23.22
C VAL A 43 -6.20 26.55 -21.71
N TYR A 44 -7.08 25.63 -21.30
CA TYR A 44 -7.33 25.32 -19.90
C TYR A 44 -7.04 23.87 -19.54
N TYR A 45 -6.42 23.67 -18.37
CA TYR A 45 -6.15 22.32 -17.90
C TYR A 45 -7.12 21.97 -16.78
N GLY A 46 -7.59 20.73 -16.77
CA GLY A 46 -8.53 20.31 -15.74
C GLY A 46 -9.96 20.38 -16.26
N VAL A 47 -10.11 20.41 -17.57
CA VAL A 47 -11.41 20.46 -18.17
C VAL A 47 -12.12 19.09 -18.07
N PRO A 48 -13.28 18.97 -17.40
CA PRO A 48 -13.97 17.72 -17.10
C PRO A 48 -14.76 17.15 -18.25
N VAL A 49 -14.07 16.81 -19.30
CA VAL A 49 -14.73 16.26 -20.46
C VAL A 49 -14.48 14.77 -20.62
N TRP A 50 -15.59 14.05 -20.73
CA TRP A 50 -15.62 12.61 -20.80
C TRP A 50 -15.56 12.04 -22.18
N LYS A 51 -14.93 10.88 -22.25
CA LYS A 51 -14.88 10.03 -23.42
C LYS A 51 -15.11 8.59 -22.98
N GLU A 52 -15.68 7.76 -23.83
CA GLU A 52 -15.90 6.37 -23.44
C GLU A 52 -14.61 5.60 -23.35
N ALA A 53 -14.49 4.78 -22.32
CA ALA A 53 -13.32 3.96 -22.10
C ALA A 53 -13.41 2.61 -22.78
N THR A 54 -12.24 2.07 -23.09
CA THR A 54 -12.05 0.75 -23.71
C THR A 54 -11.24 -0.16 -22.81
N THR A 55 -11.27 0.11 -21.52
CA THR A 55 -10.45 -0.63 -20.57
C THR A 55 -11.06 -1.92 -20.06
N THR A 56 -10.29 -2.59 -19.22
CA THR A 56 -10.65 -3.87 -18.60
C THR A 56 -10.94 -3.68 -17.13
N LEU A 57 -12.04 -4.23 -16.66
CA LEU A 57 -12.45 -4.06 -15.27
C LEU A 57 -11.97 -5.22 -14.42
N PHE A 58 -11.87 -5.01 -13.11
CA PHE A 58 -11.46 -6.13 -12.29
C PHE A 58 -12.65 -6.69 -11.55
N CYS A 59 -12.56 -7.96 -11.17
CA CYS A 59 -13.61 -8.60 -10.39
C CYS A 59 -13.40 -8.53 -8.90
N ALA A 60 -14.48 -8.28 -8.20
CA ALA A 60 -14.49 -8.33 -6.77
C ALA A 60 -15.65 -9.21 -6.35
N SER A 61 -15.48 -10.01 -5.31
CA SER A 61 -16.57 -10.85 -4.83
C SER A 61 -16.32 -11.29 -3.41
N ASP A 62 -17.25 -12.06 -2.88
CA ASP A 62 -17.13 -12.52 -1.52
C ASP A 62 -16.38 -13.85 -1.44
N ASP A 67 -15.30 -23.65 -0.08
CA ASP A 67 -16.07 -24.83 0.25
C ASP A 67 -16.18 -25.74 -0.94
N THR A 68 -15.25 -25.53 -1.87
CA THR A 68 -15.08 -26.26 -3.14
C THR A 68 -16.11 -25.91 -4.22
N GLU A 69 -17.08 -25.06 -3.93
CA GLU A 69 -18.07 -24.73 -4.96
C GLU A 69 -17.30 -24.11 -6.10
N VAL A 70 -17.66 -24.44 -7.32
CA VAL A 70 -16.82 -23.94 -8.40
C VAL A 70 -16.71 -22.43 -8.55
N HIS A 71 -17.73 -21.66 -8.22
CA HIS A 71 -17.64 -20.24 -8.41
C HIS A 71 -16.80 -19.68 -7.28
N ASN A 72 -16.91 -20.28 -6.10
CA ASN A 72 -16.11 -19.82 -4.97
C ASN A 72 -14.65 -20.17 -5.17
N VAL A 73 -14.39 -21.32 -5.79
CA VAL A 73 -13.03 -21.71 -6.03
C VAL A 73 -12.43 -20.77 -7.03
N TRP A 74 -13.18 -20.46 -8.06
CA TRP A 74 -12.71 -19.53 -9.04
C TRP A 74 -12.49 -18.17 -8.40
N ALA A 75 -13.48 -17.67 -7.67
CA ALA A 75 -13.42 -16.35 -7.08
C ALA A 75 -12.24 -16.22 -6.16
N THR A 76 -11.87 -17.31 -5.49
CA THR A 76 -10.74 -17.29 -4.59
C THR A 76 -9.51 -16.69 -5.25
N HIS A 77 -9.28 -17.00 -6.52
CA HIS A 77 -8.11 -16.44 -7.15
C HIS A 77 -8.44 -15.41 -8.23
N ALA A 78 -9.68 -15.42 -8.73
CA ALA A 78 -10.09 -14.53 -9.80
C ALA A 78 -10.55 -13.13 -9.33
N CYS A 79 -11.10 -13.05 -8.12
CA CYS A 79 -11.70 -11.81 -7.66
C CYS A 79 -11.08 -11.30 -6.38
N VAL A 80 -11.15 -10.00 -6.15
CA VAL A 80 -10.63 -9.47 -4.92
C VAL A 80 -11.79 -9.41 -3.93
N PRO A 81 -11.54 -9.25 -2.63
CA PRO A 81 -12.55 -9.01 -1.63
C PRO A 81 -13.27 -7.77 -2.04
N THR A 82 -14.54 -7.65 -1.74
CA THR A 82 -15.29 -6.49 -2.18
C THR A 82 -14.99 -5.26 -1.39
N ASP A 83 -15.41 -4.14 -1.95
CA ASP A 83 -15.30 -2.84 -1.36
C ASP A 83 -16.32 -2.70 -0.24
N PRO A 84 -15.93 -2.51 1.04
CA PRO A 84 -16.84 -2.36 2.16
C PRO A 84 -17.88 -1.25 1.93
N ASN A 85 -17.54 -0.26 1.09
CA ASN A 85 -18.39 0.87 0.75
C ASN A 85 -17.68 1.78 -0.23
N ILE A 89 -22.03 8.59 -6.29
CA ILE A 89 -22.04 10.05 -6.27
C ILE A 89 -22.91 10.61 -7.35
N VAL A 90 -24.06 11.16 -6.97
CA VAL A 90 -24.94 11.71 -7.98
C VAL A 90 -24.29 12.96 -8.53
N LEU A 91 -24.36 13.12 -9.84
CA LEU A 91 -23.80 14.27 -10.50
C LEU A 91 -24.88 15.31 -10.61
N GLY A 92 -24.48 16.53 -10.91
CA GLY A 92 -25.44 17.61 -11.02
C GLY A 92 -26.16 17.60 -12.34
N ASN A 93 -26.30 18.76 -12.94
CA ASN A 93 -27.13 18.82 -14.11
C ASN A 93 -26.43 18.34 -15.35
N VAL A 94 -26.34 17.03 -15.47
CA VAL A 94 -25.65 16.41 -16.59
C VAL A 94 -26.61 15.47 -17.29
N THR A 95 -26.31 15.16 -18.55
CA THR A 95 -27.09 14.20 -19.31
C THR A 95 -26.14 13.27 -20.04
N GLU A 96 -26.45 11.97 -20.09
CA GLU A 96 -25.57 11.06 -20.81
C GLU A 96 -26.30 9.98 -21.60
N ASN A 97 -25.84 9.73 -22.82
CA ASN A 97 -26.46 8.72 -23.64
C ASN A 97 -25.91 7.32 -23.41
N PHE A 98 -26.55 6.60 -22.51
CA PHE A 98 -26.16 5.24 -22.20
C PHE A 98 -26.75 4.39 -23.30
N ASN A 99 -26.05 3.35 -23.76
CA ASN A 99 -26.65 2.47 -24.77
C ASN A 99 -26.33 1.04 -24.47
N MET A 100 -27.31 0.33 -23.94
CA MET A 100 -27.11 -1.02 -23.48
C MET A 100 -26.83 -1.99 -24.59
N TRP A 101 -27.21 -1.68 -25.80
CA TRP A 101 -27.01 -2.65 -26.85
C TRP A 101 -25.71 -2.42 -27.55
N LYS A 102 -24.98 -1.39 -27.13
CA LYS A 102 -23.73 -1.05 -27.77
C LYS A 102 -22.67 -0.85 -26.72
N ASN A 103 -22.85 -1.48 -25.58
CA ASN A 103 -21.90 -1.32 -24.48
C ASN A 103 -20.74 -2.25 -24.69
N ASN A 104 -19.76 -2.22 -23.79
CA ASN A 104 -18.63 -3.12 -23.93
C ASN A 104 -18.29 -3.85 -22.64
N MET A 105 -19.04 -3.57 -21.56
CA MET A 105 -18.78 -4.23 -20.27
C MET A 105 -19.15 -5.69 -20.38
N VAL A 106 -20.00 -5.92 -21.35
CA VAL A 106 -20.57 -7.18 -21.70
C VAL A 106 -19.51 -8.12 -22.22
N GLU A 107 -18.56 -7.62 -23.01
CA GLU A 107 -17.64 -8.56 -23.56
C GLU A 107 -16.78 -9.08 -22.49
N GLN A 108 -16.41 -8.26 -21.53
CA GLN A 108 -15.60 -8.85 -20.51
C GLN A 108 -16.42 -9.83 -19.70
N MET A 109 -17.67 -9.49 -19.38
CA MET A 109 -18.44 -10.44 -18.59
C MET A 109 -18.59 -11.75 -19.33
N HIS A 110 -18.68 -11.69 -20.65
CA HIS A 110 -18.91 -12.89 -21.41
C HIS A 110 -17.60 -13.57 -21.83
N GLU A 111 -16.47 -13.14 -21.29
CA GLU A 111 -15.21 -13.83 -21.46
C GLU A 111 -14.84 -14.46 -20.14
N ASP A 112 -15.12 -13.74 -19.04
CA ASP A 112 -14.76 -14.25 -17.72
C ASP A 112 -15.62 -15.42 -17.34
N ILE A 113 -16.91 -15.37 -17.70
CA ILE A 113 -17.79 -16.47 -17.39
C ILE A 113 -17.45 -17.69 -18.20
N ILE A 114 -17.12 -17.54 -19.48
CA ILE A 114 -16.77 -18.74 -20.22
C ILE A 114 -15.54 -19.34 -19.60
N SER A 115 -14.55 -18.53 -19.27
CA SER A 115 -13.37 -19.11 -18.68
C SER A 115 -13.71 -19.86 -17.39
N LEU A 116 -14.53 -19.25 -16.52
CA LEU A 116 -14.89 -19.90 -15.28
C LEU A 116 -15.55 -21.22 -15.54
N TRP A 117 -16.57 -21.16 -16.39
CA TRP A 117 -17.42 -22.27 -16.66
C TRP A 117 -16.65 -23.42 -17.26
N ASP A 118 -15.86 -23.14 -18.29
CA ASP A 118 -15.17 -24.20 -19.01
C ASP A 118 -14.14 -24.88 -18.12
N GLN A 119 -13.46 -24.13 -17.27
CA GLN A 119 -12.50 -24.72 -16.39
C GLN A 119 -13.17 -25.56 -15.31
N SER A 120 -14.30 -25.09 -14.80
CA SER A 120 -15.03 -25.73 -13.73
C SER A 120 -16.01 -26.85 -14.05
N LEU A 121 -16.66 -26.83 -15.20
CA LEU A 121 -17.64 -27.86 -15.50
C LEU A 121 -17.18 -28.66 -16.68
N LYS A 122 -16.38 -29.68 -16.41
CA LYS A 122 -15.78 -30.44 -17.47
C LYS A 122 -16.73 -31.45 -18.06
N PRO A 123 -16.88 -31.47 -19.39
CA PRO A 123 -17.66 -32.41 -20.13
C PRO A 123 -16.86 -33.63 -20.13
N CYS A 124 -17.48 -34.75 -20.27
CA CYS A 124 -16.68 -35.96 -20.43
C CYS A 124 -16.21 -36.02 -21.85
N VAL A 125 -17.06 -35.56 -22.75
CA VAL A 125 -16.72 -35.51 -24.17
C VAL A 125 -17.02 -34.12 -24.69
N LYS A 126 -16.06 -33.50 -25.35
CA LYS A 126 -16.28 -32.20 -25.94
C LYS A 126 -15.91 -32.20 -27.41
N LEU A 127 -16.88 -31.88 -28.26
CA LEU A 127 -16.63 -31.89 -29.69
C LEU A 127 -16.64 -30.50 -30.28
N THR A 128 -15.54 -30.20 -30.96
CA THR A 128 -15.34 -28.94 -31.67
C THR A 128 -15.34 -29.25 -33.17
N PRO A 129 -16.09 -28.54 -34.01
CA PRO A 129 -16.11 -28.74 -35.44
C PRO A 129 -15.01 -27.92 -36.11
N ASN A 213 -13.99 -30.19 -40.44
CA ASN A 213 -13.64 -31.37 -39.69
C ASN A 213 -14.02 -31.23 -38.23
N THR A 214 -13.70 -32.25 -37.44
CA THR A 214 -13.99 -32.21 -36.01
C THR A 214 -12.79 -32.61 -35.19
N SER A 215 -12.85 -32.26 -33.93
CA SER A 215 -11.86 -32.62 -32.94
C SER A 215 -12.53 -32.97 -31.63
N VAL A 216 -12.24 -34.17 -31.13
CA VAL A 216 -12.88 -34.62 -29.91
C VAL A 216 -11.92 -34.93 -28.81
N ILE A 217 -12.17 -34.34 -27.66
CA ILE A 217 -11.33 -34.59 -26.51
C ILE A 217 -12.17 -35.06 -25.36
N THR A 218 -11.53 -35.63 -24.36
CA THR A 218 -12.24 -36.05 -23.18
C THR A 218 -11.62 -35.52 -21.91
N GLN A 219 -12.38 -35.58 -20.83
CA GLN A 219 -11.98 -35.14 -19.50
C GLN A 219 -12.49 -36.05 -18.38
N ALA A 220 -11.85 -36.01 -17.23
CA ALA A 220 -12.42 -36.67 -16.06
C ALA A 220 -13.68 -35.90 -15.67
N CYS A 221 -14.74 -36.58 -15.22
CA CYS A 221 -15.98 -35.88 -14.87
C CYS A 221 -16.52 -36.05 -13.49
N PRO A 222 -15.89 -35.51 -12.46
CA PRO A 222 -16.40 -35.55 -11.12
C PRO A 222 -17.56 -34.61 -11.14
N LYS A 223 -18.54 -34.81 -10.28
CA LYS A 223 -19.59 -33.82 -10.19
C LYS A 223 -19.08 -32.72 -9.30
N VAL A 224 -19.57 -31.51 -9.53
CA VAL A 224 -19.15 -30.40 -8.72
C VAL A 224 -20.34 -29.68 -8.18
N SER A 225 -20.16 -28.95 -7.10
CA SER A 225 -21.23 -28.13 -6.61
C SER A 225 -21.34 -26.92 -7.53
N PHE A 226 -22.57 -26.58 -7.86
CA PHE A 226 -22.83 -25.48 -8.75
C PHE A 226 -24.01 -24.61 -8.33
N GLU A 227 -23.65 -23.46 -7.78
CA GLU A 227 -24.56 -22.45 -7.27
C GLU A 227 -23.97 -21.03 -7.47
N PRO A 228 -24.33 -20.31 -8.55
CA PRO A 228 -23.80 -19.01 -8.90
C PRO A 228 -23.92 -18.01 -7.76
N ILE A 229 -22.86 -17.21 -7.60
CA ILE A 229 -22.70 -16.22 -6.55
C ILE A 229 -22.56 -14.88 -7.25
N PRO A 230 -22.84 -13.75 -6.60
CA PRO A 230 -22.65 -12.46 -7.19
C PRO A 230 -21.20 -12.05 -7.32
N ILE A 231 -20.87 -11.36 -8.40
CA ILE A 231 -19.57 -10.76 -8.53
C ILE A 231 -19.76 -9.31 -8.94
N HIS A 232 -18.79 -8.47 -8.66
CA HIS A 232 -18.86 -7.06 -8.99
C HIS A 232 -17.80 -6.68 -9.97
N TYR A 233 -18.12 -5.80 -10.91
CA TYR A 233 -17.05 -5.30 -11.75
C TYR A 233 -16.63 -3.92 -11.30
N CYS A 234 -15.33 -3.72 -11.21
CA CYS A 234 -14.79 -2.49 -10.70
C CYS A 234 -13.77 -1.82 -11.61
N ALA A 235 -13.82 -0.49 -11.69
CA ALA A 235 -12.89 0.29 -12.51
C ALA A 235 -11.44 0.29 -11.99
N PRO A 236 -10.43 0.18 -12.88
CA PRO A 236 -9.02 0.29 -12.61
C PRO A 236 -8.65 1.75 -12.42
N ALA A 237 -7.46 2.01 -11.90
CA ALA A 237 -7.02 3.39 -11.75
C ALA A 237 -7.08 4.14 -13.07
N GLY A 238 -7.61 5.37 -13.01
CA GLY A 238 -7.77 6.24 -14.16
C GLY A 238 -9.17 6.22 -14.76
N PHE A 239 -10.02 5.29 -14.31
CA PHE A 239 -11.37 5.17 -14.86
C PHE A 239 -12.50 5.21 -13.85
N ALA A 240 -13.69 5.53 -14.33
CA ALA A 240 -14.87 5.53 -13.48
C ALA A 240 -16.08 5.03 -14.23
N ILE A 241 -17.08 4.53 -13.50
CA ILE A 241 -18.28 4.03 -14.13
C ILE A 241 -19.49 4.91 -13.86
N LEU A 242 -20.12 5.34 -14.93
CA LEU A 242 -21.29 6.17 -14.86
C LEU A 242 -22.44 5.24 -14.65
N LYS A 243 -23.41 5.67 -13.88
CA LYS A 243 -24.61 4.89 -13.65
C LYS A 243 -25.87 5.68 -13.92
N CYS A 244 -26.82 5.08 -14.60
CA CYS A 244 -28.09 5.75 -14.81
C CYS A 244 -29.07 5.39 -13.70
N ASN A 245 -29.57 6.40 -13.01
CA ASN A 245 -30.46 6.22 -11.87
C ASN A 245 -31.90 6.57 -12.19
N SER A 246 -32.22 6.65 -13.48
CA SER A 246 -33.58 6.93 -13.86
C SER A 246 -34.38 5.65 -13.83
N LYS A 247 -35.42 5.63 -13.00
CA LYS A 247 -36.20 4.40 -12.85
C LYS A 247 -36.89 4.06 -14.16
N THR A 248 -37.38 5.08 -14.83
CA THR A 248 -38.04 4.92 -16.10
C THR A 248 -36.95 5.01 -17.14
N PHE A 249 -36.08 4.03 -17.09
CA PHE A 249 -34.89 4.01 -17.88
C PHE A 249 -35.15 4.08 -19.36
N ASN A 250 -36.10 3.27 -19.80
CA ASN A 250 -36.56 3.18 -21.18
C ASN A 250 -35.55 2.57 -22.13
N GLY A 251 -34.34 3.11 -22.23
CA GLY A 251 -33.45 2.57 -23.24
C GLY A 251 -32.16 3.35 -23.49
N SER A 252 -31.83 3.50 -24.77
CA SER A 252 -30.63 4.12 -25.28
C SER A 252 -30.69 5.65 -25.37
N GLY A 253 -31.82 6.22 -25.01
CA GLY A 253 -31.96 7.65 -25.07
C GLY A 253 -31.17 8.22 -23.90
N PRO A 254 -31.13 9.53 -23.75
CA PRO A 254 -30.40 10.21 -22.72
C PRO A 254 -30.95 9.94 -21.35
N CYS A 255 -30.05 9.72 -20.42
CA CYS A 255 -30.40 9.55 -19.04
C CYS A 255 -30.16 10.86 -18.36
N THR A 256 -31.15 11.34 -17.65
CA THR A 256 -31.07 12.64 -17.02
C THR A 256 -30.78 12.54 -15.54
N ASN A 257 -30.47 11.35 -15.09
CA ASN A 257 -30.14 11.10 -13.71
C ASN A 257 -28.88 10.27 -13.62
N VAL A 258 -27.72 10.91 -13.51
CA VAL A 258 -26.48 10.15 -13.59
C VAL A 258 -25.62 10.31 -12.35
N SER A 259 -25.04 9.19 -11.91
CA SER A 259 -24.14 9.14 -10.75
C SER A 259 -22.87 8.34 -11.05
N THR A 260 -21.85 8.43 -10.20
CA THR A 260 -20.66 7.62 -10.45
C THR A 260 -20.26 6.67 -9.33
N VAL A 261 -19.75 5.52 -9.77
CA VAL A 261 -19.26 4.47 -8.88
C VAL A 261 -17.92 3.90 -9.34
N GLN A 262 -17.23 3.20 -8.43
CA GLN A 262 -16.10 2.41 -8.89
C GLN A 262 -16.57 1.05 -9.28
N CYS A 263 -17.49 0.52 -8.49
CA CYS A 263 -17.96 -0.83 -8.68
C CYS A 263 -19.43 -0.88 -8.92
N THR A 264 -19.84 -1.85 -9.72
CA THR A 264 -21.23 -2.13 -9.98
C THR A 264 -21.75 -2.95 -8.82
N HIS A 265 -23.04 -3.18 -8.78
CA HIS A 265 -23.63 -4.03 -7.77
C HIS A 265 -23.24 -5.44 -8.15
N GLY A 266 -23.43 -6.39 -7.24
CA GLY A 266 -23.07 -7.73 -7.59
C GLY A 266 -24.11 -8.35 -8.51
N ILE A 267 -23.65 -9.11 -9.49
CA ILE A 267 -24.50 -9.84 -10.43
C ILE A 267 -24.19 -11.32 -10.38
N ARG A 268 -25.22 -12.15 -10.24
CA ARG A 268 -25.02 -13.59 -10.26
C ARG A 268 -25.05 -14.01 -11.72
N PRO A 269 -24.02 -14.66 -12.26
CA PRO A 269 -23.94 -15.06 -13.65
C PRO A 269 -24.77 -16.29 -13.93
N VAL A 270 -26.06 -16.14 -13.79
CA VAL A 270 -27.00 -17.22 -13.98
C VAL A 270 -27.30 -17.37 -15.44
N VAL A 271 -27.28 -18.59 -15.93
CA VAL A 271 -27.59 -18.81 -17.32
C VAL A 271 -28.87 -19.61 -17.44
N SER A 272 -29.78 -19.12 -18.26
CA SER A 272 -31.07 -19.74 -18.50
C SER A 272 -31.59 -19.26 -19.84
N THR A 273 -32.62 -19.93 -20.38
CA THR A 273 -33.14 -19.41 -21.64
C THR A 273 -34.40 -18.56 -21.66
N GLN A 274 -35.58 -19.08 -21.29
CA GLN A 274 -36.78 -18.30 -21.60
C GLN A 274 -37.12 -17.34 -20.51
N LEU A 275 -36.90 -17.79 -19.30
CA LEU A 275 -37.15 -16.93 -18.18
C LEU A 275 -35.82 -16.54 -17.62
N LEU A 276 -35.73 -15.30 -17.20
CA LEU A 276 -34.54 -14.77 -16.60
C LEU A 276 -34.73 -14.99 -15.13
N LEU A 277 -33.82 -15.73 -14.54
CA LEU A 277 -33.97 -16.08 -13.15
C LEU A 277 -32.95 -15.42 -12.26
N ASN A 278 -33.38 -15.16 -11.03
CA ASN A 278 -32.56 -14.65 -9.94
C ASN A 278 -31.87 -13.33 -10.27
N GLY A 279 -32.51 -12.45 -11.02
CA GLY A 279 -31.92 -11.17 -11.34
C GLY A 279 -32.52 -10.08 -10.49
N SER A 280 -32.33 -8.84 -10.91
CA SER A 280 -32.88 -7.73 -10.16
C SER A 280 -34.28 -7.39 -10.62
N LEU A 281 -35.03 -6.67 -9.80
CA LEU A 281 -36.35 -6.22 -10.17
C LEU A 281 -36.37 -4.77 -10.49
N ALA A 282 -37.32 -4.40 -11.33
CA ALA A 282 -37.58 -3.03 -11.69
C ALA A 282 -38.04 -2.33 -10.45
N GLU A 283 -37.70 -1.06 -10.30
CA GLU A 283 -38.04 -0.33 -9.10
C GLU A 283 -39.52 -0.12 -8.83
N GLU A 284 -40.28 0.17 -9.87
CA GLU A 284 -41.69 0.47 -9.66
C GLU A 284 -42.65 -0.29 -10.56
N GLU A 285 -42.29 -0.38 -11.83
CA GLU A 285 -43.17 -0.85 -12.88
C GLU A 285 -42.40 -1.74 -13.82
N ILE A 286 -43.11 -2.58 -14.53
CA ILE A 286 -42.50 -3.45 -15.50
C ILE A 286 -41.92 -2.59 -16.59
N VAL A 287 -40.67 -2.83 -16.92
CA VAL A 287 -40.01 -2.04 -17.93
C VAL A 287 -39.68 -2.89 -19.11
N ILE A 288 -40.12 -2.45 -20.27
CA ILE A 288 -39.83 -3.21 -21.45
C ILE A 288 -38.75 -2.53 -22.23
N ARG A 289 -37.64 -3.23 -22.39
CA ARG A 289 -36.48 -2.66 -23.06
C ARG A 289 -36.18 -3.42 -24.34
N SER A 290 -36.17 -2.72 -25.46
CA SER A 290 -35.87 -3.39 -26.72
C SER A 290 -35.28 -2.38 -27.65
N GLU A 291 -34.26 -2.77 -28.39
CA GLU A 291 -33.60 -1.83 -29.28
C GLU A 291 -34.57 -1.31 -30.34
N ASN A 292 -35.41 -2.20 -30.86
CA ASN A 292 -36.40 -1.83 -31.85
C ASN A 292 -37.63 -2.70 -31.72
N ILE A 293 -38.62 -2.21 -30.99
CA ILE A 293 -39.82 -2.98 -30.73
C ILE A 293 -40.57 -3.27 -32.01
N THR A 294 -40.66 -2.26 -32.85
CA THR A 294 -41.40 -2.31 -34.10
C THR A 294 -40.90 -3.37 -35.07
N ASP A 295 -39.59 -3.53 -35.17
CA ASP A 295 -38.93 -4.42 -36.14
C ASP A 295 -39.11 -5.95 -35.99
N ASN A 296 -39.08 -6.45 -34.77
CA ASN A 296 -39.15 -7.89 -34.42
C ASN A 296 -37.96 -8.77 -34.80
N ALA A 297 -36.86 -8.22 -35.32
CA ALA A 297 -35.70 -9.07 -35.55
C ALA A 297 -34.84 -9.10 -34.30
N LYS A 298 -35.31 -8.37 -33.31
CA LYS A 298 -34.64 -8.20 -32.05
C LYS A 298 -35.55 -8.64 -30.93
N THR A 299 -34.96 -9.02 -29.82
CA THR A 299 -35.70 -9.45 -28.67
C THR A 299 -36.21 -8.32 -27.83
N ILE A 300 -37.14 -8.69 -26.98
CA ILE A 300 -37.71 -7.82 -26.00
C ILE A 300 -37.32 -8.32 -24.62
N ILE A 301 -36.67 -7.49 -23.83
CA ILE A 301 -36.33 -7.93 -22.51
C ILE A 301 -37.30 -7.32 -21.54
N VAL A 302 -38.00 -8.17 -20.83
CA VAL A 302 -38.97 -7.65 -19.90
C VAL A 302 -38.48 -7.81 -18.50
N GLN A 303 -38.36 -6.71 -17.79
CA GLN A 303 -37.93 -6.77 -16.40
C GLN A 303 -39.13 -6.58 -15.51
N LEU A 304 -39.33 -7.50 -14.61
CA LEU A 304 -40.48 -7.41 -13.74
C LEU A 304 -40.16 -6.58 -12.54
N ASN A 305 -41.18 -5.95 -11.98
CA ASN A 305 -41.07 -5.19 -10.74
C ASN A 305 -41.47 -6.04 -9.54
N GLU A 306 -41.76 -7.29 -9.80
CA GLU A 306 -42.14 -8.28 -8.80
C GLU A 306 -41.51 -9.60 -9.18
N ALA A 307 -41.10 -10.40 -8.21
CA ALA A 307 -40.59 -11.72 -8.57
C ALA A 307 -41.67 -12.75 -8.39
N VAL A 308 -41.61 -13.79 -9.19
CA VAL A 308 -42.53 -14.92 -9.03
C VAL A 308 -41.74 -16.15 -8.60
N GLU A 309 -42.13 -16.74 -7.50
CA GLU A 309 -41.37 -17.88 -7.03
C GLU A 309 -41.71 -19.15 -7.75
N ILE A 310 -40.68 -19.91 -8.08
CA ILE A 310 -40.83 -21.20 -8.69
C ILE A 310 -40.04 -22.28 -7.93
N ASN A 311 -40.70 -23.40 -7.67
CA ASN A 311 -40.08 -24.51 -6.95
C ASN A 311 -39.94 -25.74 -7.82
N CYS A 312 -38.70 -26.08 -8.19
CA CYS A 312 -38.49 -27.21 -9.09
C CYS A 312 -37.77 -28.35 -8.40
N THR A 313 -38.31 -29.55 -8.55
CA THR A 313 -37.66 -30.67 -7.89
C THR A 313 -37.85 -32.02 -8.52
N ARG A 314 -36.89 -32.88 -8.20
CA ARG A 314 -36.89 -34.28 -8.53
C ARG A 314 -36.86 -35.08 -7.23
N PRO A 315 -38.02 -35.56 -6.74
CA PRO A 315 -38.23 -36.26 -5.49
C PRO A 315 -37.53 -37.59 -5.46
N ASN A 316 -37.40 -38.16 -4.28
CA ASN A 316 -36.81 -39.46 -4.17
C ASN A 316 -37.81 -40.48 -4.66
N ASN A 317 -37.42 -41.75 -4.66
CA ASN A 317 -38.22 -42.86 -5.15
C ASN A 317 -38.59 -42.74 -6.63
N ASN A 318 -37.65 -42.22 -7.43
CA ASN A 318 -37.78 -42.09 -8.87
C ASN A 318 -36.48 -42.63 -9.44
N THR A 319 -36.37 -43.94 -9.40
CA THR A 319 -35.16 -44.65 -9.74
C THR A 319 -35.30 -45.55 -10.95
N ARG A 320 -36.39 -45.37 -11.69
CA ARG A 320 -36.65 -46.20 -12.85
C ARG A 320 -35.78 -45.83 -14.05
N LYS A 321 -35.56 -46.82 -14.92
CA LYS A 321 -34.83 -46.61 -16.16
C LYS A 321 -35.76 -46.50 -17.36
N SER A 322 -36.95 -47.06 -17.23
CA SER A 322 -37.93 -47.10 -18.30
C SER A 322 -39.29 -47.39 -17.73
N ASN A 340 -38.51 -42.47 -12.34
CA ASN A 340 -37.47 -42.32 -13.35
C ASN A 340 -36.50 -41.24 -12.95
N ILE A 341 -35.22 -41.59 -13.00
CA ILE A 341 -34.14 -40.69 -12.56
C ILE A 341 -34.04 -39.37 -13.35
N ARG A 342 -34.59 -39.33 -14.55
CA ARG A 342 -34.52 -38.12 -15.35
C ARG A 342 -35.78 -37.28 -15.35
N GLN A 343 -36.77 -37.61 -14.51
CA GLN A 343 -38.00 -36.82 -14.46
C GLN A 343 -38.03 -35.85 -13.29
N ALA A 344 -38.63 -34.69 -13.50
CA ALA A 344 -38.77 -33.64 -12.49
C ALA A 344 -39.99 -32.75 -12.75
N HIS A 345 -40.43 -31.97 -11.77
CA HIS A 345 -41.55 -31.04 -12.01
C HIS A 345 -41.41 -29.71 -11.28
N CYS A 346 -42.07 -28.67 -11.80
CA CYS A 346 -42.02 -27.35 -11.17
C CYS A 346 -43.35 -26.76 -10.83
N ASN A 347 -43.45 -26.11 -9.68
CA ASN A 347 -44.69 -25.45 -9.28
C ASN A 347 -44.59 -23.93 -9.23
N ILE A 348 -45.52 -23.29 -9.94
CA ILE A 348 -45.65 -21.85 -10.04
C ILE A 348 -46.98 -21.42 -9.47
N SER A 349 -47.01 -20.44 -8.58
CA SER A 349 -48.33 -20.08 -8.07
C SER A 349 -49.25 -19.61 -9.17
N LYS A 350 -50.47 -20.18 -9.23
CA LYS A 350 -51.41 -19.79 -10.27
C LYS A 350 -51.73 -18.34 -10.24
N ALA A 351 -52.05 -17.83 -9.05
CA ALA A 351 -52.40 -16.43 -8.99
C ALA A 351 -51.23 -15.58 -9.36
N ARG A 352 -50.03 -15.92 -8.89
CA ARG A 352 -48.95 -15.00 -9.19
C ARG A 352 -48.68 -14.91 -10.65
N TRP A 353 -48.74 -16.04 -11.34
CA TRP A 353 -48.47 -16.03 -12.73
C TRP A 353 -49.51 -15.22 -13.47
N ASN A 354 -50.79 -15.43 -13.13
CA ASN A 354 -51.83 -14.74 -13.84
C ASN A 354 -51.83 -13.25 -13.57
N GLU A 355 -51.49 -12.85 -12.34
CA GLU A 355 -51.43 -11.45 -11.99
C GLU A 355 -50.33 -10.80 -12.79
N THR A 356 -49.21 -11.49 -12.89
CA THR A 356 -48.05 -10.99 -13.58
C THR A 356 -48.33 -10.81 -15.05
N LEU A 357 -48.98 -11.79 -15.69
CA LEU A 357 -49.23 -11.58 -17.10
C LEU A 357 -50.20 -10.44 -17.32
N GLY A 358 -51.21 -10.29 -16.46
CA GLY A 358 -52.12 -9.19 -16.68
C GLY A 358 -51.38 -7.85 -16.64
N GLN A 359 -50.42 -7.73 -15.72
CA GLN A 359 -49.63 -6.51 -15.61
C GLN A 359 -48.75 -6.30 -16.84
N ILE A 360 -48.16 -7.38 -17.35
CA ILE A 360 -47.31 -7.30 -18.52
C ILE A 360 -48.12 -6.87 -19.71
N VAL A 361 -49.28 -7.46 -19.89
CA VAL A 361 -50.09 -7.12 -21.03
C VAL A 361 -50.50 -5.67 -20.96
N ALA A 362 -50.90 -5.18 -19.78
CA ALA A 362 -51.29 -3.78 -19.72
C ALA A 362 -50.18 -2.88 -20.21
N LYS A 363 -48.93 -3.24 -19.90
CA LYS A 363 -47.79 -2.48 -20.38
C LYS A 363 -47.55 -2.71 -21.89
N LEU A 364 -47.70 -3.94 -22.38
CA LEU A 364 -47.48 -4.20 -23.81
C LEU A 364 -48.47 -3.45 -24.70
N GLU A 365 -49.68 -3.29 -24.21
CA GLU A 365 -50.76 -2.62 -24.92
C GLU A 365 -50.42 -1.16 -25.19
N GLU A 366 -49.45 -0.59 -24.49
CA GLU A 366 -49.08 0.79 -24.78
C GLU A 366 -48.52 0.87 -26.20
N GLN A 367 -47.81 -0.17 -26.63
CA GLN A 367 -47.20 -0.18 -27.95
C GLN A 367 -48.20 -0.64 -28.98
N PHE A 368 -49.11 -1.52 -28.55
CA PHE A 368 -50.09 -2.08 -29.46
C PHE A 368 -51.51 -1.95 -28.90
N PRO A 369 -52.03 -0.72 -28.74
CA PRO A 369 -53.28 -0.41 -28.06
C PRO A 369 -54.55 -0.95 -28.71
N ASN A 370 -54.52 -1.28 -29.99
CA ASN A 370 -55.73 -1.77 -30.62
C ASN A 370 -55.74 -3.28 -30.77
N LYS A 371 -54.79 -3.98 -30.16
CA LYS A 371 -54.76 -5.42 -30.32
C LYS A 371 -54.83 -6.24 -29.05
N THR A 372 -55.54 -7.35 -29.13
CA THR A 372 -55.57 -8.35 -28.08
C THR A 372 -54.23 -9.05 -28.06
N ILE A 373 -53.67 -9.26 -26.88
CA ILE A 373 -52.40 -9.96 -26.81
C ILE A 373 -52.51 -11.39 -26.34
N ILE A 374 -51.98 -12.26 -27.18
CA ILE A 374 -51.97 -13.68 -26.99
C ILE A 374 -50.55 -14.17 -26.82
N PHE A 375 -50.34 -14.98 -25.81
CA PHE A 375 -49.02 -15.55 -25.65
C PHE A 375 -49.03 -16.94 -26.22
N ASN A 376 -47.93 -17.33 -26.82
CA ASN A 376 -47.77 -18.65 -27.40
C ASN A 376 -46.51 -19.32 -26.89
N HIS A 377 -46.39 -20.59 -27.21
CA HIS A 377 -45.24 -21.39 -26.93
C HIS A 377 -44.23 -21.19 -28.04
N SER A 378 -43.08 -21.85 -27.90
CA SER A 378 -41.98 -21.71 -28.83
C SER A 378 -42.27 -22.32 -30.19
N SER A 379 -41.52 -21.87 -31.20
CA SER A 379 -41.67 -22.34 -32.57
C SER A 379 -40.84 -23.53 -32.98
N GLY A 380 -39.65 -23.68 -32.40
CA GLY A 380 -38.78 -24.77 -32.82
C GLY A 380 -37.32 -24.36 -32.81
N GLY A 381 -36.46 -25.30 -33.18
CA GLY A 381 -35.03 -25.05 -33.13
C GLY A 381 -34.42 -25.88 -32.04
N ASP A 382 -33.22 -25.53 -31.65
CA ASP A 382 -32.46 -26.30 -30.69
C ASP A 382 -33.24 -26.43 -29.36
N PRO A 383 -33.30 -27.62 -28.74
CA PRO A 383 -34.07 -27.92 -27.54
C PRO A 383 -33.69 -27.07 -26.34
N GLU A 384 -32.47 -26.54 -26.31
CA GLU A 384 -32.01 -25.71 -25.22
C GLU A 384 -32.76 -24.42 -25.15
N ILE A 385 -33.35 -24.03 -26.28
CA ILE A 385 -34.11 -22.82 -26.32
C ILE A 385 -35.58 -23.04 -26.64
N VAL A 386 -35.92 -24.21 -27.21
CA VAL A 386 -37.31 -24.50 -27.49
C VAL A 386 -38.06 -24.60 -26.21
N THR A 387 -37.45 -25.26 -25.24
CA THR A 387 -38.08 -25.38 -23.95
C THR A 387 -37.26 -24.56 -22.98
N HIS A 388 -37.64 -24.50 -21.74
CA HIS A 388 -36.86 -23.66 -20.85
C HIS A 388 -35.80 -24.45 -20.18
N SER A 389 -34.57 -24.06 -20.41
CA SER A 389 -33.43 -24.75 -19.87
C SER A 389 -32.75 -23.95 -18.80
N PHE A 390 -32.17 -24.69 -17.84
CA PHE A 390 -31.42 -24.14 -16.71
C PHE A 390 -30.51 -25.18 -16.05
N ASN A 391 -29.68 -24.77 -15.11
CA ASN A 391 -28.78 -25.72 -14.45
C ASN A 391 -28.64 -25.49 -12.95
N CYS A 392 -28.89 -26.55 -12.17
CA CYS A 392 -28.76 -26.48 -10.72
C CYS A 392 -27.98 -27.68 -10.21
N GLY A 393 -26.93 -27.47 -9.42
CA GLY A 393 -26.24 -28.62 -8.85
C GLY A 393 -25.37 -29.29 -9.89
N GLY A 394 -25.28 -28.67 -11.05
CA GLY A 394 -24.55 -29.17 -12.18
C GLY A 394 -25.45 -29.92 -13.15
N GLU A 395 -26.70 -30.21 -12.76
CA GLU A 395 -27.57 -30.95 -13.66
C GLU A 395 -28.24 -30.02 -14.63
N PHE A 396 -28.45 -30.53 -15.84
CA PHE A 396 -29.08 -29.76 -16.91
C PHE A 396 -30.56 -30.08 -17.04
N PHE A 397 -31.39 -29.11 -16.71
CA PHE A 397 -32.83 -29.24 -16.67
C PHE A 397 -33.49 -28.62 -17.85
N TYR A 398 -34.58 -29.22 -18.28
CA TYR A 398 -35.44 -28.69 -19.33
C TYR A 398 -36.89 -28.69 -18.87
N CYS A 399 -37.63 -27.60 -19.08
CA CYS A 399 -39.03 -27.55 -18.65
C CYS A 399 -40.02 -27.07 -19.70
N ASN A 400 -41.17 -27.72 -19.70
CA ASN A 400 -42.27 -27.35 -20.60
C ASN A 400 -43.04 -26.18 -20.03
N THR A 401 -42.91 -25.04 -20.67
CA THR A 401 -43.50 -23.80 -20.25
C THR A 401 -44.79 -23.52 -20.98
N THR A 402 -45.24 -24.47 -21.78
CA THR A 402 -46.46 -24.27 -22.53
C THR A 402 -47.59 -23.81 -21.63
N PRO A 403 -47.86 -24.42 -20.45
CA PRO A 403 -48.94 -24.03 -19.55
C PRO A 403 -48.84 -22.59 -19.05
N LEU A 404 -47.67 -21.98 -19.15
CA LEU A 404 -47.49 -20.63 -18.70
C LEU A 404 -47.83 -19.64 -19.80
N PHE A 405 -47.68 -20.08 -21.06
CA PHE A 405 -47.92 -19.23 -22.21
C PHE A 405 -48.83 -19.91 -23.20
N ASN A 406 -50.11 -20.01 -22.87
CA ASN A 406 -51.04 -20.73 -23.72
C ASN A 406 -52.36 -20.00 -23.84
N GLN A 423 -53.99 -22.65 -6.09
CA GLN A 423 -53.22 -23.83 -6.43
C GLN A 423 -52.00 -23.47 -7.25
N ASN A 424 -51.21 -24.47 -7.61
CA ASN A 424 -50.04 -24.23 -8.43
C ASN A 424 -50.22 -24.74 -9.85
N ILE A 425 -49.44 -24.17 -10.73
CA ILE A 425 -49.32 -24.61 -12.09
C ILE A 425 -48.16 -25.56 -12.07
N THR A 426 -48.34 -26.79 -12.54
CA THR A 426 -47.22 -27.72 -12.51
C THR A 426 -46.65 -27.95 -13.89
N LEU A 427 -45.36 -27.78 -14.03
CA LEU A 427 -44.69 -27.99 -15.30
C LEU A 427 -43.99 -29.31 -15.24
N GLN A 428 -43.89 -29.96 -16.38
CA GLN A 428 -43.15 -31.21 -16.47
C GLN A 428 -41.77 -30.92 -16.99
N CYS A 429 -40.78 -31.42 -16.27
CA CYS A 429 -39.39 -31.20 -16.58
C CYS A 429 -38.59 -32.49 -16.73
N ARG A 430 -37.46 -32.38 -17.42
CA ARG A 430 -36.53 -33.51 -17.59
C ARG A 430 -35.07 -33.11 -17.38
N ILE A 431 -34.25 -34.09 -17.04
CA ILE A 431 -32.81 -33.89 -16.91
C ILE A 431 -32.10 -34.69 -18.00
N LYS A 432 -31.18 -34.08 -18.76
CA LYS A 432 -30.52 -34.82 -19.84
C LYS A 432 -28.98 -34.68 -19.95
N GLN A 433 -28.31 -35.80 -20.27
CA GLN A 433 -26.85 -35.94 -20.43
C GLN A 433 -26.14 -35.33 -21.66
N ILE A 434 -26.84 -35.14 -22.79
CA ILE A 434 -26.18 -34.57 -23.98
C ILE A 434 -26.78 -33.23 -24.30
N ILE A 435 -25.93 -32.21 -24.33
CA ILE A 435 -26.39 -30.85 -24.56
C ILE A 435 -25.59 -30.13 -25.63
N ASN A 436 -26.13 -29.04 -26.17
CA ASN A 436 -25.34 -28.17 -27.03
C ASN A 436 -24.65 -27.14 -26.19
N MET A 437 -23.56 -26.60 -26.69
CA MET A 437 -22.83 -25.57 -25.96
C MET A 437 -23.33 -24.16 -26.26
N TRP A 438 -23.25 -23.29 -25.25
CA TRP A 438 -23.62 -21.89 -25.41
C TRP A 438 -22.37 -21.05 -25.57
N GLN A 439 -21.23 -21.69 -25.38
CA GLN A 439 -19.92 -21.08 -25.42
C GLN A 439 -19.44 -20.85 -26.84
N GLY A 440 -20.05 -21.55 -27.78
CA GLY A 440 -19.68 -21.52 -29.17
C GLY A 440 -20.39 -22.68 -29.84
N VAL A 441 -20.11 -22.90 -31.10
CA VAL A 441 -20.76 -24.01 -31.76
C VAL A 441 -20.05 -25.29 -31.43
N GLY A 442 -20.80 -26.26 -30.94
CA GLY A 442 -20.26 -27.57 -30.60
C GLY A 442 -21.17 -28.26 -29.62
N LYS A 443 -20.82 -29.50 -29.27
CA LYS A 443 -21.60 -30.32 -28.34
C LYS A 443 -20.81 -30.89 -27.20
N ALA A 444 -21.51 -31.20 -26.11
CA ALA A 444 -20.83 -31.81 -25.00
C ALA A 444 -21.68 -32.81 -24.24
N MET A 445 -21.01 -33.84 -23.78
CA MET A 445 -21.63 -34.85 -22.95
C MET A 445 -21.14 -34.68 -21.54
N TYR A 446 -22.07 -34.74 -20.62
CA TYR A 446 -21.81 -34.69 -19.20
C TYR A 446 -22.22 -35.98 -18.55
N ALA A 447 -21.60 -36.31 -17.44
CA ALA A 447 -21.90 -37.52 -16.71
C ALA A 447 -23.39 -37.52 -16.31
N PRO A 448 -24.06 -38.70 -16.22
CA PRO A 448 -25.48 -38.92 -15.89
C PRO A 448 -25.81 -38.50 -14.47
N PRO A 449 -27.10 -38.33 -14.12
CA PRO A 449 -27.65 -37.86 -12.84
C PRO A 449 -27.39 -38.78 -11.67
N ILE A 450 -27.52 -38.21 -10.49
CA ILE A 450 -27.26 -38.87 -9.22
C ILE A 450 -28.51 -39.11 -8.42
N ARG A 451 -28.39 -39.92 -7.38
CA ARG A 451 -29.52 -40.26 -6.54
C ARG A 451 -29.70 -39.26 -5.40
N GLY A 452 -30.94 -39.14 -4.93
CA GLY A 452 -31.33 -38.28 -3.82
C GLY A 452 -32.21 -37.17 -4.36
N GLN A 453 -32.89 -36.45 -3.50
CA GLN A 453 -33.76 -35.40 -3.98
C GLN A 453 -33.01 -34.17 -4.42
N ILE A 454 -33.36 -33.69 -5.59
CA ILE A 454 -32.73 -32.50 -6.16
C ILE A 454 -33.70 -31.32 -6.23
N ARG A 455 -33.28 -30.16 -5.76
CA ARG A 455 -34.17 -29.00 -5.82
C ARG A 455 -33.50 -27.70 -6.22
N CYS A 456 -34.21 -26.94 -7.05
CA CYS A 456 -33.83 -25.58 -7.42
C CYS A 456 -34.86 -24.69 -6.75
N SER A 457 -34.45 -23.51 -6.37
CA SER A 457 -35.38 -22.55 -5.81
C SER A 457 -35.11 -21.23 -6.46
N SER A 458 -36.05 -20.69 -7.19
CA SER A 458 -35.67 -19.47 -7.89
C SER A 458 -36.75 -18.43 -8.07
N ASN A 459 -36.26 -17.24 -8.38
CA ASN A 459 -37.08 -16.05 -8.63
C ASN A 459 -37.19 -15.72 -10.10
N ILE A 460 -38.38 -15.74 -10.63
CA ILE A 460 -38.51 -15.34 -12.01
C ILE A 460 -38.49 -13.85 -11.95
N THR A 461 -37.50 -13.24 -12.59
CA THR A 461 -37.35 -11.80 -12.54
C THR A 461 -37.54 -11.17 -13.91
N GLY A 462 -37.55 -11.98 -14.95
CA GLY A 462 -37.77 -11.42 -16.28
C GLY A 462 -38.01 -12.45 -17.36
N LEU A 463 -38.29 -11.95 -18.54
CA LEU A 463 -38.59 -12.79 -19.70
C LEU A 463 -37.91 -12.36 -20.97
N LEU A 464 -37.54 -13.31 -21.80
CA LEU A 464 -37.07 -12.93 -23.12
C LEU A 464 -38.13 -13.29 -24.12
N LEU A 465 -38.74 -12.27 -24.68
CA LEU A 465 -39.83 -12.50 -25.59
C LEU A 465 -39.56 -12.01 -26.98
N THR A 466 -40.22 -12.62 -27.95
CA THR A 466 -40.18 -12.09 -29.30
C THR A 466 -41.61 -11.89 -29.75
N ARG A 467 -41.78 -11.11 -30.82
CA ARG A 467 -43.11 -10.82 -31.37
C ARG A 467 -43.22 -11.22 -32.83
N ASP A 468 -44.40 -11.67 -33.24
CA ASP A 468 -44.64 -12.04 -34.64
C ASP A 468 -44.64 -10.87 -35.61
N GLY A 469 -44.21 -11.12 -36.83
CA GLY A 469 -44.22 -10.09 -37.85
C GLY A 469 -45.49 -10.20 -38.67
N GLY A 470 -45.50 -9.54 -39.83
CA GLY A 470 -46.64 -9.51 -40.73
C GLY A 470 -47.94 -9.90 -40.06
N THR A 476 -55.14 -8.37 -33.28
CA THR A 476 -54.56 -9.32 -32.35
C THR A 476 -53.08 -9.50 -32.65
N GLU A 477 -52.28 -9.65 -31.58
CA GLU A 477 -50.85 -9.83 -31.73
C GLU A 477 -50.38 -11.01 -30.88
N THR A 478 -49.31 -11.66 -31.34
CA THR A 478 -48.77 -12.82 -30.63
C THR A 478 -47.30 -12.69 -30.23
N PHE A 479 -47.07 -13.05 -28.98
CA PHE A 479 -45.73 -13.07 -28.38
C PHE A 479 -45.40 -14.47 -27.90
N ARG A 480 -44.11 -14.81 -27.87
CA ARG A 480 -43.68 -16.09 -27.32
C ARG A 480 -42.29 -15.97 -26.69
N PRO A 481 -41.94 -16.82 -25.72
CA PRO A 481 -40.62 -16.97 -25.15
C PRO A 481 -39.60 -17.50 -26.12
N GLY A 482 -38.35 -17.12 -25.89
CA GLY A 482 -37.20 -17.61 -26.66
C GLY A 482 -35.93 -17.12 -25.97
N GLY A 483 -34.77 -17.26 -26.59
CA GLY A 483 -33.53 -16.84 -25.94
C GLY A 483 -32.36 -17.63 -26.48
N GLY A 484 -31.27 -17.71 -25.72
CA GLY A 484 -30.08 -18.45 -26.15
C GLY A 484 -28.79 -17.63 -26.19
N ASN A 485 -28.89 -16.33 -26.10
CA ASN A 485 -27.67 -15.54 -26.13
C ASN A 485 -27.35 -15.06 -24.75
N MET A 486 -26.27 -15.57 -24.18
CA MET A 486 -26.00 -15.18 -22.83
C MET A 486 -25.70 -13.70 -22.78
N ARG A 487 -25.24 -13.11 -23.88
CA ARG A 487 -25.01 -11.68 -23.90
C ARG A 487 -26.30 -10.93 -23.63
N ASP A 488 -27.45 -11.46 -24.07
CA ASP A 488 -28.70 -10.75 -23.83
C ASP A 488 -28.98 -10.81 -22.36
N ASN A 489 -28.63 -11.93 -21.74
CA ASN A 489 -28.89 -12.03 -20.34
C ASN A 489 -28.00 -11.06 -19.58
N TRP A 490 -26.76 -10.88 -20.03
CA TRP A 490 -25.86 -9.97 -19.34
C TRP A 490 -26.35 -8.53 -19.46
N ARG A 491 -26.86 -8.16 -20.65
CA ARG A 491 -27.32 -6.80 -20.86
C ARG A 491 -28.43 -6.43 -19.92
N SER A 492 -29.26 -7.39 -19.57
CA SER A 492 -30.38 -7.09 -18.70
C SER A 492 -29.93 -6.59 -17.33
N GLU A 493 -28.68 -6.81 -16.94
CA GLU A 493 -28.21 -6.29 -15.67
C GLU A 493 -27.19 -5.15 -15.87
N LEU A 494 -26.44 -5.19 -16.96
CA LEU A 494 -25.40 -4.18 -17.17
C LEU A 494 -25.85 -2.89 -17.86
N TYR A 495 -27.10 -2.81 -18.29
CA TYR A 495 -27.65 -1.63 -18.99
C TYR A 495 -27.53 -0.33 -18.24
N LYS A 496 -27.40 -0.38 -16.93
CA LYS A 496 -27.31 0.86 -16.21
C LYS A 496 -25.93 1.44 -16.16
N TYR A 497 -24.91 0.73 -16.63
CA TYR A 497 -23.57 1.23 -16.46
C TYR A 497 -22.77 1.48 -17.72
N LYS A 498 -21.93 2.54 -17.66
CA LYS A 498 -21.00 2.89 -18.73
C LYS A 498 -19.62 3.25 -18.16
N VAL A 499 -18.54 2.89 -18.84
CA VAL A 499 -17.23 3.25 -18.29
C VAL A 499 -16.57 4.32 -19.13
N VAL A 500 -16.10 5.36 -18.47
CA VAL A 500 -15.51 6.51 -19.10
C VAL A 500 -14.15 6.92 -18.54
N LYS A 501 -13.48 7.75 -19.32
CA LYS A 501 -12.20 8.37 -19.00
C LYS A 501 -12.30 9.89 -19.13
N ILE A 502 -11.40 10.60 -18.48
CA ILE A 502 -11.38 12.06 -18.55
C ILE A 502 -10.18 12.59 -19.28
N GLU A 503 -10.45 13.51 -20.20
CA GLU A 503 -9.41 14.18 -20.95
C GLU A 503 -9.33 15.64 -20.51
N PRO A 504 -8.53 15.98 -19.49
CA PRO A 504 -8.53 17.24 -18.79
C PRO A 504 -7.83 18.36 -19.52
N LEU A 505 -8.24 18.64 -20.73
CA LEU A 505 -7.60 19.69 -21.51
C LEU A 505 -8.55 20.23 -22.53
N GLY A 506 -8.75 21.54 -22.53
CA GLY A 506 -9.66 22.09 -23.52
C GLY A 506 -9.27 23.47 -24.01
N ILE A 507 -9.99 23.89 -25.02
CA ILE A 507 -9.79 25.13 -25.73
C ILE A 507 -11.04 25.96 -25.73
N ALA A 508 -10.90 27.25 -25.57
CA ALA A 508 -12.06 28.12 -25.61
C ALA A 508 -11.61 29.44 -26.17
N PRO A 509 -12.50 30.24 -26.77
CA PRO A 509 -12.21 31.57 -27.18
C PRO A 509 -12.14 32.43 -25.94
N THR A 510 -11.28 33.42 -25.98
CA THR A 510 -11.18 34.36 -24.90
C THR A 510 -10.96 35.77 -25.35
N ALA A 511 -10.71 36.64 -24.40
CA ALA A 511 -10.53 38.04 -24.67
C ALA A 511 -9.29 38.61 -23.98
N CYS A 512 -8.14 37.98 -24.22
CA CYS A 512 -6.86 38.39 -23.68
C CYS A 512 -5.79 38.08 -24.69
N LYS A 513 -4.63 38.68 -24.54
CA LYS A 513 -3.54 38.28 -25.42
C LYS A 513 -2.21 38.10 -24.68
N ARG A 514 -1.41 37.20 -25.19
CA ARG A 514 -0.06 36.96 -24.72
C ARG A 514 0.81 38.13 -25.07
N ARG A 515 1.67 38.55 -24.16
CA ARG A 515 2.59 39.61 -24.46
C ARG A 515 3.71 39.04 -25.28
N VAL A 516 4.01 39.68 -26.40
CA VAL A 516 5.07 39.23 -27.28
C VAL A 516 5.93 40.42 -27.65
N ILE B 8 -8.52 13.45 -8.81
CA ILE B 8 -9.38 14.51 -9.28
C ILE B 8 -8.73 15.34 -10.36
N LEU B 9 -9.04 15.05 -11.61
CA LEU B 9 -8.50 15.89 -12.68
C LEU B 9 -9.37 17.11 -12.88
N GLY B 10 -10.64 16.99 -12.52
CA GLY B 10 -11.60 18.07 -12.68
C GLY B 10 -11.41 19.06 -11.56
N PHE B 11 -10.33 19.79 -11.64
CA PHE B 11 -9.88 20.69 -10.59
C PHE B 11 -10.95 21.69 -10.21
N LEU B 12 -11.71 22.16 -11.18
CA LEU B 12 -12.74 23.13 -10.87
C LEU B 12 -14.13 22.52 -10.70
N GLY B 13 -14.31 21.21 -10.93
CA GLY B 13 -15.62 20.62 -10.72
C GLY B 13 -16.71 21.12 -11.68
N ALA B 14 -16.38 21.43 -12.92
CA ALA B 14 -17.38 22.00 -13.84
C ALA B 14 -18.37 21.02 -14.46
N ALA B 15 -18.24 19.70 -14.34
CA ALA B 15 -19.30 18.96 -15.00
C ALA B 15 -20.58 19.34 -14.27
N GLY B 16 -21.64 19.62 -15.01
CA GLY B 16 -22.91 19.99 -14.39
C GLY B 16 -23.19 21.50 -14.31
N SER B 17 -22.22 22.37 -14.67
CA SER B 17 -22.46 23.81 -14.64
C SER B 17 -21.75 24.51 -15.79
N THR B 18 -22.11 25.76 -16.08
CA THR B 18 -21.45 26.36 -17.22
C THR B 18 -20.08 26.87 -16.87
N MET B 19 -19.30 27.13 -17.92
CA MET B 19 -17.92 27.54 -17.77
C MET B 19 -17.72 28.83 -17.00
N GLY B 20 -18.61 29.79 -17.20
CA GLY B 20 -18.49 31.06 -16.51
C GLY B 20 -18.58 30.84 -15.01
N ALA B 21 -19.56 30.07 -14.60
CA ALA B 21 -19.75 29.77 -13.19
C ALA B 21 -18.54 29.07 -12.61
N ALA B 22 -17.94 28.17 -13.39
CA ALA B 22 -16.79 27.44 -12.90
C ALA B 22 -15.62 28.39 -12.60
N SER B 23 -15.42 29.38 -13.46
CA SER B 23 -14.32 30.29 -13.22
C SER B 23 -14.56 31.11 -11.98
N MET B 24 -15.81 31.52 -11.77
CA MET B 24 -16.09 32.31 -10.58
C MET B 24 -15.89 31.48 -9.32
N ALA B 25 -16.30 30.22 -9.39
CA ALA B 25 -16.17 29.33 -8.27
C ALA B 25 -14.72 29.15 -7.88
N LEU B 26 -13.84 29.09 -8.87
CA LEU B 26 -12.42 28.91 -8.61
C LEU B 26 -11.89 30.07 -7.84
N THR B 27 -12.20 31.26 -8.27
CA THR B 27 -11.63 32.39 -7.57
C THR B 27 -12.00 32.33 -6.10
N VAL B 28 -13.27 32.03 -5.81
CA VAL B 28 -13.70 32.00 -4.42
C VAL B 28 -13.04 30.90 -3.64
N GLN B 29 -12.99 29.71 -4.19
CA GLN B 29 -12.43 28.64 -3.44
C GLN B 29 -10.96 28.78 -3.24
N ALA B 30 -10.25 29.32 -4.22
CA ALA B 30 -8.83 29.45 -4.05
C ALA B 30 -8.53 30.35 -2.89
N ARG B 31 -9.33 31.41 -2.77
CA ARG B 31 -9.15 32.33 -1.68
C ARG B 31 -9.35 31.65 -0.34
N LEU B 32 -10.40 30.85 -0.21
CA LEU B 32 -10.70 30.20 1.05
C LEU B 32 -9.60 29.22 1.43
N LEU B 33 -9.08 28.52 0.44
CA LEU B 33 -8.04 27.54 0.70
C LEU B 33 -6.74 28.15 1.15
N LEU B 34 -6.35 29.25 0.55
CA LEU B 34 -5.14 29.93 0.97
C LEU B 34 -5.31 30.57 2.32
N SER B 35 -6.54 31.05 2.56
CA SER B 35 -6.86 31.74 3.78
C SER B 35 -7.01 30.76 4.95
N GLY B 36 -7.32 29.50 4.67
CA GLY B 36 -7.48 28.52 5.74
C GLY B 36 -8.87 28.58 6.36
N ILE B 37 -9.84 29.04 5.60
CA ILE B 37 -11.19 29.17 6.09
C ILE B 37 -11.92 27.85 5.97
N GLN B 56 -9.67 -6.62 3.37
CA GLN B 56 -10.38 -5.63 2.55
C GLN B 56 -9.80 -4.25 2.75
N LEU B 57 -9.27 -4.01 3.93
CA LEU B 57 -8.77 -2.68 4.26
C LEU B 57 -7.34 -2.51 3.81
N THR B 58 -6.78 -3.59 3.28
CA THR B 58 -5.46 -3.61 2.71
C THR B 58 -5.57 -3.56 1.20
N VAL B 59 -6.53 -4.31 0.67
CA VAL B 59 -6.74 -4.40 -0.77
C VAL B 59 -7.27 -3.12 -1.33
N TRP B 60 -8.29 -2.59 -0.69
CA TRP B 60 -8.86 -1.38 -1.16
C TRP B 60 -7.99 -0.23 -0.72
N GLY B 61 -7.20 -0.45 0.32
CA GLY B 61 -6.26 0.55 0.82
C GLY B 61 -5.25 0.84 -0.28
N ILE B 62 -4.66 -0.21 -0.83
CA ILE B 62 -3.69 -0.03 -1.88
C ILE B 62 -4.34 0.52 -3.13
N LYS B 63 -5.50 0.00 -3.54
CA LYS B 63 -6.10 0.51 -4.76
C LYS B 63 -6.40 2.00 -4.67
N GLN B 64 -6.83 2.47 -3.51
CA GLN B 64 -7.10 3.88 -3.34
C GLN B 64 -5.86 4.69 -3.61
N LEU B 65 -4.68 4.21 -3.18
CA LEU B 65 -3.48 4.99 -3.44
C LEU B 65 -3.03 4.85 -4.87
N GLN B 66 -3.21 3.69 -5.49
CA GLN B 66 -2.71 3.54 -6.86
C GLN B 66 -3.36 4.56 -7.75
N ALA B 67 -4.63 4.82 -7.49
CA ALA B 67 -5.38 5.79 -8.23
C ALA B 67 -4.83 7.21 -8.08
N ARG B 68 -4.31 7.55 -6.91
CA ARG B 68 -3.83 8.88 -6.67
C ARG B 68 -2.47 9.05 -7.28
N VAL B 69 -1.67 8.01 -7.22
CA VAL B 69 -0.33 8.10 -7.77
C VAL B 69 -0.41 8.29 -9.27
N LEU B 70 -1.30 7.55 -9.93
CA LEU B 70 -1.46 7.74 -11.37
C LEU B 70 -1.89 9.14 -11.69
N ALA B 71 -2.87 9.66 -10.97
CA ALA B 71 -3.32 10.99 -11.26
C ALA B 71 -2.20 12.01 -11.10
N VAL B 72 -1.35 11.84 -10.07
CA VAL B 72 -0.27 12.77 -9.89
C VAL B 72 0.66 12.71 -11.04
N GLU B 73 1.00 11.51 -11.47
CA GLU B 73 1.93 11.42 -12.56
C GLU B 73 1.39 12.06 -13.83
N ARG B 74 0.12 11.88 -14.13
CA ARG B 74 -0.39 12.50 -15.34
C ARG B 74 -0.32 13.99 -15.18
N TYR B 75 -0.66 14.50 -14.00
CA TYR B 75 -0.60 15.92 -13.80
C TYR B 75 0.78 16.49 -14.02
N LEU B 76 1.78 15.88 -13.40
CA LEU B 76 3.09 16.46 -13.50
C LEU B 76 3.56 16.39 -14.93
N ARG B 77 3.25 15.30 -15.60
CA ARG B 77 3.64 15.14 -16.96
C ARG B 77 3.03 16.23 -17.83
N ASP B 78 1.72 16.43 -17.71
CA ASP B 78 1.04 17.39 -18.54
C ASP B 78 1.57 18.77 -18.32
N GLN B 79 1.91 19.09 -17.08
CA GLN B 79 2.41 20.41 -16.84
C GLN B 79 3.68 20.71 -17.58
N GLN B 80 4.52 19.73 -17.89
CA GLN B 80 5.68 20.10 -18.68
C GLN B 80 5.45 19.87 -20.17
N LEU B 81 4.52 18.98 -20.53
CA LEU B 81 4.26 18.73 -21.94
C LEU B 81 3.77 19.98 -22.59
N LEU B 82 3.01 20.76 -21.83
CA LEU B 82 2.40 22.00 -22.28
C LEU B 82 3.42 23.06 -22.66
N GLY B 83 4.69 22.83 -22.37
CA GLY B 83 5.69 23.76 -22.77
C GLY B 83 5.78 23.83 -24.29
N ILE B 84 5.30 22.80 -25.00
CA ILE B 84 5.37 22.80 -26.44
C ILE B 84 4.57 23.94 -27.05
N TRP B 85 3.56 24.43 -26.34
CA TRP B 85 2.73 25.53 -26.78
C TRP B 85 3.07 26.79 -26.00
N GLY B 86 4.11 26.71 -25.18
CA GLY B 86 4.52 27.80 -24.31
C GLY B 86 3.68 27.92 -23.04
N CYS B 87 3.03 26.83 -22.62
CA CYS B 87 2.14 26.91 -21.48
C CYS B 87 2.53 25.98 -20.35
N SER B 88 3.81 25.70 -20.16
CA SER B 88 4.16 24.81 -19.06
C SER B 88 4.00 25.47 -17.71
N GLY B 89 3.74 24.64 -16.71
CA GLY B 89 3.66 25.11 -15.34
C GLY B 89 2.41 25.95 -15.12
N LYS B 90 1.37 25.68 -15.90
CA LYS B 90 0.16 26.46 -15.84
C LYS B 90 -1.12 25.68 -15.97
N ILE B 91 -2.12 26.23 -15.33
CA ILE B 91 -3.46 25.73 -15.44
C ILE B 91 -4.16 26.47 -16.57
N ILE B 92 -3.94 27.78 -16.64
CA ILE B 92 -4.59 28.63 -17.63
C ILE B 92 -3.51 29.32 -18.45
N CYS B 93 -3.61 29.27 -19.77
CA CYS B 93 -2.59 29.92 -20.58
C CYS B 93 -3.11 30.69 -21.82
N CYS B 94 -2.79 31.98 -21.84
CA CYS B 94 -3.24 32.92 -22.88
C CYS B 94 -2.26 32.86 -24.05
N THR B 95 -2.78 32.96 -25.27
CA THR B 95 -2.05 32.87 -26.54
C THR B 95 -1.80 34.11 -27.37
N ASN B 96 -1.13 33.90 -28.52
CA ASN B 96 -0.94 34.94 -29.53
C ASN B 96 -1.53 34.46 -30.86
N VAL B 97 -2.34 33.42 -30.78
CA VAL B 97 -3.04 32.87 -31.93
C VAL B 97 -4.48 33.31 -31.85
N PRO B 98 -4.98 34.06 -32.83
CA PRO B 98 -6.30 34.62 -32.86
C PRO B 98 -7.29 33.51 -33.07
N TRP B 99 -8.50 33.72 -32.63
CA TRP B 99 -9.55 32.77 -32.86
C TRP B 99 -10.05 32.88 -34.28
N ASN B 100 -10.27 31.77 -34.92
CA ASN B 100 -10.84 31.75 -36.25
C ASN B 100 -12.33 31.57 -36.07
N ASP B 101 -13.10 32.56 -36.44
CA ASP B 101 -14.55 32.53 -36.21
C ASP B 101 -15.23 31.35 -36.88
N SER B 102 -14.60 30.77 -37.90
CA SER B 102 -15.17 29.65 -38.64
C SER B 102 -15.29 28.43 -37.74
N TRP B 103 -14.58 28.44 -36.62
CA TRP B 103 -14.60 27.36 -35.68
C TRP B 103 -15.78 27.43 -34.73
N SER B 104 -16.50 28.55 -34.70
CA SER B 104 -17.59 28.70 -33.74
C SER B 104 -18.70 29.68 -34.14
N ASN B 105 -18.32 30.86 -34.60
CA ASN B 105 -19.25 31.93 -34.94
C ASN B 105 -20.23 32.29 -33.81
N LYS B 106 -19.71 32.35 -32.60
CA LYS B 106 -20.45 32.70 -31.38
C LYS B 106 -19.71 33.74 -30.56
N THR B 107 -20.42 34.39 -29.66
CA THR B 107 -19.78 35.41 -28.83
C THR B 107 -19.18 34.80 -27.57
N ILE B 108 -18.37 35.59 -26.88
CA ILE B 108 -17.75 35.14 -25.64
C ILE B 108 -18.79 34.83 -24.59
N ASN B 109 -19.81 35.66 -24.45
CA ASN B 109 -20.77 35.34 -23.40
C ASN B 109 -21.67 34.19 -23.80
N GLU B 110 -21.91 33.98 -25.08
CA GLU B 110 -22.77 32.87 -25.40
C GLU B 110 -22.12 31.58 -24.98
N ILE B 111 -20.82 31.49 -25.21
CA ILE B 111 -20.11 30.30 -24.87
C ILE B 111 -19.84 30.19 -23.39
N TRP B 112 -19.30 31.23 -22.79
CA TRP B 112 -18.95 31.13 -21.40
C TRP B 112 -20.11 31.11 -20.44
N ASP B 113 -21.22 31.77 -20.77
CA ASP B 113 -22.29 31.77 -19.82
C ASP B 113 -23.26 30.61 -19.99
N ASN B 114 -23.50 30.14 -21.23
CA ASN B 114 -24.50 29.11 -21.42
C ASN B 114 -23.99 27.69 -21.61
N MET B 115 -22.73 27.48 -21.94
CA MET B 115 -22.30 26.11 -22.19
C MET B 115 -21.41 25.53 -21.11
N THR B 116 -21.54 24.23 -20.92
CA THR B 116 -20.69 23.47 -20.02
C THR B 116 -19.46 23.10 -20.80
N TRP B 117 -18.40 22.62 -20.13
CA TRP B 117 -17.23 22.24 -20.89
C TRP B 117 -17.50 21.10 -21.82
N MET B 118 -18.37 20.18 -21.43
CA MET B 118 -18.66 19.07 -22.31
C MET B 118 -19.39 19.54 -23.53
N GLN B 119 -20.33 20.44 -23.35
CA GLN B 119 -21.05 20.89 -24.52
C GLN B 119 -20.13 21.64 -25.45
N TRP B 120 -19.25 22.43 -24.86
CA TRP B 120 -18.35 23.21 -25.64
C TRP B 120 -17.35 22.38 -26.39
N GLU B 121 -16.68 21.45 -25.73
CA GLU B 121 -15.71 20.68 -26.48
C GLU B 121 -16.40 19.89 -27.56
N LYS B 122 -17.61 19.40 -27.30
CA LYS B 122 -18.28 18.65 -28.33
C LYS B 122 -18.55 19.55 -29.54
N GLU B 123 -18.97 20.80 -29.30
CA GLU B 123 -19.23 21.71 -30.40
C GLU B 123 -18.03 21.91 -31.31
N ILE B 124 -16.84 21.95 -30.75
CA ILE B 124 -15.63 22.18 -31.54
C ILE B 124 -14.72 20.96 -31.63
N ASP B 125 -15.27 19.77 -31.45
CA ASP B 125 -14.47 18.56 -31.40
C ASP B 125 -13.62 18.30 -32.64
N ASN B 126 -14.05 18.73 -33.83
CA ASN B 126 -13.29 18.44 -35.03
C ASN B 126 -12.25 19.48 -35.45
N TYR B 127 -11.98 20.47 -34.61
CA TYR B 127 -10.98 21.47 -34.99
C TYR B 127 -9.77 21.37 -34.09
N THR B 128 -9.77 20.39 -33.22
CA THR B 128 -8.76 20.23 -32.22
C THR B 128 -7.37 20.08 -32.74
N GLN B 129 -7.20 19.27 -33.77
CA GLN B 129 -5.87 19.05 -34.26
C GLN B 129 -5.37 20.27 -34.99
N HIS B 130 -6.30 20.97 -35.63
CA HIS B 130 -5.92 22.16 -36.34
C HIS B 130 -5.42 23.16 -35.33
N ILE B 131 -6.18 23.35 -34.26
CA ILE B 131 -5.81 24.32 -33.28
C ILE B 131 -4.53 23.97 -32.59
N TYR B 132 -4.35 22.72 -32.20
CA TYR B 132 -3.14 22.36 -31.52
C TYR B 132 -1.95 22.61 -32.41
N THR B 133 -2.09 22.31 -33.70
CA THR B 133 -1.01 22.53 -34.62
C THR B 133 -0.64 23.99 -34.64
N LEU B 134 -1.63 24.86 -34.70
CA LEU B 134 -1.33 26.27 -34.77
C LEU B 134 -0.64 26.74 -33.52
N LEU B 135 -1.03 26.22 -32.36
CA LEU B 135 -0.40 26.66 -31.14
C LEU B 135 1.07 26.28 -31.15
N GLU B 136 1.39 25.09 -31.63
CA GLU B 136 2.78 24.70 -31.69
C GLU B 136 3.54 25.60 -32.62
N VAL B 137 2.95 25.92 -33.76
CA VAL B 137 3.63 26.74 -34.72
C VAL B 137 3.93 28.10 -34.17
N SER B 138 2.97 28.68 -33.49
CA SER B 138 3.19 29.99 -32.93
C SER B 138 4.32 29.97 -31.95
N GLN B 139 4.37 28.95 -31.09
CA GLN B 139 5.42 28.89 -30.11
C GLN B 139 6.76 28.76 -30.77
N ILE B 140 6.83 27.99 -31.83
CA ILE B 140 8.10 27.85 -32.50
C ILE B 140 8.56 29.16 -33.06
N GLN B 141 7.65 29.89 -33.71
CA GLN B 141 8.07 31.13 -34.30
C GLN B 141 8.53 32.12 -33.26
N GLN B 142 7.87 32.17 -32.11
CA GLN B 142 8.32 33.14 -31.14
C GLN B 142 9.69 32.79 -30.60
N GLU B 143 9.95 31.50 -30.37
CA GLU B 143 11.24 31.12 -29.83
C GLU B 143 12.33 31.48 -30.79
N LYS B 144 12.05 31.27 -32.08
CA LYS B 144 13.00 31.60 -33.09
C LYS B 144 13.30 33.08 -33.06
N ASN B 145 12.25 33.89 -32.98
CA ASN B 145 12.45 35.31 -33.05
C ASN B 145 13.25 35.81 -31.88
N GLU B 146 13.04 35.23 -30.71
CA GLU B 146 13.76 35.69 -29.53
C GLU B 146 15.23 35.31 -29.60
N GLN B 147 15.54 34.11 -30.07
CA GLN B 147 16.95 33.73 -30.11
C GLN B 147 17.72 34.47 -31.19
N GLU B 148 17.03 35.00 -32.19
CA GLU B 148 17.67 35.81 -33.22
C GLU B 148 18.22 37.13 -32.67
N LEU B 149 17.77 37.54 -31.51
CA LEU B 149 18.19 38.79 -30.93
C LEU B 149 19.26 38.56 -29.86
N LYS C 21 -31.90 -7.85 -57.31
CA LYS C 21 -31.76 -8.94 -56.36
C LYS C 21 -31.13 -10.16 -57.00
N LYS C 22 -30.71 -11.10 -56.17
CA LYS C 22 -30.17 -12.36 -56.68
C LYS C 22 -31.33 -13.33 -56.79
N VAL C 23 -31.36 -14.16 -57.82
CA VAL C 23 -32.45 -15.13 -57.90
C VAL C 23 -31.96 -16.55 -57.97
N VAL C 24 -32.46 -17.36 -57.05
CA VAL C 24 -32.16 -18.77 -56.97
C VAL C 24 -33.49 -19.52 -56.83
N LEU C 25 -34.26 -19.57 -57.90
CA LEU C 25 -35.61 -20.11 -57.80
C LEU C 25 -35.73 -21.55 -58.28
N GLY C 26 -36.13 -22.42 -57.36
CA GLY C 26 -36.28 -23.84 -57.65
C GLY C 26 -37.75 -24.18 -57.88
N LYS C 27 -38.04 -25.47 -57.94
CA LYS C 27 -39.39 -25.95 -58.18
C LYS C 27 -39.90 -26.84 -57.06
N LYS C 28 -41.21 -27.06 -57.05
CA LYS C 28 -41.83 -27.93 -56.06
C LYS C 28 -41.16 -29.30 -56.04
N GLY C 29 -40.79 -29.72 -54.85
CA GLY C 29 -40.15 -31.00 -54.61
C GLY C 29 -38.63 -30.90 -54.47
N ASP C 30 -38.07 -29.73 -54.75
CA ASP C 30 -36.63 -29.57 -54.65
C ASP C 30 -36.13 -29.30 -53.24
N THR C 31 -34.82 -29.21 -53.17
CA THR C 31 -34.11 -28.81 -51.97
C THR C 31 -33.19 -27.71 -52.44
N VAL C 32 -33.18 -26.60 -51.74
CA VAL C 32 -32.30 -25.53 -52.16
C VAL C 32 -31.44 -25.00 -51.06
N GLU C 33 -30.32 -24.41 -51.44
CA GLU C 33 -29.45 -23.77 -50.46
C GLU C 33 -28.98 -22.41 -50.94
N LEU C 34 -29.15 -21.46 -50.05
CA LEU C 34 -28.78 -20.07 -50.25
C LEU C 34 -27.72 -19.69 -49.26
N THR C 35 -26.71 -18.91 -49.65
CA THR C 35 -25.77 -18.52 -48.60
C THR C 35 -25.70 -17.03 -48.38
N CYS C 36 -25.91 -16.66 -47.13
CA CYS C 36 -25.79 -15.28 -46.71
C CYS C 36 -24.39 -15.10 -46.12
N THR C 37 -23.76 -13.97 -46.33
CA THR C 37 -22.43 -13.88 -45.74
C THR C 37 -22.16 -12.65 -44.94
N ALA C 38 -21.21 -12.82 -44.04
CA ALA C 38 -20.63 -11.77 -43.23
C ALA C 38 -19.21 -11.55 -43.66
N SER C 39 -18.73 -10.32 -43.60
CA SER C 39 -17.34 -10.09 -43.93
C SER C 39 -16.41 -10.24 -42.74
N GLN C 40 -16.91 -10.08 -41.50
CA GLN C 40 -16.02 -10.12 -40.35
C GLN C 40 -15.79 -11.49 -39.71
N LYS C 41 -16.51 -12.52 -40.16
CA LYS C 41 -16.40 -13.87 -39.59
C LYS C 41 -16.61 -13.92 -38.06
N LYS C 42 -17.65 -13.24 -37.56
CA LYS C 42 -17.92 -13.21 -36.12
C LYS C 42 -19.06 -14.08 -35.62
N SER C 43 -19.60 -14.95 -36.48
CA SER C 43 -20.75 -15.78 -36.09
C SER C 43 -21.83 -14.89 -35.52
N ILE C 44 -22.06 -13.81 -36.23
CA ILE C 44 -22.98 -12.79 -35.89
C ILE C 44 -24.38 -13.30 -35.89
N GLN C 45 -25.18 -12.77 -34.99
CA GLN C 45 -26.56 -13.15 -34.94
C GLN C 45 -27.18 -12.60 -36.18
N PHE C 46 -28.12 -13.31 -36.73
CA PHE C 46 -28.74 -12.81 -37.93
C PHE C 46 -30.08 -13.40 -38.06
N HIS C 47 -30.91 -12.76 -38.86
CA HIS C 47 -32.19 -13.38 -39.11
C HIS C 47 -32.63 -13.31 -40.56
N TRP C 48 -33.11 -14.44 -41.02
CA TRP C 48 -33.69 -14.63 -42.34
C TRP C 48 -35.17 -14.38 -42.29
N LYS C 49 -35.63 -13.46 -43.14
CA LYS C 49 -37.05 -13.11 -43.22
C LYS C 49 -37.65 -13.11 -44.62
N ASN C 50 -38.95 -13.34 -44.71
CA ASN C 50 -39.66 -13.22 -46.01
C ASN C 50 -40.14 -11.78 -46.25
N SER C 51 -40.86 -11.54 -47.36
CA SER C 51 -41.33 -10.20 -47.71
C SER C 51 -42.44 -9.70 -46.80
N ASN C 52 -43.03 -10.61 -46.05
CA ASN C 52 -44.09 -10.29 -45.10
C ASN C 52 -43.50 -10.16 -43.71
N GLN C 53 -42.17 -10.08 -43.65
CA GLN C 53 -41.40 -9.92 -42.44
C GLN C 53 -41.65 -10.96 -41.38
N ILE C 54 -41.73 -12.20 -41.79
CA ILE C 54 -41.89 -13.27 -40.85
C ILE C 54 -40.53 -13.85 -40.62
N LYS C 55 -40.14 -13.97 -39.35
CA LYS C 55 -38.85 -14.56 -39.05
C LYS C 55 -38.92 -16.02 -39.41
N ILE C 56 -37.95 -16.48 -40.15
CA ILE C 56 -37.93 -17.87 -40.54
C ILE C 56 -36.86 -18.64 -39.82
N LEU C 57 -35.63 -18.14 -39.95
CA LEU C 57 -34.46 -18.82 -39.43
C LEU C 57 -33.38 -17.85 -38.98
N GLY C 58 -32.77 -18.11 -37.84
CA GLY C 58 -31.66 -17.24 -37.47
C GLY C 58 -30.69 -17.82 -36.48
N ASN C 59 -29.74 -17.00 -36.14
CA ASN C 59 -28.68 -17.33 -35.22
C ASN C 59 -28.84 -16.54 -33.97
N GLN C 60 -29.18 -17.22 -32.89
CA GLN C 60 -29.42 -16.61 -31.58
C GLN C 60 -28.40 -17.18 -30.63
N GLY C 61 -27.48 -16.36 -30.16
CA GLY C 61 -26.43 -16.94 -29.36
C GLY C 61 -25.65 -17.91 -30.25
N SER C 62 -25.51 -19.17 -29.80
CA SER C 62 -24.80 -20.22 -30.55
C SER C 62 -25.81 -21.21 -31.10
N PHE C 63 -27.09 -20.92 -30.90
CA PHE C 63 -28.17 -21.83 -31.19
C PHE C 63 -28.97 -21.51 -32.44
N LEU C 64 -29.56 -22.53 -33.02
CA LEU C 64 -30.43 -22.33 -34.16
C LEU C 64 -31.84 -22.04 -33.69
N THR C 65 -32.33 -20.89 -34.10
CA THR C 65 -33.66 -20.44 -33.72
C THR C 65 -34.57 -20.36 -34.91
N LYS C 66 -35.76 -20.91 -34.79
CA LYS C 66 -36.69 -20.85 -35.89
C LYS C 66 -37.83 -19.93 -35.58
N GLY C 67 -38.47 -19.39 -36.61
CA GLY C 67 -39.64 -18.57 -36.35
C GLY C 67 -40.87 -19.33 -36.80
N PRO C 68 -42.07 -18.75 -36.65
CA PRO C 68 -43.36 -19.33 -36.99
C PRO C 68 -43.66 -19.22 -38.48
N SER C 69 -42.78 -19.80 -39.26
CA SER C 69 -42.84 -19.79 -40.69
C SER C 69 -43.38 -21.07 -41.24
N LYS C 70 -43.84 -21.03 -42.47
CA LYS C 70 -44.31 -22.23 -43.13
C LYS C 70 -43.13 -23.18 -43.37
N LEU C 71 -41.92 -22.62 -43.31
CA LEU C 71 -40.67 -23.32 -43.48
C LEU C 71 -40.13 -23.84 -42.13
N ASN C 72 -40.86 -23.62 -41.04
CA ASN C 72 -40.40 -24.01 -39.70
C ASN C 72 -40.12 -25.51 -39.60
N ASP C 73 -40.87 -26.31 -40.34
CA ASP C 73 -40.69 -27.75 -40.30
C ASP C 73 -39.78 -28.27 -41.43
N ARG C 74 -39.21 -27.38 -42.24
CA ARG C 74 -38.40 -27.79 -43.39
C ARG C 74 -36.99 -27.21 -43.49
N ALA C 75 -36.80 -25.99 -42.99
CA ALA C 75 -35.52 -25.30 -43.13
C ALA C 75 -34.46 -25.71 -42.10
N ASP C 76 -33.18 -25.58 -42.50
CA ASP C 76 -32.04 -25.82 -41.64
C ASP C 76 -30.81 -24.97 -42.03
N SER C 77 -29.71 -25.10 -41.32
CA SER C 77 -28.48 -24.36 -41.61
C SER C 77 -27.24 -25.23 -41.41
N ARG C 78 -26.07 -24.60 -41.39
CA ARG C 78 -24.80 -25.30 -41.20
C ARG C 78 -24.05 -24.60 -40.10
N ARG C 79 -24.21 -25.09 -38.89
CA ARG C 79 -23.73 -24.39 -37.72
C ARG C 79 -22.23 -24.14 -37.70
N SER C 80 -21.46 -25.09 -38.21
CA SER C 80 -20.02 -24.98 -38.18
C SER C 80 -19.47 -23.91 -39.09
N LEU C 81 -20.31 -23.40 -39.99
CA LEU C 81 -19.90 -22.38 -40.93
C LEU C 81 -20.17 -21.00 -40.41
N TRP C 82 -20.84 -20.90 -39.28
CA TRP C 82 -21.16 -19.59 -38.79
C TRP C 82 -19.87 -18.86 -38.42
N ASP C 83 -18.86 -19.64 -38.03
CA ASP C 83 -17.55 -19.13 -37.62
C ASP C 83 -16.75 -18.60 -38.79
N GLN C 84 -17.18 -18.90 -40.01
CA GLN C 84 -16.50 -18.42 -41.18
C GLN C 84 -17.30 -17.31 -41.82
N GLY C 85 -18.37 -16.88 -41.15
CA GLY C 85 -19.21 -15.83 -41.66
C GLY C 85 -20.16 -16.35 -42.71
N ASN C 86 -20.37 -17.66 -42.77
CA ASN C 86 -21.24 -18.21 -43.77
C ASN C 86 -22.48 -18.71 -43.11
N PHE C 87 -23.60 -18.19 -43.56
CA PHE C 87 -24.86 -18.52 -42.97
C PHE C 87 -25.79 -19.07 -44.02
N PRO C 88 -25.61 -20.32 -44.45
CA PRO C 88 -26.41 -20.96 -45.44
C PRO C 88 -27.76 -21.25 -44.91
N LEU C 89 -28.72 -21.27 -45.79
CA LEU C 89 -30.05 -21.64 -45.43
C LEU C 89 -30.56 -22.68 -46.38
N ILE C 90 -30.91 -23.82 -45.82
CA ILE C 90 -31.34 -24.95 -46.58
C ILE C 90 -32.81 -25.21 -46.43
N ILE C 91 -33.53 -25.28 -47.54
CA ILE C 91 -34.95 -25.61 -47.46
C ILE C 91 -35.24 -26.94 -48.10
N LYS C 92 -35.66 -27.89 -47.28
CA LYS C 92 -35.94 -29.21 -47.79
C LYS C 92 -37.39 -29.26 -48.19
N ASN C 93 -37.74 -30.10 -49.15
CA ASN C 93 -39.15 -30.24 -49.52
C ASN C 93 -39.77 -28.88 -49.83
N LEU C 94 -39.09 -28.15 -50.72
CA LEU C 94 -39.47 -26.84 -51.19
C LEU C 94 -40.76 -26.90 -51.99
N LYS C 95 -41.65 -25.94 -51.79
CA LYS C 95 -42.87 -25.90 -52.59
C LYS C 95 -42.82 -24.65 -53.47
N ILE C 96 -43.51 -24.67 -54.61
CA ILE C 96 -43.53 -23.49 -55.48
C ILE C 96 -44.29 -22.35 -54.78
N GLU C 97 -45.19 -22.71 -53.87
CA GLU C 97 -45.96 -21.77 -53.09
C GLU C 97 -45.07 -20.98 -52.12
N ASP C 98 -43.81 -21.41 -51.92
CA ASP C 98 -42.88 -20.73 -51.05
C ASP C 98 -42.12 -19.66 -51.84
N SER C 99 -42.44 -19.53 -53.14
CA SER C 99 -41.74 -18.55 -53.96
C SER C 99 -42.03 -17.17 -53.41
N ASP C 100 -40.95 -16.50 -53.05
CA ASP C 100 -40.95 -15.20 -52.41
C ASP C 100 -39.55 -14.63 -52.43
N THR C 101 -39.40 -13.44 -51.87
CA THR C 101 -38.03 -12.98 -51.71
C THR C 101 -37.78 -12.92 -50.24
N TYR C 102 -36.53 -13.07 -49.90
CA TYR C 102 -36.13 -13.13 -48.53
C TYR C 102 -34.90 -12.28 -48.24
N ILE C 103 -34.76 -11.85 -47.00
CA ILE C 103 -33.63 -11.02 -46.62
C ILE C 103 -32.64 -11.67 -45.68
N CYS C 104 -31.37 -11.53 -46.06
CA CYS C 104 -30.23 -11.97 -45.27
C CYS C 104 -29.83 -10.88 -44.31
N GLU C 105 -30.46 -10.76 -43.15
CA GLU C 105 -30.06 -9.64 -42.32
C GLU C 105 -28.86 -9.98 -41.49
N VAL C 106 -27.72 -9.99 -42.16
CA VAL C 106 -26.42 -10.34 -41.62
C VAL C 106 -25.51 -9.13 -41.60
N GLU C 107 -25.08 -8.73 -40.41
CA GLU C 107 -24.25 -7.53 -40.20
C GLU C 107 -24.98 -6.26 -40.65
N ASP C 108 -24.38 -5.50 -41.57
CA ASP C 108 -24.98 -4.24 -42.01
C ASP C 108 -25.91 -4.44 -43.21
N GLN C 109 -25.58 -5.43 -44.01
CA GLN C 109 -26.23 -5.77 -45.25
C GLN C 109 -27.62 -6.29 -45.01
N LYS C 110 -28.47 -6.14 -46.01
CA LYS C 110 -29.82 -6.64 -45.99
C LYS C 110 -30.06 -7.24 -47.36
N GLU C 111 -29.24 -8.23 -47.70
CA GLU C 111 -29.28 -8.76 -49.06
C GLU C 111 -30.59 -9.42 -49.39
N GLU C 112 -31.14 -9.11 -50.56
CA GLU C 112 -32.38 -9.72 -51.00
C GLU C 112 -32.15 -10.77 -52.04
N VAL C 113 -32.71 -11.95 -51.78
CA VAL C 113 -32.59 -13.04 -52.71
C VAL C 113 -33.95 -13.68 -52.93
N GLN C 114 -34.26 -14.02 -54.17
CA GLN C 114 -35.48 -14.73 -54.50
C GLN C 114 -35.27 -16.23 -54.46
N LEU C 115 -36.21 -16.91 -53.83
CA LEU C 115 -36.22 -18.37 -53.77
C LEU C 115 -37.55 -18.86 -54.24
N ALA D 37 15.77 50.42 1.13
CA ALA D 37 15.37 50.95 2.43
C ALA D 37 13.87 50.90 2.54
N LYS D 38 13.24 50.55 1.44
CA LYS D 38 11.80 50.42 1.38
C LYS D 38 11.42 49.02 1.80
N LYS D 39 10.50 48.92 2.74
CA LYS D 39 10.05 47.65 3.26
C LYS D 39 8.84 47.16 2.48
N TRP D 40 8.90 45.91 2.07
CA TRP D 40 7.85 45.28 1.26
C TRP D 40 7.30 44.00 1.87
N VAL D 41 6.06 43.65 1.52
CA VAL D 41 5.47 42.40 2.01
C VAL D 41 5.90 41.17 1.21
N THR D 42 6.44 40.13 1.81
CA THR D 42 6.75 38.98 0.95
C THR D 42 6.23 37.70 1.52
N VAL D 43 6.01 36.73 0.64
CA VAL D 43 5.43 35.48 1.07
C VAL D 43 6.32 34.26 0.86
N TYR D 44 6.36 33.42 1.90
CA TYR D 44 7.14 32.18 1.90
C TYR D 44 6.30 30.94 2.09
N TYR D 45 6.63 29.89 1.34
CA TYR D 45 5.95 28.61 1.49
C TYR D 45 6.83 27.63 2.23
N GLY D 46 6.23 26.83 3.10
CA GLY D 46 7.01 25.87 3.87
C GLY D 46 7.35 26.41 5.24
N VAL D 47 6.61 27.41 5.67
CA VAL D 47 6.82 28.00 6.97
C VAL D 47 6.29 27.07 8.09
N PRO D 48 7.14 26.58 9.01
CA PRO D 48 6.81 25.58 10.03
C PRO D 48 6.06 26.12 11.21
N VAL D 49 4.89 26.63 10.97
CA VAL D 49 4.08 27.17 12.03
C VAL D 49 2.91 26.29 12.40
N TRP D 50 2.85 25.97 13.69
CA TRP D 50 1.89 25.07 14.27
C TRP D 50 0.61 25.71 14.75
N LYS D 51 -0.45 24.95 14.62
CA LYS D 51 -1.77 25.25 15.17
C LYS D 51 -2.32 23.98 15.80
N GLU D 52 -3.15 24.11 16.82
CA GLU D 52 -3.71 22.91 17.44
C GLU D 52 -4.72 22.23 16.54
N ALA D 53 -4.65 20.91 16.49
CA ALA D 53 -5.55 20.11 15.68
C ALA D 53 -6.82 19.72 16.43
N THR D 54 -7.86 19.50 15.65
CA THR D 54 -9.18 19.07 16.12
C THR D 54 -9.56 17.74 15.51
N THR D 55 -8.57 16.96 15.14
CA THR D 55 -8.81 15.70 14.45
C THR D 55 -9.06 14.51 15.35
N THR D 56 -9.30 13.38 14.72
CA THR D 56 -9.60 12.10 15.36
C THR D 56 -8.42 11.15 15.21
N LEU D 57 -8.01 10.53 16.29
CA LEU D 57 -6.85 9.63 16.27
C LEU D 57 -7.28 8.20 16.06
N PHE D 58 -6.37 7.36 15.60
CA PHE D 58 -6.76 5.97 15.46
C PHE D 58 -6.14 5.14 16.55
N CYS D 59 -6.77 4.01 16.85
CA CYS D 59 -6.25 3.09 17.85
C CYS D 59 -5.37 2.01 17.28
N ALA D 60 -4.29 1.74 18.00
CA ALA D 60 -3.43 0.64 17.69
C ALA D 60 -3.23 -0.16 18.97
N SER D 61 -3.17 -1.47 18.86
CA SER D 61 -2.94 -2.31 20.03
C SER D 61 -2.46 -3.68 19.66
N ASP D 62 -2.23 -4.51 20.64
CA ASP D 62 -1.72 -5.83 20.39
C ASP D 62 -2.86 -6.83 20.18
N ASP D 67 -8.84 -14.45 22.51
CA ASP D 67 -9.07 -15.41 23.56
C ASP D 67 -10.36 -15.12 24.27
N THR D 68 -11.22 -14.36 23.58
CA THR D 68 -12.56 -13.92 24.00
C THR D 68 -12.57 -12.80 25.04
N GLU D 69 -11.41 -12.37 25.54
CA GLU D 69 -11.41 -11.32 26.53
C GLU D 69 -12.06 -10.11 25.89
N VAL D 70 -12.88 -9.40 26.62
CA VAL D 70 -13.58 -8.33 25.94
C VAL D 70 -12.76 -7.23 25.30
N HIS D 71 -11.61 -6.88 25.86
CA HIS D 71 -10.84 -5.80 25.30
C HIS D 71 -10.14 -6.33 24.08
N ASN D 72 -9.73 -7.60 24.12
CA ASN D 72 -9.07 -8.20 22.97
C ASN D 72 -10.05 -8.40 21.83
N VAL D 73 -11.29 -8.72 22.17
CA VAL D 73 -12.29 -8.91 21.15
C VAL D 73 -12.55 -7.59 20.49
N TRP D 74 -12.69 -6.56 21.30
CA TRP D 74 -12.89 -5.25 20.75
C TRP D 74 -11.71 -4.84 19.90
N ALA D 75 -10.50 -4.97 20.44
CA ALA D 75 -9.31 -4.53 19.76
C ALA D 75 -9.15 -5.23 18.44
N THR D 76 -9.58 -6.48 18.35
CA THR D 76 -9.50 -7.23 17.11
C THR D 76 -10.05 -6.44 15.95
N HIS D 77 -11.15 -5.71 16.15
CA HIS D 77 -11.68 -4.96 15.04
C HIS D 77 -11.55 -3.45 15.20
N ALA D 78 -11.34 -2.99 16.44
CA ALA D 78 -11.24 -1.57 16.73
C ALA D 78 -9.84 -0.95 16.53
N CYS D 79 -8.79 -1.75 16.71
CA CYS D 79 -7.44 -1.23 16.67
C CYS D 79 -6.57 -1.89 15.63
N VAL D 80 -5.57 -1.19 15.16
CA VAL D 80 -4.66 -1.80 14.21
C VAL D 80 -3.51 -2.40 14.99
N PRO D 81 -2.70 -3.28 14.41
CA PRO D 81 -1.48 -3.78 14.99
C PRO D 81 -0.62 -2.60 15.27
N THR D 82 0.19 -2.64 16.31
CA THR D 82 1.00 -1.48 16.65
C THR D 82 2.15 -1.27 15.75
N ASP D 83 2.71 -0.08 15.84
CA ASP D 83 3.89 0.33 15.13
C ASP D 83 5.11 -0.32 15.73
N PRO D 84 5.86 -1.18 15.02
CA PRO D 84 7.06 -1.84 15.51
C PRO D 84 8.10 -0.85 16.09
N ASN D 85 8.05 0.41 15.61
CA ASN D 85 8.95 1.47 16.05
C ASN D 85 8.61 2.75 15.30
N ILE D 89 11.12 12.12 18.11
CA ILE D 89 12.08 13.07 17.58
C ILE D 89 12.15 14.32 18.41
N VAL D 90 13.22 14.50 19.15
CA VAL D 90 13.33 15.68 19.97
C VAL D 90 13.52 16.87 19.07
N LEU D 91 12.84 17.95 19.37
CA LEU D 91 12.93 19.16 18.60
C LEU D 91 14.00 20.02 19.21
N GLY D 92 14.44 21.03 18.48
CA GLY D 92 15.49 21.89 18.95
C GLY D 92 14.96 22.93 19.92
N ASN D 93 15.39 24.15 19.76
CA ASN D 93 15.07 25.13 20.77
C ASN D 93 13.67 25.68 20.59
N VAL D 94 12.70 24.90 21.03
CA VAL D 94 11.31 25.26 20.90
C VAL D 94 10.67 25.23 22.27
N THR D 95 9.55 25.94 22.42
CA THR D 95 8.78 25.93 23.65
C THR D 95 7.31 25.77 23.31
N GLU D 96 6.57 24.97 24.07
CA GLU D 96 5.14 24.83 23.78
C GLU D 96 4.26 24.77 25.02
N ASN D 97 3.14 25.47 24.99
CA ASN D 97 2.23 25.46 26.12
C ASN D 97 1.23 24.31 26.09
N PHE D 98 1.60 23.22 26.71
CA PHE D 98 0.75 22.05 26.79
C PHE D 98 -0.24 22.35 27.90
N ASN D 99 -1.50 21.95 27.76
CA ASN D 99 -2.45 22.16 28.86
C ASN D 99 -3.34 20.96 29.02
N MET D 100 -3.05 20.18 30.05
CA MET D 100 -3.72 18.92 30.26
C MET D 100 -5.17 19.08 30.63
N TRP D 101 -5.57 20.21 31.14
CA TRP D 101 -6.92 20.33 31.55
C TRP D 101 -7.78 20.90 30.47
N LYS D 102 -7.17 21.22 29.34
CA LYS D 102 -7.87 21.82 28.24
C LYS D 102 -7.55 21.09 26.96
N ASN D 103 -7.16 19.84 27.09
CA ASN D 103 -6.78 19.05 25.93
C ASN D 103 -8.02 18.50 25.26
N ASN D 104 -7.86 17.77 24.16
CA ASN D 104 -9.01 17.18 23.51
C ASN D 104 -8.82 15.72 23.17
N MET D 105 -7.64 15.16 23.49
CA MET D 105 -7.37 13.74 23.20
C MET D 105 -8.24 12.88 24.09
N VAL D 106 -8.63 13.51 25.17
CA VAL D 106 -9.42 12.99 26.23
C VAL D 106 -10.80 12.67 25.75
N GLU D 107 -11.39 13.51 24.90
CA GLU D 107 -12.74 13.22 24.54
C GLU D 107 -12.78 12.01 23.71
N GLN D 108 -11.80 11.81 22.86
CA GLN D 108 -11.89 10.60 22.10
C GLN D 108 -11.67 9.42 23.02
N MET D 109 -10.71 9.50 23.94
CA MET D 109 -10.50 8.34 24.79
C MET D 109 -11.75 8.03 25.58
N HIS D 110 -12.50 9.06 25.95
CA HIS D 110 -13.67 8.84 26.77
C HIS D 110 -14.93 8.60 25.95
N GLU D 111 -14.79 8.40 24.65
CA GLU D 111 -15.90 7.97 23.81
C GLU D 111 -15.63 6.54 23.40
N ASP D 112 -14.36 6.22 23.13
CA ASP D 112 -14.02 4.88 22.69
C ASP D 112 -14.17 3.88 23.81
N ILE D 113 -13.81 4.28 25.03
CA ILE D 113 -13.95 3.39 26.15
C ILE D 113 -15.41 3.16 26.49
N ILE D 114 -16.25 4.18 26.43
CA ILE D 114 -17.63 3.90 26.73
C ILE D 114 -18.17 2.96 25.71
N SER D 115 -17.86 3.16 24.44
CA SER D 115 -18.38 2.25 23.45
C SER D 115 -17.90 0.82 23.73
N LEU D 116 -16.62 0.65 24.04
CA LEU D 116 -16.12 -0.69 24.32
C LEU D 116 -16.85 -1.31 25.46
N TRP D 117 -16.89 -0.57 26.54
CA TRP D 117 -17.42 -1.03 27.79
C TRP D 117 -18.88 -1.41 27.66
N ASP D 118 -19.68 -0.52 27.08
CA ASP D 118 -21.11 -0.75 27.02
C ASP D 118 -21.44 -1.93 26.15
N GLN D 119 -20.71 -2.12 25.06
CA GLN D 119 -20.96 -3.26 24.20
C GLN D 119 -20.55 -4.56 24.86
N SER D 120 -19.43 -4.53 25.59
CA SER D 120 -18.86 -5.71 26.23
C SER D 120 -19.38 -6.13 27.60
N LEU D 121 -19.80 -5.21 28.45
CA LEU D 121 -20.24 -5.59 29.79
C LEU D 121 -21.69 -5.28 29.94
N LYS D 122 -22.53 -6.23 29.53
CA LYS D 122 -23.94 -5.99 29.51
C LYS D 122 -24.58 -6.14 30.89
N PRO D 123 -25.36 -5.16 31.33
CA PRO D 123 -26.08 -5.17 32.55
C PRO D 123 -27.22 -6.04 32.29
N CYS D 124 -27.78 -6.64 33.30
CA CYS D 124 -29.00 -7.38 33.07
C CYS D 124 -30.13 -6.40 32.99
N VAL D 125 -30.03 -5.35 33.80
CA VAL D 125 -31.04 -4.30 33.80
C VAL D 125 -30.33 -2.97 33.68
N LYS D 126 -30.76 -2.14 32.74
CA LYS D 126 -30.18 -0.82 32.60
C LYS D 126 -31.27 0.24 32.61
N LEU D 127 -31.17 1.16 33.57
CA LEU D 127 -32.18 2.20 33.69
C LEU D 127 -31.65 3.56 33.32
N THR D 128 -32.35 4.18 32.38
CA THR D 128 -32.06 5.53 31.90
C THR D 128 -33.20 6.44 32.36
N PRO D 129 -32.94 7.60 32.98
CA PRO D 129 -33.96 8.53 33.40
C PRO D 129 -34.32 9.48 32.26
N ASN D 213 -38.94 11.12 33.20
CA ASN D 213 -39.40 9.74 33.14
C ASN D 213 -38.23 8.78 33.09
N THR D 214 -38.53 7.49 32.99
CA THR D 214 -37.49 6.48 32.90
C THR D 214 -37.75 5.51 31.79
N SER D 215 -36.70 4.81 31.41
CA SER D 215 -36.74 3.76 30.43
C SER D 215 -35.86 2.60 30.85
N VAL D 216 -36.44 1.41 30.91
CA VAL D 216 -35.70 0.26 31.38
C VAL D 216 -35.63 -0.84 30.37
N ILE D 217 -34.42 -1.29 30.10
CA ILE D 217 -34.22 -2.38 29.17
C ILE D 217 -33.44 -3.48 29.83
N THR D 218 -33.46 -4.65 29.23
CA THR D 218 -32.70 -5.75 29.75
C THR D 218 -31.83 -6.39 28.70
N GLN D 219 -30.86 -7.17 29.15
CA GLN D 219 -29.90 -7.91 28.31
C GLN D 219 -29.59 -9.29 28.86
N ALA D 220 -29.11 -10.18 27.98
CA ALA D 220 -28.55 -11.44 28.47
C ALA D 220 -27.27 -11.11 29.22
N CYS D 221 -26.97 -11.82 30.32
CA CYS D 221 -25.78 -11.52 31.09
C CYS D 221 -24.78 -12.61 31.33
N PRO D 222 -24.06 -13.07 30.32
CA PRO D 222 -23.03 -14.05 30.48
C PRO D 222 -21.92 -13.32 31.18
N LYS D 223 -21.09 -14.02 31.93
CA LYS D 223 -19.94 -13.34 32.49
C LYS D 223 -18.90 -13.31 31.42
N VAL D 224 -18.04 -12.30 31.46
CA VAL D 224 -16.99 -12.20 30.49
C VAL D 224 -15.67 -12.03 31.17
N SER D 225 -14.60 -12.36 30.47
CA SER D 225 -13.30 -12.09 31.03
C SER D 225 -13.04 -10.60 30.90
N PHE D 226 -12.50 -10.03 31.95
CA PHE D 226 -12.23 -8.61 31.99
C PHE D 226 -10.89 -8.26 32.62
N GLU D 227 -9.95 -7.93 31.76
CA GLU D 227 -8.58 -7.56 32.08
C GLU D 227 -8.05 -6.52 31.07
N PRO D 228 -8.11 -5.22 31.38
CA PRO D 228 -7.70 -4.13 30.50
C PRO D 228 -6.28 -4.30 29.97
N ILE D 229 -6.12 -3.98 28.70
CA ILE D 229 -4.89 -4.11 27.94
C ILE D 229 -4.51 -2.72 27.47
N PRO D 230 -3.25 -2.42 27.17
CA PRO D 230 -2.86 -1.14 26.66
C PRO D 230 -3.30 -0.89 25.22
N ILE D 231 -3.67 0.35 24.93
CA ILE D 231 -3.92 0.74 23.57
C ILE D 231 -3.15 2.02 23.30
N HIS D 232 -2.86 2.30 22.06
CA HIS D 232 -2.11 3.48 21.68
C HIS D 232 -2.94 4.38 20.81
N TYR D 233 -2.81 5.69 20.99
CA TYR D 233 -3.47 6.56 20.04
C TYR D 233 -2.48 7.11 19.06
N CYS D 234 -2.85 7.07 17.79
CA CYS D 234 -1.96 7.47 16.73
C CYS D 234 -2.55 8.51 15.77
N ALA D 235 -1.70 9.45 15.35
CA ALA D 235 -2.10 10.51 14.42
C ALA D 235 -2.41 10.01 13.00
N PRO D 236 -3.46 10.52 12.33
CA PRO D 236 -3.83 10.28 10.95
C PRO D 236 -2.93 11.08 10.05
N ALA D 237 -2.94 10.77 8.76
CA ALA D 237 -2.14 11.54 7.82
C ALA D 237 -2.46 13.03 7.91
N GLY D 238 -1.39 13.84 7.92
CA GLY D 238 -1.48 15.28 8.00
C GLY D 238 -1.27 15.83 9.41
N PHE D 239 -1.22 14.94 10.41
CA PHE D 239 -1.06 15.38 11.80
C PHE D 239 0.09 14.74 12.56
N ALA D 240 0.50 15.41 13.63
CA ALA D 240 1.55 14.86 14.50
C ALA D 240 1.26 15.19 15.94
N ILE D 241 1.82 14.40 16.85
CA ILE D 241 1.63 14.62 18.26
C ILE D 241 2.90 15.10 18.96
N LEU D 242 2.76 16.23 19.62
CA LEU D 242 3.85 16.82 20.35
C LEU D 242 3.88 16.15 21.68
N LYS D 243 5.06 15.93 22.21
CA LYS D 243 5.21 15.34 23.53
C LYS D 243 6.10 16.16 24.43
N CYS D 244 5.69 16.34 25.66
CA CYS D 244 6.54 17.04 26.61
C CYS D 244 7.42 16.06 27.36
N ASN D 245 8.73 16.26 27.28
CA ASN D 245 9.71 15.36 27.88
C ASN D 245 10.35 15.95 29.12
N SER D 246 9.73 16.98 29.68
CA SER D 246 10.26 17.56 30.89
C SER D 246 9.79 16.74 32.07
N LYS D 247 10.74 16.20 32.82
CA LYS D 247 10.37 15.34 33.94
C LYS D 247 9.64 16.14 35.00
N THR D 248 10.08 17.35 35.21
CA THR D 248 9.46 18.25 36.17
C THR D 248 8.41 18.99 35.39
N PHE D 249 7.43 18.23 34.97
CA PHE D 249 6.40 18.71 34.09
C PHE D 249 5.64 19.88 34.64
N ASN D 250 5.25 19.75 35.90
CA ASN D 250 4.52 20.75 36.67
C ASN D 250 3.08 20.96 36.20
N GLY D 251 2.86 21.31 34.95
CA GLY D 251 1.49 21.62 34.57
C GLY D 251 1.28 22.22 33.18
N SER D 252 0.44 23.25 33.14
CA SER D 252 0.01 23.95 31.94
C SER D 252 0.97 25.04 31.46
N GLY D 253 2.05 25.23 32.18
CA GLY D 253 3.01 26.24 31.79
C GLY D 253 3.77 25.69 30.60
N PRO D 254 4.70 26.44 30.04
CA PRO D 254 5.47 26.07 28.89
C PRO D 254 6.38 24.92 29.17
N CYS D 255 6.45 24.01 28.22
CA CYS D 255 7.35 22.90 28.28
C CYS D 255 8.52 23.24 27.42
N THR D 256 9.70 23.11 27.97
CA THR D 256 10.91 23.50 27.26
C THR D 256 11.65 22.31 26.69
N ASN D 257 11.03 21.16 26.75
CA ASN D 257 11.58 19.94 26.22
C ASN D 257 10.56 19.23 25.38
N VAL D 258 10.54 19.48 24.07
CA VAL D 258 9.47 18.94 23.25
C VAL D 258 9.98 18.05 22.13
N SER D 259 9.28 16.93 21.91
CA SER D 259 9.58 15.96 20.85
C SER D 259 8.33 15.56 20.08
N THR D 260 8.49 14.91 18.93
CA THR D 260 7.29 14.46 18.22
C THR D 260 7.20 12.97 17.95
N VAL D 261 5.96 12.49 18.02
CA VAL D 261 5.62 11.10 17.75
C VAL D 261 4.39 10.95 16.86
N GLN D 262 4.20 9.76 16.29
CA GLN D 262 2.92 9.48 15.67
C GLN D 262 2.00 8.90 16.69
N CYS D 263 2.54 8.03 17.53
CA CYS D 263 1.75 7.32 18.49
C CYS D 263 2.19 7.58 19.90
N THR D 264 1.24 7.56 20.80
CA THR D 264 1.49 7.68 22.22
C THR D 264 1.90 6.32 22.71
N HIS D 265 2.35 6.23 23.95
CA HIS D 265 2.67 4.97 24.56
C HIS D 265 1.36 4.28 24.82
N GLY D 266 1.40 2.99 25.12
CA GLY D 266 0.13 2.33 25.39
C GLY D 266 -0.39 2.69 26.77
N ILE D 267 -1.69 2.87 26.86
CA ILE D 267 -2.40 3.15 28.10
C ILE D 267 -3.46 2.11 28.37
N ARG D 268 -3.46 1.53 29.57
CA ARG D 268 -4.50 0.57 29.92
C ARG D 268 -5.68 1.38 30.44
N PRO D 269 -6.88 1.28 29.89
CA PRO D 269 -8.05 2.03 30.28
C PRO D 269 -8.67 1.50 31.55
N VAL D 270 -7.92 1.59 32.63
CA VAL D 270 -8.34 1.08 33.92
C VAL D 270 -9.22 2.10 34.59
N VAL D 271 -10.34 1.65 35.13
CA VAL D 271 -11.22 2.56 35.81
C VAL D 271 -11.26 2.22 37.29
N SER D 272 -11.06 3.22 38.11
CA SER D 272 -11.07 3.10 39.56
C SER D 272 -11.37 4.45 40.17
N THR D 273 -11.70 4.49 41.46
CA THR D 273 -11.93 5.81 42.04
C THR D 273 -10.85 6.50 42.87
N GLN D 274 -10.45 5.97 44.03
CA GLN D 274 -9.62 6.81 44.90
C GLN D 274 -8.16 6.66 44.58
N LEU D 275 -7.79 5.44 44.28
CA LEU D 275 -6.42 5.20 43.92
C LEU D 275 -6.39 4.94 42.44
N LEU D 276 -5.36 5.44 41.81
CA LEU D 276 -5.15 5.25 40.40
C LEU D 276 -4.29 4.03 40.31
N LEU D 277 -4.79 3.03 39.62
CA LEU D 277 -4.09 1.77 39.56
C LEU D 277 -3.53 1.47 38.19
N ASN D 278 -2.42 0.77 38.20
CA ASN D 278 -1.74 0.23 37.02
C ASN D 278 -1.40 1.30 35.99
N GLY D 279 -1.01 2.49 36.42
CA GLY D 279 -0.64 3.53 35.48
C GLY D 279 0.85 3.67 35.43
N SER D 280 1.32 4.79 34.89
CA SER D 280 2.75 5.01 34.81
C SER D 280 3.28 5.70 36.06
N LEU D 281 4.58 5.62 36.26
CA LEU D 281 5.21 6.30 37.37
C LEU D 281 5.97 7.50 36.93
N ALA D 282 6.09 8.44 37.84
CA ALA D 282 6.86 9.65 37.65
C ALA D 282 8.30 9.22 37.52
N GLU D 283 9.07 9.94 36.72
CA GLU D 283 10.44 9.55 36.47
C GLU D 283 11.38 9.61 37.65
N GLU D 284 11.24 10.63 38.48
CA GLU D 284 12.17 10.78 39.59
C GLU D 284 11.53 11.03 40.93
N GLU D 285 10.53 11.88 40.95
CA GLU D 285 9.94 12.42 42.16
C GLU D 285 8.45 12.47 42.01
N ILE D 286 7.76 12.49 43.14
CA ILE D 286 6.32 12.59 43.12
C ILE D 286 5.94 13.93 42.54
N VAL D 287 5.04 13.90 41.58
CA VAL D 287 4.65 15.13 40.93
C VAL D 287 3.21 15.42 41.23
N ILE D 288 2.96 16.61 41.74
CA ILE D 288 1.61 16.96 42.03
C ILE D 288 1.09 17.90 41.00
N ARG D 289 0.06 17.47 40.28
CA ARG D 289 -0.50 18.26 39.20
C ARG D 289 -1.92 18.68 39.50
N SER D 290 -2.17 19.98 39.50
CA SER D 290 -3.52 20.44 39.77
C SER D 290 -3.70 21.76 39.09
N GLU D 291 -4.86 21.97 38.48
CA GLU D 291 -5.09 23.21 37.76
C GLU D 291 -4.99 24.41 38.68
N ASN D 292 -5.54 24.28 39.89
CA ASN D 292 -5.50 25.34 40.88
C ASN D 292 -5.45 24.76 42.28
N ILE D 293 -4.25 24.62 42.81
CA ILE D 293 -4.07 24.01 44.11
C ILE D 293 -4.73 24.82 45.19
N THR D 294 -4.57 26.13 45.11
CA THR D 294 -5.07 27.09 46.07
C THR D 294 -6.58 27.07 46.25
N ASP D 295 -7.31 26.93 45.14
CA ASP D 295 -8.77 27.01 45.12
C ASP D 295 -9.59 25.89 45.80
N ASN D 296 -9.18 24.64 45.66
CA ASN D 296 -9.85 23.43 46.18
C ASN D 296 -11.19 23.04 45.53
N ALA D 297 -11.63 23.70 44.46
CA ALA D 297 -12.83 23.22 43.78
C ALA D 297 -12.42 22.21 42.73
N LYS D 298 -11.13 21.99 42.65
CA LYS D 298 -10.52 21.11 41.69
C LYS D 298 -9.71 20.06 42.41
N THR D 299 -9.51 18.94 41.75
CA THR D 299 -8.76 17.86 42.32
C THR D 299 -7.28 18.02 42.16
N ILE D 300 -6.58 17.22 42.94
CA ILE D 300 -5.16 17.11 42.88
C ILE D 300 -4.78 15.72 42.41
N ILE D 301 -4.04 15.63 41.33
CA ILE D 301 -3.63 14.33 40.86
C ILE D 301 -2.22 14.10 41.30
N VAL D 302 -2.02 13.06 42.07
CA VAL D 302 -0.68 12.79 42.54
C VAL D 302 -0.11 11.60 41.83
N GLN D 303 0.99 11.79 41.14
CA GLN D 303 1.63 10.70 40.46
C GLN D 303 2.83 10.25 41.25
N LEU D 304 2.89 8.99 41.56
CA LEU D 304 3.98 8.48 42.35
C LEU D 304 5.13 8.13 41.49
N ASN D 305 6.34 8.21 42.04
CA ASN D 305 7.55 7.79 41.37
C ASN D 305 7.93 6.36 41.76
N GLU D 306 7.07 5.74 42.54
CA GLU D 306 7.22 4.37 43.02
C GLU D 306 5.86 3.72 43.03
N ALA D 307 5.77 2.44 42.72
CA ALA D 307 4.46 1.80 42.84
C ALA D 307 4.37 1.06 44.15
N VAL D 308 3.17 0.96 44.67
CA VAL D 308 2.93 0.16 45.87
C VAL D 308 2.06 -1.03 45.52
N GLU D 309 2.53 -2.21 45.83
CA GLU D 309 1.77 -3.38 45.46
C GLU D 309 0.63 -3.67 46.40
N ILE D 310 -0.51 -4.00 45.82
CA ILE D 310 -1.68 -4.40 46.58
C ILE D 310 -2.23 -5.74 46.10
N ASN D 311 -2.51 -6.63 47.04
CA ASN D 311 -3.06 -7.94 46.72
C ASN D 311 -4.46 -8.13 47.26
N CYS D 312 -5.44 -8.18 46.35
CA CYS D 312 -6.83 -8.28 46.78
C CYS D 312 -7.46 -9.60 46.41
N THR D 313 -8.10 -10.25 47.37
CA THR D 313 -8.69 -11.53 47.03
C THR D 313 -9.87 -11.95 47.86
N ARG D 314 -10.65 -12.83 47.23
CA ARG D 314 -11.77 -13.52 47.83
C ARG D 314 -11.48 -15.01 47.79
N PRO D 315 -10.99 -15.61 48.89
CA PRO D 315 -10.56 -16.98 49.06
C PRO D 315 -11.72 -17.94 48.90
N ASN D 316 -11.40 -19.21 48.72
CA ASN D 316 -12.44 -20.20 48.65
C ASN D 316 -12.98 -20.44 50.05
N ASN D 317 -13.97 -21.31 50.15
CA ASN D 317 -14.65 -21.62 51.41
C ASN D 317 -15.35 -20.41 52.04
N ASN D 318 -15.90 -19.55 51.19
CA ASN D 318 -16.67 -18.38 51.59
C ASN D 318 -17.93 -18.42 50.76
N THR D 319 -18.81 -19.32 51.13
CA THR D 319 -20.01 -19.64 50.38
C THR D 319 -21.30 -19.33 51.13
N ARG D 320 -21.18 -18.57 52.21
CA ARG D 320 -22.33 -18.24 53.03
C ARG D 320 -23.21 -17.17 52.38
N LYS D 321 -24.49 -17.20 52.77
CA LYS D 321 -25.45 -16.19 52.31
C LYS D 321 -25.73 -15.15 53.39
N SER D 322 -25.51 -15.53 54.64
CA SER D 322 -25.77 -14.68 55.79
C SER D 322 -25.01 -15.20 56.99
N ASN D 340 -18.79 -15.99 53.20
CA ASN D 340 -19.76 -15.23 52.45
C ASN D 340 -19.22 -14.89 51.08
N ILE D 341 -20.04 -15.17 50.07
CA ILE D 341 -19.64 -14.99 48.67
C ILE D 341 -19.32 -13.54 48.27
N ARG D 342 -19.81 -12.58 49.04
CA ARG D 342 -19.56 -11.18 48.71
C ARG D 342 -18.46 -10.53 49.53
N GLN D 343 -17.73 -11.29 50.35
CA GLN D 343 -16.67 -10.70 51.16
C GLN D 343 -15.28 -10.93 50.54
N ALA D 344 -14.40 -9.95 50.72
CA ALA D 344 -13.02 -10.00 50.21
C ALA D 344 -12.09 -9.11 51.05
N HIS D 345 -10.76 -9.29 50.92
CA HIS D 345 -9.84 -8.40 51.64
C HIS D 345 -8.57 -8.08 50.85
N CYS D 346 -7.94 -6.95 51.18
CA CYS D 346 -6.71 -6.55 50.49
C CYS D 346 -5.54 -6.30 51.41
N ASN D 347 -4.35 -6.71 50.98
CA ASN D 347 -3.14 -6.48 51.76
C ASN D 347 -2.18 -5.51 51.09
N ILE D 348 -1.80 -4.49 51.86
CA ILE D 348 -0.87 -3.44 51.47
C ILE D 348 0.34 -3.47 52.38
N SER D 349 1.54 -3.48 51.84
CA SER D 349 2.67 -3.52 52.77
C SER D 349 2.68 -2.31 53.68
N LYS D 350 2.80 -2.55 55.00
CA LYS D 350 2.81 -1.46 55.94
C LYS D 350 3.91 -0.48 55.69
N ALA D 351 5.11 -1.00 55.51
CA ALA D 351 6.21 -0.09 55.30
C ALA D 351 6.04 0.65 54.01
N ARG D 352 5.60 -0.02 52.95
CA ARG D 352 5.54 0.73 51.71
C ARG D 352 4.56 1.86 51.78
N TRP D 353 3.43 1.62 52.41
CA TRP D 353 2.45 2.65 52.49
C TRP D 353 2.96 3.82 53.31
N ASN D 354 3.58 3.52 54.45
CA ASN D 354 4.03 4.59 55.30
C ASN D 354 5.17 5.38 54.69
N GLU D 355 6.04 4.71 53.94
CA GLU D 355 7.15 5.37 53.29
C GLU D 355 6.61 6.31 52.25
N THR D 356 5.61 5.83 51.51
CA THR D 356 5.01 6.58 50.45
C THR D 356 4.32 7.82 50.98
N LEU D 357 3.57 7.70 52.08
CA LEU D 357 2.93 8.90 52.56
C LEU D 357 3.94 9.91 53.06
N GLY D 358 5.02 9.45 53.71
CA GLY D 358 5.98 10.41 54.17
C GLY D 358 6.56 11.21 53.00
N GLN D 359 6.80 10.54 51.88
CA GLN D 359 7.33 11.20 50.70
C GLN D 359 6.32 12.18 50.11
N ILE D 360 5.04 11.80 50.11
CA ILE D 360 4.00 12.66 49.58
C ILE D 360 3.87 13.89 50.43
N VAL D 361 3.87 13.73 51.73
CA VAL D 361 3.73 14.86 52.61
C VAL D 361 4.90 15.80 52.42
N ALA D 362 6.12 15.28 52.32
CA ALA D 362 7.24 16.20 52.14
C ALA D 362 7.03 17.07 50.92
N LYS D 363 6.46 16.50 49.86
CA LYS D 363 6.18 17.27 48.67
C LYS D 363 4.98 18.23 48.89
N LEU D 364 3.93 17.79 49.60
CA LEU D 364 2.76 18.67 49.83
C LEU D 364 3.12 19.90 50.65
N GLU D 365 4.05 19.74 51.57
CA GLU D 365 4.52 20.79 52.46
C GLU D 365 5.14 21.94 51.68
N GLU D 366 5.54 21.72 50.43
CA GLU D 366 6.09 22.82 49.66
C GLU D 366 5.02 23.88 49.45
N GLN D 367 3.76 23.46 49.30
CA GLN D 367 2.66 24.39 49.07
C GLN D 367 2.15 24.93 50.38
N PHE D 368 2.23 24.09 51.41
CA PHE D 368 1.73 24.48 52.72
C PHE D 368 2.78 24.25 53.81
N PRO D 369 3.89 24.99 53.79
CA PRO D 369 5.05 24.80 54.65
C PRO D 369 4.86 25.02 56.15
N ASN D 370 3.82 25.75 56.53
CA ASN D 370 3.62 25.99 57.95
C ASN D 370 2.55 25.10 58.55
N LYS D 371 2.08 24.10 57.81
CA LYS D 371 1.03 23.27 58.36
C LYS D 371 1.32 21.78 58.42
N THR D 372 0.86 21.16 59.49
CA THR D 372 0.88 19.72 59.64
C THR D 372 -0.14 19.13 58.70
N ILE D 373 0.22 18.07 57.99
CA ILE D 373 -0.74 17.45 57.08
C ILE D 373 -1.33 16.16 57.60
N ILE D 374 -2.65 16.17 57.65
CA ILE D 374 -3.45 15.08 58.11
C ILE D 374 -4.27 14.52 56.97
N PHE D 375 -4.27 13.21 56.85
CA PHE D 375 -5.10 12.61 55.83
C PHE D 375 -6.37 12.12 56.50
N ASN D 376 -7.47 12.22 55.79
CA ASN D 376 -8.75 11.75 56.26
C ASN D 376 -9.41 10.83 55.26
N HIS D 377 -10.49 10.21 55.70
CA HIS D 377 -11.33 9.39 54.89
C HIS D 377 -12.32 10.26 54.17
N SER D 378 -13.16 9.63 53.34
CA SER D 378 -14.13 10.33 52.52
C SER D 378 -15.25 10.95 53.33
N SER D 379 -15.91 11.94 52.72
CA SER D 379 -17.01 12.67 53.35
C SER D 379 -18.40 12.11 53.13
N GLY D 380 -18.65 11.49 52.00
CA GLY D 380 -19.99 11.01 51.71
C GLY D 380 -20.34 11.16 50.24
N GLY D 381 -21.56 10.74 49.90
CA GLY D 381 -21.99 10.76 48.52
C GLY D 381 -22.11 9.35 48.01
N ASP D 382 -22.14 9.20 46.71
CA ASP D 382 -22.36 7.91 46.09
C ASP D 382 -21.29 6.89 46.53
N PRO D 383 -21.64 5.65 46.88
CA PRO D 383 -20.75 4.62 47.39
C PRO D 383 -19.62 4.26 46.46
N GLU D 384 -19.78 4.49 45.16
CA GLU D 384 -18.75 4.19 44.18
C GLU D 384 -17.54 5.06 44.37
N ILE D 385 -17.74 6.21 45.03
CA ILE D 385 -16.65 7.10 45.27
C ILE D 385 -16.38 7.31 46.75
N VAL D 386 -17.34 6.99 47.61
CA VAL D 386 -17.11 7.11 49.04
C VAL D 386 -16.05 6.15 49.44
N THR D 387 -16.13 4.94 48.93
CA THR D 387 -15.13 3.96 49.23
C THR D 387 -14.35 3.72 47.97
N HIS D 388 -13.36 2.86 47.99
CA HIS D 388 -12.60 2.70 46.77
C HIS D 388 -13.15 1.59 45.94
N SER D 389 -13.57 1.92 44.75
CA SER D 389 -14.17 0.98 43.86
C SER D 389 -13.27 0.65 42.69
N PHE D 390 -13.39 -0.60 42.23
CA PHE D 390 -12.65 -1.13 41.08
C PHE D 390 -13.31 -2.38 40.51
N ASN D 391 -12.80 -2.88 39.37
CA ASN D 391 -13.40 -4.06 38.77
C ASN D 391 -12.37 -5.04 38.20
N CYS D 392 -12.47 -6.31 38.64
CA CYS D 392 -11.57 -7.35 38.15
C CYS D 392 -12.37 -8.58 37.78
N GLY D 393 -12.18 -9.11 36.57
CA GLY D 393 -12.87 -10.36 36.24
C GLY D 393 -14.33 -10.10 35.94
N GLY D 394 -14.70 -8.83 35.91
CA GLY D 394 -16.04 -8.38 35.70
C GLY D 394 -16.75 -8.09 37.01
N GLU D 395 -16.15 -8.47 38.15
CA GLU D 395 -16.82 -8.23 39.42
C GLU D 395 -16.55 -6.83 39.91
N PHE D 396 -17.53 -6.25 40.57
CA PHE D 396 -17.43 -4.90 41.10
C PHE D 396 -17.09 -4.90 42.58
N PHE D 397 -15.90 -4.43 42.89
CA PHE D 397 -15.34 -4.44 44.23
C PHE D 397 -15.38 -3.09 44.87
N TYR D 398 -15.59 -3.09 46.17
CA TYR D 398 -15.52 -1.88 46.99
C TYR D 398 -14.61 -2.12 48.19
N CYS D 399 -13.71 -1.17 48.50
CA CYS D 399 -12.82 -1.35 49.64
C CYS D 399 -12.73 -0.18 50.60
N ASN D 400 -12.67 -0.51 51.88
CA ASN D 400 -12.51 0.48 52.94
C ASN D 400 -11.07 0.90 53.07
N THR D 401 -10.78 2.12 52.67
CA THR D 401 -9.45 2.68 52.65
C THR D 401 -9.17 3.52 53.88
N THR D 402 -10.10 3.51 54.82
CA THR D 402 -9.91 4.30 56.02
C THR D 402 -8.56 4.02 56.65
N PRO D 403 -8.10 2.76 56.85
CA PRO D 403 -6.82 2.44 57.46
C PRO D 403 -5.62 3.02 56.72
N LEU D 404 -5.79 3.40 55.47
CA LEU D 404 -4.70 3.95 54.70
C LEU D 404 -4.61 5.45 54.91
N PHE D 405 -5.74 6.09 55.23
CA PHE D 405 -5.81 7.52 55.40
C PHE D 405 -6.48 7.88 56.70
N ASN D 406 -5.80 7.68 57.81
CA ASN D 406 -6.40 7.90 59.11
C ASN D 406 -5.42 8.58 60.06
N GLN D 423 4.68 -6.25 58.35
CA GLN D 423 3.37 -6.84 58.17
C GLN D 423 2.56 -6.10 57.13
N ASN D 424 1.35 -6.56 56.87
CA ASN D 424 0.48 -5.87 55.93
C ASN D 424 -0.66 -5.14 56.61
N ILE D 425 -1.17 -4.17 55.91
CA ILE D 425 -2.36 -3.46 56.28
C ILE D 425 -3.46 -4.20 55.59
N THR D 426 -4.49 -4.65 56.30
CA THR D 426 -5.56 -5.38 55.62
C THR D 426 -6.81 -4.55 55.53
N LEU D 427 -7.35 -4.44 54.34
CA LEU D 427 -8.56 -3.69 54.11
C LEU D 427 -9.68 -4.67 53.96
N GLN D 428 -10.87 -4.26 54.36
CA GLN D 428 -12.05 -5.08 54.19
C GLN D 428 -12.79 -4.61 52.96
N CYS D 429 -13.09 -5.55 52.08
CA CYS D 429 -13.73 -5.29 50.83
C CYS D 429 -15.01 -6.10 50.62
N ARG D 430 -15.86 -5.61 49.72
CA ARG D 430 -17.10 -6.30 49.35
C ARG D 430 -17.33 -6.30 47.84
N ILE D 431 -18.11 -7.28 47.38
CA ILE D 431 -18.52 -7.34 45.98
C ILE D 431 -20.03 -7.13 45.89
N LYS D 432 -20.49 -6.23 45.02
CA LYS D 432 -21.95 -5.97 44.96
C LYS D 432 -22.58 -5.92 43.53
N GLN D 433 -23.79 -6.48 43.42
CA GLN D 433 -24.62 -6.56 42.20
C GLN D 433 -25.29 -5.30 41.63
N ILE D 434 -25.58 -4.28 42.45
CA ILE D 434 -26.23 -3.07 41.93
C ILE D 434 -25.31 -1.89 42.04
N ILE D 435 -25.03 -1.25 40.91
CA ILE D 435 -24.09 -0.15 40.88
C ILE D 435 -24.64 1.06 40.14
N ASN D 436 -24.03 2.23 40.35
CA ASN D 436 -24.35 3.39 39.53
C ASN D 436 -23.44 3.38 38.32
N MET D 437 -23.89 4.03 37.26
CA MET D 437 -23.07 4.12 36.06
C MET D 437 -22.13 5.32 36.05
N TRP D 438 -20.97 5.14 35.42
CA TRP D 438 -19.99 6.21 35.27
C TRP D 438 -20.09 6.79 33.88
N GLN D 439 -20.88 6.14 33.04
CA GLN D 439 -21.06 6.47 31.65
C GLN D 439 -22.01 7.63 31.46
N GLY D 440 -22.79 7.92 32.49
CA GLY D 440 -23.80 8.95 32.48
C GLY D 440 -24.67 8.73 33.69
N VAL D 441 -25.72 9.49 33.82
CA VAL D 441 -26.58 9.30 34.98
C VAL D 441 -27.52 8.15 34.73
N GLY D 442 -27.52 7.21 35.65
CA GLY D 442 -28.38 6.04 35.56
C GLY D 442 -27.81 4.92 36.41
N LYS D 443 -28.56 3.81 36.47
CA LYS D 443 -28.18 2.63 37.26
C LYS D 443 -28.17 1.34 36.49
N ALA D 444 -27.39 0.39 36.98
CA ALA D 444 -27.38 -0.90 36.33
C ALA D 444 -27.19 -2.06 37.28
N MET D 445 -27.86 -3.14 36.95
CA MET D 445 -27.73 -4.38 37.69
C MET D 445 -26.94 -5.35 36.86
N TYR D 446 -26.00 -6.00 37.51
CA TYR D 446 -25.20 -7.05 36.91
C TYR D 446 -25.45 -8.36 37.61
N ALA D 447 -25.25 -9.45 36.91
CA ALA D 447 -25.44 -10.77 37.46
C ALA D 447 -24.55 -10.95 38.71
N PRO D 448 -24.97 -11.75 39.72
CA PRO D 448 -24.31 -12.02 41.01
C PRO D 448 -22.99 -12.78 40.80
N PRO D 449 -22.12 -12.82 41.83
CA PRO D 449 -20.78 -13.42 41.84
C PRO D 449 -20.75 -14.92 41.68
N ILE D 450 -19.57 -15.41 41.30
CA ILE D 450 -19.33 -16.81 41.02
C ILE D 450 -18.44 -17.47 42.05
N ARG D 451 -18.38 -18.79 42.00
CA ARG D 451 -17.57 -19.55 42.94
C ARG D 451 -16.13 -19.72 42.47
N GLY D 452 -15.23 -19.89 43.44
CA GLY D 452 -13.82 -20.11 43.20
C GLY D 452 -13.05 -18.90 43.71
N GLN D 453 -11.75 -19.01 43.85
CA GLN D 453 -11.00 -17.88 44.36
C GLN D 453 -10.78 -16.81 43.33
N ILE D 454 -11.05 -15.59 43.75
CA ILE D 454 -10.91 -14.42 42.89
C ILE D 454 -9.78 -13.51 43.33
N ARG D 455 -8.90 -13.13 42.41
CA ARG D 455 -7.81 -12.24 42.80
C ARG D 455 -7.49 -11.13 41.81
N CYS D 456 -7.22 -9.95 42.36
CA CYS D 456 -6.73 -8.80 41.61
C CYS D 456 -5.30 -8.63 42.04
N SER D 457 -4.46 -8.16 41.16
CA SER D 457 -3.08 -7.87 41.50
C SER D 457 -2.75 -6.53 40.92
N SER D 458 -2.45 -5.55 41.75
CA SER D 458 -2.27 -4.25 41.12
C SER D 458 -1.23 -3.35 41.74
N ASN D 459 -0.86 -2.35 40.94
CA ASN D 459 0.10 -1.32 41.29
C ASN D 459 -0.55 0.00 41.61
N ILE D 460 -0.39 0.48 42.82
CA ILE D 460 -0.95 1.78 43.10
C ILE D 460 0.06 2.72 42.52
N THR D 461 -0.37 3.53 41.56
CA THR D 461 0.53 4.44 40.88
C THR D 461 0.17 5.89 41.15
N GLY D 462 -1.01 6.13 41.70
CA GLY D 462 -1.39 7.50 42.00
C GLY D 462 -2.63 7.64 42.85
N LEU D 463 -2.93 8.87 43.18
CA LEU D 463 -4.05 9.20 44.05
C LEU D 463 -4.87 10.37 43.57
N LEU D 464 -6.17 10.33 43.78
CA LEU D 464 -6.96 11.52 43.53
C LEU D 464 -7.35 12.11 44.85
N LEU D 465 -6.78 13.26 45.16
CA LEU D 465 -7.03 13.87 46.44
C LEU D 465 -7.70 15.21 46.34
N THR D 466 -8.42 15.57 47.38
CA THR D 466 -8.94 16.92 47.46
C THR D 466 -8.48 17.51 48.79
N ARG D 467 -8.57 18.83 48.90
CA ARG D 467 -8.15 19.53 50.11
C ARG D 467 -9.28 20.37 50.70
N ASP D 468 -9.33 20.47 52.03
CA ASP D 468 -10.34 21.27 52.70
C ASP D 468 -10.17 22.77 52.50
N GLY D 469 -11.30 23.48 52.48
CA GLY D 469 -11.26 24.93 52.36
C GLY D 469 -11.30 25.57 53.74
N GLY D 470 -11.59 26.86 53.77
CA GLY D 470 -11.65 27.64 55.00
C GLY D 470 -10.92 26.99 56.16
N THR D 476 -2.58 23.53 60.47
CA THR D 476 -2.87 22.16 60.08
C THR D 476 -3.80 22.15 58.89
N GLU D 477 -3.58 21.20 57.98
CA GLU D 477 -4.41 21.07 56.79
C GLU D 477 -4.84 19.62 56.60
N THR D 478 -6.01 19.45 55.99
CA THR D 478 -6.56 18.11 55.76
C THR D 478 -6.85 17.78 54.30
N PHE D 479 -6.40 16.59 53.93
CA PHE D 479 -6.61 16.02 52.60
C PHE D 479 -7.37 14.71 52.71
N ARG D 480 -8.12 14.37 51.66
CA ARG D 480 -8.79 13.07 51.62
C ARG D 480 -8.92 12.57 50.18
N PRO D 481 -9.01 11.26 49.95
CA PRO D 481 -9.32 10.63 48.69
C PRO D 481 -10.71 10.91 48.19
N GLY D 482 -10.87 10.90 46.87
CA GLY D 482 -12.16 11.06 46.20
C GLY D 482 -11.94 10.77 44.71
N GLY D 483 -12.93 11.05 43.87
CA GLY D 483 -12.78 10.74 42.45
C GLY D 483 -14.14 10.53 41.82
N GLY D 484 -14.18 9.83 40.69
CA GLY D 484 -15.44 9.56 39.99
C GLY D 484 -15.49 10.03 38.54
N ASN D 485 -14.55 10.84 38.12
CA ASN D 485 -14.58 11.29 36.75
C ASN D 485 -13.55 10.55 35.95
N MET D 486 -13.98 9.71 35.04
CA MET D 486 -12.99 8.94 34.33
C MET D 486 -12.12 9.86 33.50
N ARG D 487 -12.63 11.03 33.13
CA ARG D 487 -11.81 11.98 32.40
C ARG D 487 -10.60 12.39 33.23
N ASP D 488 -10.73 12.45 34.56
CA ASP D 488 -9.59 12.84 35.36
C ASP D 488 -8.57 11.73 35.29
N ASN D 489 -9.07 10.50 35.25
CA ASN D 489 -8.14 9.41 35.19
C ASN D 489 -7.42 9.42 33.86
N TRP D 490 -8.12 9.78 32.78
CA TRP D 490 -7.48 9.79 31.47
C TRP D 490 -6.40 10.89 31.41
N ARG D 491 -6.68 12.05 32.01
CA ARG D 491 -5.75 13.15 31.97
C ARG D 491 -4.43 12.78 32.60
N SER D 492 -4.48 11.95 33.62
CA SER D 492 -3.26 11.59 34.33
C SER D 492 -2.27 10.88 33.42
N GLU D 493 -2.71 10.34 32.27
CA GLU D 493 -1.78 9.69 31.36
C GLU D 493 -1.60 10.53 30.08
N LEU D 494 -2.63 11.25 29.67
CA LEU D 494 -2.56 11.99 28.41
C LEU D 494 -1.95 13.40 28.50
N TYR D 495 -1.64 13.88 29.71
CA TYR D 495 -1.07 15.21 29.92
C TYR D 495 0.20 15.51 29.15
N LYS D 496 0.93 14.51 28.76
CA LYS D 496 2.15 14.77 28.04
C LYS D 496 1.96 15.01 26.57
N TYR D 497 0.77 14.82 26.04
CA TYR D 497 0.62 14.91 24.60
C TYR D 497 -0.35 15.96 24.08
N LYS D 498 0.01 16.54 22.92
CA LYS D 498 -0.83 17.50 22.20
C LYS D 498 -0.83 17.21 20.70
N VAL D 499 -1.95 17.38 20.02
CA VAL D 499 -1.94 17.11 18.58
C VAL D 499 -2.06 18.40 17.79
N VAL D 500 -1.16 18.56 16.83
CA VAL D 500 -1.08 19.75 16.02
C VAL D 500 -1.03 19.50 14.52
N LYS D 501 -1.27 20.58 13.79
CA LYS D 501 -1.22 20.65 12.34
C LYS D 501 -0.27 21.76 11.89
N ILE D 502 0.22 21.68 10.66
CA ILE D 502 1.11 22.70 10.13
C ILE D 502 0.48 23.50 9.03
N GLU D 503 0.62 24.81 9.14
CA GLU D 503 0.13 25.74 8.14
C GLU D 503 1.33 26.38 7.43
N PRO D 504 1.84 25.78 6.34
CA PRO D 504 3.11 26.09 5.70
C PRO D 504 3.07 27.32 4.84
N LEU D 505 2.66 28.44 5.38
CA LEU D 505 2.58 29.67 4.60
C LEU D 505 2.71 30.86 5.50
N GLY D 506 3.64 31.75 5.21
CA GLY D 506 3.78 32.92 6.04
C GLY D 506 4.20 34.17 5.30
N ILE D 507 4.15 35.26 6.04
CA ILE D 507 4.42 36.59 5.55
C ILE D 507 5.50 37.24 6.38
N ALA D 508 6.38 37.97 5.74
CA ALA D 508 7.41 38.66 6.46
C ALA D 508 7.74 39.93 5.71
N PRO D 509 8.26 40.97 6.35
CA PRO D 509 8.75 42.14 5.70
C PRO D 509 10.04 41.79 5.03
N THR D 510 10.29 42.40 3.90
CA THR D 510 11.55 42.21 3.20
C THR D 510 12.07 43.47 2.59
N ALA D 511 13.14 43.32 1.82
CA ALA D 511 13.79 44.44 1.21
C ALA D 511 14.06 44.20 -0.28
N CYS D 512 13.02 43.88 -1.02
CA CYS D 512 13.07 43.64 -2.46
C CYS D 512 11.77 44.10 -3.06
N LYS D 513 11.76 44.30 -4.36
CA LYS D 513 10.47 44.60 -4.99
C LYS D 513 10.26 43.83 -6.29
N ARG D 514 9.00 43.55 -6.58
CA ARG D 514 8.56 42.92 -7.80
C ARG D 514 8.73 43.90 -8.93
N ARG D 515 9.21 43.43 -10.06
CA ARG D 515 9.31 44.29 -11.22
C ARG D 515 7.94 44.43 -11.83
N VAL D 516 7.53 45.67 -12.06
CA VAL D 516 6.23 45.93 -12.65
C VAL D 516 6.40 46.93 -13.77
N ILE E 8 6.89 16.16 4.77
CA ILE E 8 7.65 17.28 5.26
C ILE E 8 7.23 18.58 4.62
N LEU E 9 6.39 19.35 5.29
CA LEU E 9 6.04 20.65 4.75
C LEU E 9 7.07 21.68 5.13
N GLY E 10 7.78 21.43 6.23
CA GLY E 10 8.80 22.34 6.73
C GLY E 10 10.06 22.15 5.93
N PHE E 11 10.01 22.62 4.71
CA PHE E 11 11.06 22.39 3.73
C PHE E 11 12.40 22.86 4.24
N LEU E 12 12.44 23.95 4.97
CA LEU E 12 13.70 24.45 5.48
C LEU E 12 14.01 24.03 6.90
N GLY E 13 13.10 23.34 7.59
CA GLY E 13 13.41 22.91 8.96
C GLY E 13 13.59 24.03 9.98
N ALA E 14 12.88 25.13 9.84
CA ALA E 14 13.10 26.27 10.75
C ALA E 14 12.50 26.17 12.16
N ALA E 15 11.66 25.19 12.49
CA ALA E 15 11.23 25.27 13.87
C ALA E 15 12.48 25.08 14.72
N GLY E 16 12.65 25.90 15.74
CA GLY E 16 13.83 25.79 16.60
C GLY E 16 14.99 26.75 16.27
N SER E 17 14.90 27.52 15.17
CA SER E 17 15.97 28.47 14.84
C SER E 17 15.39 29.73 14.21
N THR E 18 16.17 30.82 14.15
CA THR E 18 15.56 32.01 13.61
C THR E 18 15.52 31.98 12.08
N MET E 19 14.71 32.87 11.54
CA MET E 19 14.48 32.91 10.11
C MET E 19 15.71 33.19 9.28
N GLY E 20 16.59 34.04 9.77
CA GLY E 20 17.80 34.37 9.04
C GLY E 20 18.63 33.11 8.84
N ALA E 21 18.80 32.37 9.92
CA ALA E 21 19.58 31.14 9.86
C ALA E 21 18.97 30.15 8.90
N ALA E 22 17.64 30.08 8.88
CA ALA E 22 16.98 29.14 7.99
C ALA E 22 17.27 29.46 6.52
N SER E 23 17.29 30.74 6.17
CA SER E 23 17.56 31.08 4.79
C SER E 23 18.98 30.72 4.42
N MET E 24 19.92 30.93 5.34
CA MET E 24 21.29 30.59 5.03
C MET E 24 21.46 29.10 4.86
N ALA E 25 20.77 28.34 5.70
CA ALA E 25 20.85 26.91 5.66
C ALA E 25 20.34 26.39 4.33
N LEU E 26 19.30 27.02 3.78
CA LEU E 26 18.75 26.58 2.52
C LEU E 26 19.75 26.73 1.43
N THR E 27 20.38 27.88 1.37
CA THR E 27 21.30 28.06 0.28
C THR E 27 22.36 26.96 0.29
N VAL E 28 22.89 26.64 1.47
CA VAL E 28 23.92 25.63 1.54
C VAL E 28 23.42 24.26 1.17
N GLN E 29 22.28 23.88 1.70
CA GLN E 29 21.81 22.56 1.41
C GLN E 29 21.40 22.39 -0.01
N ALA E 30 20.82 23.43 -0.62
CA ALA E 30 20.40 23.26 -1.98
C ALA E 30 21.59 22.99 -2.85
N ARG E 31 22.69 23.65 -2.55
CA ARG E 31 23.89 23.45 -3.31
C ARG E 31 24.38 22.01 -3.20
N LEU E 32 24.39 21.47 -1.98
CA LEU E 32 24.89 20.12 -1.77
C LEU E 32 24.02 19.10 -2.49
N LEU E 33 22.71 19.33 -2.47
CA LEU E 33 21.80 18.40 -3.10
C LEU E 33 21.92 18.37 -4.60
N LEU E 34 22.09 19.53 -5.21
CA LEU E 34 22.27 19.56 -6.65
C LEU E 34 23.61 19.00 -7.04
N SER E 35 24.60 19.24 -6.19
CA SER E 35 25.95 18.81 -6.43
C SER E 35 26.12 17.31 -6.21
N GLY E 36 25.25 16.70 -5.39
CA GLY E 36 25.35 15.27 -5.15
C GLY E 36 26.38 14.95 -4.07
N ILE E 37 26.62 15.91 -3.19
CA ILE E 37 27.59 15.73 -2.13
C ILE E 37 26.97 15.00 -0.96
N GLN E 56 1.97 -6.13 10.35
CA GLN E 56 2.41 -4.82 10.81
C GLN E 56 3.17 -4.10 9.74
N LEU E 57 3.85 -4.85 8.90
CA LEU E 57 4.69 -4.26 7.88
C LEU E 57 3.91 -3.92 6.63
N THR E 58 2.63 -4.29 6.66
CA THR E 58 1.70 -3.99 5.60
C THR E 58 0.84 -2.81 6.05
N VAL E 59 0.42 -2.85 7.31
CA VAL E 59 -0.45 -1.82 7.87
C VAL E 59 0.26 -0.51 8.00
N TRP E 60 1.45 -0.55 8.57
CA TRP E 60 2.18 0.65 8.76
C TRP E 60 2.83 1.02 7.44
N GLY E 61 3.01 0.03 6.56
CA GLY E 61 3.56 0.25 5.23
C GLY E 61 2.62 1.19 4.48
N ILE E 62 1.35 0.84 4.46
CA ILE E 62 0.39 1.67 3.77
C ILE E 62 0.24 3.01 4.44
N LYS E 63 0.14 3.06 5.77
CA LYS E 63 -0.03 4.36 6.42
C LYS E 63 1.12 5.31 6.12
N GLN E 64 2.34 4.79 6.05
CA GLN E 64 3.48 5.62 5.74
C GLN E 64 3.32 6.26 4.38
N LEU E 65 2.76 5.53 3.40
CA LEU E 65 2.59 6.14 2.10
C LEU E 65 1.40 7.08 2.07
N GLN E 66 0.33 6.79 2.81
CA GLN E 66 -0.84 7.66 2.74
C GLN E 66 -0.45 9.06 3.16
N ALA E 67 0.43 9.13 4.14
CA ALA E 67 0.93 10.39 4.63
C ALA E 67 1.70 11.18 3.58
N ARG E 68 2.43 10.49 2.71
CA ARG E 68 3.24 11.16 1.73
C ARG E 68 2.38 11.63 0.59
N VAL E 69 1.39 10.82 0.24
CA VAL E 69 0.55 11.18 -0.88
C VAL E 69 -0.24 12.43 -0.51
N LEU E 70 -0.77 12.50 0.71
CA LEU E 70 -1.46 13.70 1.12
C LEU E 70 -0.57 14.91 1.06
N ALA E 71 0.65 14.80 1.59
CA ALA E 71 1.51 15.93 1.56
C ALA E 71 1.80 16.40 0.14
N VAL E 72 1.96 15.46 -0.79
CA VAL E 72 2.22 15.86 -2.15
C VAL E 72 1.06 16.60 -2.70
N GLU E 73 -0.14 16.10 -2.46
CA GLU E 73 -1.28 16.77 -3.01
C GLU E 73 -1.43 18.18 -2.47
N ARG E 74 -1.18 18.39 -1.17
CA ARG E 74 -1.31 19.73 -0.68
C ARG E 74 -0.27 20.61 -1.31
N TYR E 75 0.94 20.10 -1.47
CA TYR E 75 1.96 20.88 -2.10
C TYR E 75 1.60 21.31 -3.50
N LEU E 76 1.17 20.37 -4.32
CA LEU E 76 0.91 20.73 -5.69
C LEU E 76 -0.23 21.71 -5.75
N ARG E 77 -1.22 21.50 -4.92
CA ARG E 77 -2.35 22.38 -4.88
C ARG E 77 -1.92 23.79 -4.54
N ASP E 78 -1.15 23.94 -3.46
CA ASP E 78 -0.76 25.25 -3.01
C ASP E 78 0.05 25.96 -4.05
N GLN E 79 0.89 25.22 -4.77
CA GLN E 79 1.67 25.88 -5.75
C GLN E 79 0.87 26.53 -6.83
N GLN E 80 -0.32 26.05 -7.15
CA GLN E 80 -1.08 26.79 -8.15
C GLN E 80 -2.07 27.76 -7.51
N LEU E 81 -2.46 27.51 -6.26
CA LEU E 81 -3.40 28.41 -5.61
C LEU E 81 -2.79 29.77 -5.48
N LEU E 82 -1.48 29.78 -5.26
CA LEU E 82 -0.71 30.98 -5.07
C LEU E 82 -0.68 31.89 -6.28
N GLY E 83 -1.18 31.42 -7.40
CA GLY E 83 -1.26 32.26 -8.55
C GLY E 83 -2.21 33.43 -8.30
N ILE E 84 -3.12 33.31 -7.33
CA ILE E 84 -4.06 34.38 -7.05
C ILE E 84 -3.35 35.66 -6.60
N TRP E 85 -2.15 35.52 -6.05
CA TRP E 85 -1.36 36.65 -5.61
C TRP E 85 -0.19 36.88 -6.55
N GLY E 86 -0.18 36.13 -7.66
CA GLY E 86 0.90 36.18 -8.63
C GLY E 86 2.12 35.38 -8.21
N CYS E 87 1.97 34.40 -7.33
CA CYS E 87 3.11 33.67 -6.82
C CYS E 87 3.06 32.18 -7.09
N SER E 88 2.44 31.75 -8.18
CA SER E 88 2.40 30.32 -8.42
C SER E 88 3.73 29.77 -8.85
N GLY E 89 3.94 28.49 -8.54
CA GLY E 89 5.15 27.79 -8.97
C GLY E 89 6.36 28.29 -8.20
N LYS E 90 6.14 28.76 -6.98
CA LYS E 90 7.20 29.34 -6.20
C LYS E 90 7.17 29.02 -4.74
N ILE E 91 8.35 28.99 -4.19
CA ILE E 91 8.54 28.84 -2.77
C ILE E 91 8.61 30.23 -2.14
N ILE E 92 9.33 31.14 -2.80
CA ILE E 92 9.53 32.48 -2.31
C ILE E 92 9.02 33.46 -3.34
N CYS E 93 8.19 34.42 -2.93
CA CYS E 93 7.67 35.38 -3.90
C CYS E 93 7.62 36.85 -3.42
N CYS E 94 8.30 37.70 -4.18
CA CYS E 94 8.45 39.13 -3.88
C CYS E 94 7.26 39.89 -4.46
N THR E 95 6.78 40.90 -3.75
CA THR E 95 5.61 41.72 -4.08
C THR E 95 5.80 43.15 -4.56
N ASN E 96 4.66 43.80 -4.82
CA ASN E 96 4.61 45.23 -5.14
C ASN E 96 3.72 45.95 -4.12
N VAL E 97 3.44 45.27 -3.02
CA VAL E 97 2.67 45.80 -1.92
C VAL E 97 3.63 46.16 -0.80
N PRO E 98 3.71 47.42 -0.40
CA PRO E 98 4.62 47.92 0.59
C PRO E 98 4.19 47.42 1.94
N TRP E 99 5.13 47.33 2.84
CA TRP E 99 4.82 46.95 4.19
C TRP E 99 4.21 48.12 4.93
N ASN E 100 3.18 47.87 5.68
CA ASN E 100 2.60 48.89 6.52
C ASN E 100 3.22 48.76 7.88
N ASP E 101 3.98 49.76 8.31
CA ASP E 101 4.71 49.68 9.56
C ASP E 101 3.83 49.45 10.77
N SER E 102 2.54 49.77 10.66
CA SER E 102 1.59 49.61 11.75
C SER E 102 1.40 48.15 12.10
N TRP E 103 1.81 47.26 11.19
CA TRP E 103 1.70 45.85 11.39
C TRP E 103 2.85 45.28 12.20
N SER E 104 3.92 46.06 12.43
CA SER E 104 5.08 45.54 13.14
C SER E 104 5.94 46.57 13.86
N ASN E 105 6.26 47.66 13.19
CA ASN E 105 7.13 48.71 13.72
C ASN E 105 8.50 48.18 14.20
N LYS E 106 9.08 47.27 13.43
CA LYS E 106 10.39 46.66 13.68
C LYS E 106 11.25 46.69 12.44
N THR E 107 12.56 46.50 12.61
CA THR E 107 13.46 46.51 11.46
C THR E 107 13.58 45.12 10.86
N ILE E 108 14.19 45.07 9.68
CA ILE E 108 14.41 43.80 9.00
C ILE E 108 15.31 42.90 9.80
N ASN E 109 16.38 43.42 10.38
CA ASN E 109 17.23 42.51 11.12
C ASN E 109 16.63 42.11 12.45
N GLU E 110 15.79 42.94 13.04
CA GLU E 110 15.24 42.51 14.30
C GLU E 110 14.38 41.29 14.09
N ILE E 111 13.64 41.30 13.01
CA ILE E 111 12.77 40.20 12.73
C ILE E 111 13.51 39.01 12.18
N TRP E 112 14.32 39.21 11.17
CA TRP E 112 14.97 38.08 10.56
C TRP E 112 16.07 37.45 11.39
N ASP E 113 16.76 38.22 12.21
CA ASP E 113 17.82 37.60 12.96
C ASP E 113 17.37 37.03 14.30
N ASN E 114 16.39 37.66 14.98
CA ASN E 114 16.04 37.19 16.30
C ASN E 114 14.78 36.35 16.42
N MET E 115 13.89 36.36 15.44
CA MET E 115 12.66 35.60 15.61
C MET E 115 12.57 34.35 14.77
N THR E 116 11.91 33.35 15.33
CA THR E 116 11.61 32.11 14.63
C THR E 116 10.35 32.35 13.84
N TRP E 117 10.01 31.44 12.92
CA TRP E 117 8.78 31.66 12.17
C TRP E 117 7.57 31.63 13.07
N MET E 118 7.59 30.78 14.08
CA MET E 118 6.44 30.73 14.98
C MET E 118 6.30 32.00 15.74
N GLN E 119 7.40 32.54 16.21
CA GLN E 119 7.26 33.77 16.96
C GLN E 119 6.77 34.88 16.08
N TRP E 120 7.28 34.90 14.85
CA TRP E 120 6.91 35.93 13.94
C TRP E 120 5.47 35.85 13.52
N GLU E 121 4.99 34.69 13.11
CA GLU E 121 3.61 34.66 12.70
C GLU E 121 2.72 34.99 13.86
N LYS E 122 3.09 34.57 15.08
CA LYS E 122 2.23 34.89 16.19
C LYS E 122 2.17 36.41 16.39
N GLU E 123 3.31 37.09 16.24
CA GLU E 123 3.34 38.53 16.40
C GLU E 123 2.38 39.26 15.47
N ILE E 124 2.24 38.77 14.24
CA ILE E 124 1.37 39.41 13.26
C ILE E 124 0.13 38.60 12.91
N ASP E 125 -0.30 37.72 13.81
CA ASP E 125 -1.39 36.80 13.51
C ASP E 125 -2.71 37.49 13.14
N ASN E 126 -2.97 38.70 13.65
CA ASN E 126 -4.25 39.33 13.35
C ASN E 126 -4.27 40.26 12.14
N TYR E 127 -3.23 40.28 11.33
CA TYR E 127 -3.25 41.14 10.15
C TYR E 127 -3.27 40.31 8.89
N THR E 128 -3.36 39.01 9.05
CA THR E 128 -3.27 38.09 7.96
C THR E 128 -4.30 38.26 6.89
N GLN E 129 -5.53 38.47 7.27
CA GLN E 129 -6.56 38.58 6.27
C GLN E 129 -6.43 39.90 5.55
N HIS E 130 -5.98 40.91 6.27
CA HIS E 130 -5.82 42.20 5.66
C HIS E 130 -4.75 42.08 4.60
N ILE E 131 -3.63 41.47 4.96
CA ILE E 131 -2.54 41.35 4.04
C ILE E 131 -2.89 40.50 2.86
N TYR E 132 -3.54 39.37 3.08
CA TYR E 132 -3.86 38.53 1.96
C TYR E 132 -4.78 39.27 1.01
N THR E 133 -5.71 40.03 1.54
CA THR E 133 -6.61 40.79 0.70
C THR E 133 -5.83 41.74 -0.16
N LEU E 134 -4.88 42.44 0.42
CA LEU E 134 -4.13 43.40 -0.35
C LEU E 134 -3.34 42.73 -1.44
N LEU E 135 -2.79 41.55 -1.17
CA LEU E 135 -2.01 40.89 -2.18
C LEU E 135 -2.89 40.53 -3.37
N GLU E 136 -4.10 40.07 -3.10
CA GLU E 136 -5.00 39.74 -4.19
C GLU E 136 -5.32 40.97 -4.99
N VAL E 137 -5.57 42.08 -4.30
CA VAL E 137 -5.94 43.29 -5.00
C VAL E 137 -4.83 43.75 -5.91
N SER E 138 -3.61 43.71 -5.41
CA SER E 138 -2.51 44.15 -6.22
C SER E 138 -2.39 43.31 -7.47
N GLN E 139 -2.54 42.00 -7.33
CA GLN E 139 -2.42 41.15 -8.48
C GLN E 139 -3.50 41.44 -9.49
N ILE E 140 -4.68 41.72 -9.02
CA ILE E 140 -5.74 42.02 -9.95
C ILE E 140 -5.43 43.27 -10.71
N GLN E 141 -4.99 44.31 -10.02
CA GLN E 141 -4.73 45.54 -10.71
C GLN E 141 -3.63 45.38 -11.74
N GLN E 142 -2.58 44.62 -11.42
CA GLN E 142 -1.55 44.51 -12.43
C GLN E 142 -2.02 43.76 -13.65
N GLU E 143 -2.82 42.71 -13.46
CA GLU E 143 -3.29 41.95 -14.61
C GLU E 143 -4.14 42.83 -15.49
N LYS E 144 -4.95 43.67 -14.87
CA LYS E 144 -5.78 44.56 -15.61
C LYS E 144 -4.92 45.49 -16.43
N ASN E 145 -3.91 46.06 -15.80
CA ASN E 145 -3.10 47.04 -16.48
C ASN E 145 -2.40 46.43 -17.67
N GLU E 146 -1.94 45.19 -17.54
CA GLU E 146 -1.22 44.57 -18.64
C GLU E 146 -2.13 44.25 -19.80
N GLN E 147 -3.35 43.78 -19.53
CA GLN E 147 -4.22 43.45 -20.64
C GLN E 147 -4.75 44.68 -21.36
N GLU E 148 -4.74 45.83 -20.70
CA GLU E 148 -5.13 47.08 -21.33
C GLU E 148 -4.17 47.51 -22.44
N LEU E 149 -2.98 46.96 -22.45
CA LEU E 149 -1.98 47.32 -23.43
C LEU E 149 -1.92 46.29 -24.56
N LYS F 21 -27.30 39.91 45.01
CA LYS F 21 -27.46 38.47 45.06
C LYS F 21 -28.93 38.08 45.10
N LYS F 22 -29.20 36.81 44.87
CA LYS F 22 -30.57 36.30 44.98
C LYS F 22 -30.77 35.83 46.40
N VAL F 23 -31.96 36.06 46.98
CA VAL F 23 -32.16 35.56 48.33
C VAL F 23 -33.34 34.63 48.43
N VAL F 24 -33.07 33.44 48.97
CA VAL F 24 -34.06 32.42 49.20
C VAL F 24 -33.90 31.92 50.64
N LEU F 25 -34.27 32.75 51.60
CA LEU F 25 -33.96 32.42 52.99
C LEU F 25 -35.16 31.83 53.74
N GLY F 26 -34.98 30.60 54.20
CA GLY F 26 -36.02 29.89 54.93
C GLY F 26 -35.75 29.95 56.43
N LYS F 27 -36.50 29.15 57.19
CA LYS F 27 -36.38 29.12 58.64
C LYS F 27 -36.04 27.74 59.17
N LYS F 28 -35.62 27.69 60.42
CA LYS F 28 -35.30 26.43 61.06
C LYS F 28 -36.45 25.45 60.95
N GLY F 29 -36.15 24.25 60.50
CA GLY F 29 -37.10 23.17 60.34
C GLY F 29 -37.60 23.02 58.92
N ASP F 30 -37.25 23.96 58.04
CA ASP F 30 -37.71 23.88 56.66
C ASP F 30 -36.87 22.98 55.79
N THR F 31 -37.32 22.87 54.55
CA THR F 31 -36.62 22.19 53.49
C THR F 31 -36.60 23.20 52.37
N VAL F 32 -35.44 23.41 51.78
CA VAL F 32 -35.38 24.37 50.69
C VAL F 32 -34.72 23.83 49.46
N GLU F 33 -35.06 24.42 48.33
CA GLU F 33 -34.40 24.05 47.08
C GLU F 33 -34.02 25.27 46.26
N LEU F 34 -32.77 25.26 45.86
CA LEU F 34 -32.15 26.29 45.06
C LEU F 34 -31.74 25.73 43.74
N THR F 35 -31.91 26.46 42.64
CA THR F 35 -31.41 25.87 41.40
C THR F 35 -30.34 26.68 40.73
N CYS F 36 -29.22 26.01 40.49
CA CYS F 36 -28.11 26.61 39.78
C CYS F 36 -28.23 26.18 38.32
N THR F 37 -27.90 27.03 37.38
CA THR F 37 -28.04 26.55 36.02
C THR F 37 -26.85 26.76 35.13
N ALA F 38 -26.81 25.90 34.13
CA ALA F 38 -25.86 25.95 33.03
C ALA F 38 -26.60 26.29 31.76
N SER F 39 -25.97 27.04 30.86
CA SER F 39 -26.62 27.32 29.60
C SER F 39 -26.38 26.26 28.54
N GLN F 40 -25.28 25.49 28.65
CA GLN F 40 -24.97 24.54 27.59
C GLN F 40 -25.56 23.13 27.75
N LYS F 41 -26.20 22.84 28.87
CA LYS F 41 -26.77 21.51 29.15
C LYS F 41 -25.76 20.36 29.00
N LYS F 42 -24.55 20.53 29.56
CA LYS F 42 -23.52 19.50 29.45
C LYS F 42 -23.28 18.63 30.69
N SER F 43 -24.14 18.73 31.69
CA SER F 43 -23.95 17.99 32.94
C SER F 43 -22.55 18.24 33.45
N ILE F 44 -22.20 19.50 33.42
CA ILE F 44 -20.92 20.00 33.79
C ILE F 44 -20.65 19.77 35.25
N GLN F 45 -19.40 19.51 35.55
CA GLN F 45 -19.02 19.34 36.92
C GLN F 45 -19.18 20.67 37.57
N PHE F 46 -19.58 20.68 38.80
CA PHE F 46 -19.73 21.95 39.46
C PHE F 46 -19.62 21.77 40.92
N HIS F 47 -19.35 22.86 41.62
CA HIS F 47 -19.36 22.73 43.06
C HIS F 47 -20.04 23.89 43.76
N TRP F 48 -20.86 23.52 44.72
CA TRP F 48 -21.55 24.42 45.61
C TRP F 48 -20.73 24.67 46.85
N LYS F 49 -20.46 25.95 47.12
CA LYS F 49 -19.66 26.35 48.29
C LYS F 49 -20.29 27.43 49.15
N ASN F 50 -19.94 27.45 50.44
CA ASN F 50 -20.37 28.55 51.33
C ASN F 50 -19.38 29.73 51.29
N SER F 51 -19.62 30.76 52.10
CA SER F 51 -18.76 31.95 52.10
C SER F 51 -17.38 31.70 52.71
N ASN F 52 -17.25 30.58 53.40
CA ASN F 52 -15.99 30.18 54.01
C ASN F 52 -15.28 29.18 53.11
N GLN F 53 -15.77 29.08 51.88
CA GLN F 53 -15.24 28.23 50.84
C GLN F 53 -15.14 26.77 51.19
N ILE F 54 -16.16 26.25 51.82
CA ILE F 54 -16.20 24.85 52.14
C ILE F 54 -17.02 24.19 51.07
N LYS F 55 -16.48 23.14 50.48
CA LYS F 55 -17.22 22.42 49.47
C LYS F 55 -18.36 21.73 50.15
N ILE F 56 -19.55 21.89 49.62
CA ILE F 56 -20.71 21.26 50.20
C ILE F 56 -21.22 20.13 49.36
N LEU F 57 -21.50 20.46 48.10
CA LEU F 57 -22.12 19.52 47.17
C LEU F 57 -21.68 19.76 45.74
N GLY F 58 -21.39 18.69 45.02
CA GLY F 58 -21.07 18.91 43.62
C GLY F 58 -21.24 17.71 42.73
N ASN F 59 -20.91 17.92 41.49
CA ASN F 59 -21.00 16.93 40.44
C ASN F 59 -19.64 16.55 40.00
N GLN F 60 -19.25 15.32 40.31
CA GLN F 60 -17.94 14.77 39.99
C GLN F 60 -18.15 13.61 39.05
N GLY F 61 -17.72 13.73 37.82
CA GLY F 61 -18.05 12.66 36.89
C GLY F 61 -19.56 12.61 36.77
N SER F 62 -20.17 11.44 36.99
CA SER F 62 -21.62 11.24 36.92
C SER F 62 -22.18 11.07 38.33
N PHE F 63 -21.32 11.22 39.32
CA PHE F 63 -21.62 10.91 40.71
C PHE F 63 -21.85 12.12 41.60
N LEU F 64 -22.63 11.91 42.64
CA LEU F 64 -22.84 12.96 43.60
C LEU F 64 -21.74 12.92 44.66
N THR F 65 -21.04 14.03 44.77
CA THR F 65 -19.94 14.15 45.71
C THR F 65 -20.25 15.16 46.79
N LYS F 66 -20.00 14.80 48.03
CA LYS F 66 -20.27 15.73 49.10
C LYS F 66 -18.98 16.21 49.72
N GLY F 67 -19.00 17.38 50.33
CA GLY F 67 -17.80 17.82 51.02
C GLY F 67 -18.05 17.74 52.52
N PRO F 68 -17.06 18.11 53.35
CA PRO F 68 -17.09 18.08 54.80
C PRO F 68 -17.84 19.28 55.37
N SER F 69 -19.07 19.41 54.98
CA SER F 69 -19.94 20.49 55.36
C SER F 69 -20.88 20.09 56.46
N LYS F 70 -21.42 21.06 57.14
CA LYS F 70 -22.43 20.80 58.16
C LYS F 70 -23.69 20.25 57.50
N LEU F 71 -23.81 20.49 56.20
CA LEU F 71 -24.91 20.04 55.36
C LEU F 71 -24.64 18.65 54.77
N ASN F 72 -23.49 18.04 55.08
CA ASN F 72 -23.11 16.75 54.50
C ASN F 72 -24.14 15.66 54.77
N ASP F 73 -24.81 15.73 55.91
CA ASP F 73 -25.79 14.74 56.27
C ASP F 73 -27.23 15.16 55.91
N ARG F 74 -27.40 16.31 55.27
CA ARG F 74 -28.74 16.83 54.95
C ARG F 74 -29.04 17.18 53.50
N ALA F 75 -28.02 17.60 52.76
CA ALA F 75 -28.19 18.06 51.40
C ALA F 75 -28.27 16.94 50.34
N ASP F 76 -28.98 17.23 49.24
CA ASP F 76 -29.10 16.33 48.10
C ASP F 76 -29.32 17.09 46.77
N SER F 77 -29.43 16.38 45.66
CA SER F 77 -29.66 16.99 44.34
C SER F 77 -30.63 16.17 43.51
N ARG F 78 -30.71 16.49 42.22
CA ARG F 78 -31.60 15.79 41.30
C ARG F 78 -30.78 15.36 40.10
N ARG F 79 -30.26 14.16 40.15
CA ARG F 79 -29.28 13.71 39.17
C ARG F 79 -29.76 13.75 37.74
N SER F 80 -31.02 13.44 37.52
CA SER F 80 -31.56 13.37 36.17
C SER F 80 -31.66 14.72 35.50
N LEU F 81 -31.53 15.79 36.28
CA LEU F 81 -31.64 17.13 35.75
C LEU F 81 -30.30 17.68 35.35
N TRP F 82 -29.24 16.96 35.66
CA TRP F 82 -27.93 17.49 35.35
C TRP F 82 -27.79 17.60 33.83
N ASP F 83 -28.49 16.71 33.12
CA ASP F 83 -28.46 16.64 31.66
C ASP F 83 -29.19 17.80 31.02
N GLN F 84 -29.96 18.54 31.80
CA GLN F 84 -30.69 19.68 31.28
C GLN F 84 -30.02 20.96 31.74
N GLY F 85 -28.85 20.82 32.39
CA GLY F 85 -28.14 21.97 32.88
C GLY F 85 -28.72 22.48 34.18
N ASN F 86 -29.52 21.67 34.85
CA ASN F 86 -30.13 22.11 36.08
C ASN F 86 -29.51 21.40 37.23
N PHE F 87 -28.98 22.16 38.14
CA PHE F 87 -28.27 21.60 39.26
C PHE F 87 -28.89 22.10 40.55
N PRO F 88 -30.05 21.57 40.94
CA PRO F 88 -30.74 21.94 42.13
C PRO F 88 -30.01 21.47 43.33
N LEU F 89 -30.17 22.18 44.41
CA LEU F 89 -29.61 21.77 45.66
C LEU F 89 -30.65 21.83 46.73
N ILE F 90 -30.90 20.68 47.32
CA ILE F 90 -31.93 20.53 48.31
C ILE F 90 -31.37 20.37 49.69
N ILE F 91 -31.80 21.20 50.63
CA ILE F 91 -31.36 21.04 52.00
C ILE F 91 -32.49 20.64 52.90
N LYS F 92 -32.42 19.44 53.43
CA LYS F 92 -33.48 18.96 54.30
C LYS F 92 -33.14 19.34 55.72
N ASN F 93 -34.14 19.52 56.57
CA ASN F 93 -33.84 19.81 57.96
C ASN F 93 -32.89 21.00 58.11
N LEU F 94 -33.27 22.09 57.43
CA LEU F 94 -32.54 23.35 57.40
C LEU F 94 -32.54 24.00 58.76
N LYS F 95 -31.40 24.56 59.17
CA LYS F 95 -31.35 25.27 60.43
C LYS F 95 -31.12 26.76 60.14
N ILE F 96 -31.54 27.64 61.03
CA ILE F 96 -31.30 29.07 60.81
C ILE F 96 -29.81 29.37 60.91
N GLU F 97 -29.09 28.53 61.64
CA GLU F 97 -27.65 28.63 61.81
C GLU F 97 -26.92 28.37 60.48
N ASP F 98 -27.61 27.84 59.47
CA ASP F 98 -27.03 27.56 58.17
C ASP F 98 -27.15 28.80 57.28
N SER F 99 -27.74 29.89 57.82
CA SER F 99 -27.92 31.09 57.04
C SER F 99 -26.55 31.62 56.65
N ASP F 100 -26.36 31.71 55.35
CA ASP F 100 -25.11 32.09 54.71
C ASP F 100 -25.35 32.38 53.25
N THR F 101 -24.31 32.74 52.54
CA THR F 101 -24.48 32.81 51.11
C THR F 101 -23.63 31.74 50.52
N TYR F 102 -24.05 31.29 49.36
CA TYR F 102 -23.40 30.21 48.70
C TYR F 102 -23.20 30.47 47.23
N ILE F 103 -22.19 29.81 46.65
CA ILE F 103 -21.91 29.99 45.24
C ILE F 103 -22.17 28.79 44.36
N CYS F 104 -22.86 29.05 43.26
CA CYS F 104 -23.14 28.09 42.21
C CYS F 104 -22.02 28.06 41.22
N GLU F 105 -20.93 27.33 41.47
CA GLU F 105 -19.86 27.43 40.50
C GLU F 105 -20.07 26.49 39.35
N VAL F 106 -20.99 26.90 38.49
CA VAL F 106 -21.44 26.15 37.33
C VAL F 106 -21.02 26.87 36.06
N GLU F 107 -20.20 26.22 35.25
CA GLU F 107 -19.65 26.80 34.01
C GLU F 107 -18.80 28.03 34.30
N ASP F 108 -19.13 29.17 33.69
CA ASP F 108 -18.34 30.38 33.87
C ASP F 108 -18.82 31.22 35.06
N GLN F 109 -20.11 31.13 35.31
CA GLN F 109 -20.81 31.87 36.32
C GLN F 109 -20.41 31.47 37.71
N LYS F 110 -20.58 32.38 38.65
CA LYS F 110 -20.30 32.13 40.05
C LYS F 110 -21.46 32.76 40.80
N GLU F 111 -22.67 32.30 40.52
CA GLU F 111 -23.84 32.97 41.07
C GLU F 111 -23.92 32.87 42.56
N GLU F 112 -24.22 34.00 43.22
CA GLU F 112 -24.34 34.01 44.66
C GLU F 112 -25.79 34.07 45.08
N VAL F 113 -26.14 33.13 45.96
CA VAL F 113 -27.48 33.10 46.47
C VAL F 113 -27.46 32.94 47.99
N GLN F 114 -28.32 33.66 48.68
CA GLN F 114 -28.47 33.53 50.12
C GLN F 114 -29.50 32.49 50.47
N LEU F 115 -29.15 31.64 51.42
CA LEU F 115 -30.05 30.63 51.94
C LEU F 115 -30.10 30.75 53.44
N ALA G 37 26.70 31.41 -33.06
CA ALA G 37 28.03 30.83 -33.20
C ALA G 37 28.71 30.82 -31.85
N LYS G 38 28.07 31.46 -30.90
CA LYS G 38 28.57 31.53 -29.55
C LYS G 38 28.08 30.32 -28.79
N LYS G 39 29.00 29.63 -28.15
CA LYS G 39 28.69 28.43 -27.39
C LYS G 39 28.41 28.78 -25.95
N TRP G 40 27.31 28.25 -25.43
CA TRP G 40 26.85 28.52 -24.07
C TRP G 40 26.63 27.26 -23.25
N VAL G 41 26.73 27.38 -21.92
CA VAL G 41 26.47 26.23 -21.04
C VAL G 41 24.99 25.99 -20.78
N THR G 42 24.45 24.80 -21.03
CA THR G 42 23.04 24.65 -20.68
C THR G 42 22.78 23.42 -19.86
N VAL G 43 21.69 23.44 -19.11
CA VAL G 43 21.40 22.34 -18.23
C VAL G 43 20.09 21.62 -18.53
N TYR G 44 20.18 20.28 -18.50
CA TYR G 44 19.04 19.40 -18.75
C TYR G 44 18.71 18.50 -17.58
N TYR G 45 17.42 18.33 -17.31
CA TYR G 45 16.97 17.43 -16.26
C TYR G 45 16.42 16.16 -16.86
N GLY G 46 16.71 15.02 -16.23
CA GLY G 46 16.23 13.75 -16.76
C GLY G 46 17.29 13.07 -17.58
N VAL G 47 18.53 13.47 -17.39
CA VAL G 47 19.63 12.88 -18.10
C VAL G 47 19.96 11.47 -17.55
N PRO G 48 19.85 10.39 -18.34
CA PRO G 48 19.99 9.00 -17.91
C PRO G 48 21.40 8.53 -17.72
N VAL G 49 22.08 9.15 -16.79
CA VAL G 49 23.44 8.78 -16.52
C VAL G 49 23.60 8.01 -15.23
N TRP G 50 24.24 6.85 -15.35
CA TRP G 50 24.42 5.90 -14.28
C TRP G 50 25.69 6.06 -13.50
N LYS G 51 25.57 5.74 -12.23
CA LYS G 51 26.68 5.63 -11.29
C LYS G 51 26.49 4.36 -10.47
N GLU G 52 27.56 3.76 -10.00
CA GLU G 52 27.41 2.55 -9.21
C GLU G 52 26.84 2.84 -7.85
N ALA G 53 25.92 2.00 -7.40
CA ALA G 53 25.29 2.14 -6.11
C ALA G 53 26.05 1.42 -5.00
N THR G 54 25.87 1.94 -3.80
CA THR G 54 26.44 1.42 -2.56
C THR G 54 25.36 1.01 -1.58
N THR G 55 24.19 0.69 -2.10
CA THR G 55 23.05 0.38 -1.26
C THR G 55 22.95 -1.06 -0.81
N THR G 56 21.91 -1.31 -0.02
CA THR G 56 21.62 -2.63 0.57
C THR G 56 20.39 -3.23 -0.10
N LEU G 57 20.50 -4.48 -0.50
CA LEU G 57 19.41 -5.16 -1.20
C LEU G 57 18.52 -5.92 -0.24
N PHE G 58 17.30 -6.21 -0.65
CA PHE G 58 16.48 -6.99 0.26
C PHE G 58 16.36 -8.41 -0.25
N CYS G 59 16.07 -9.33 0.66
CA CYS G 59 15.88 -10.72 0.30
C CYS G 59 14.44 -11.09 0.03
N ALA G 60 14.25 -11.89 -1.00
CA ALA G 60 12.97 -12.45 -1.30
C ALA G 60 13.16 -13.95 -1.48
N SER G 61 12.22 -14.75 -1.02
CA SER G 61 12.31 -16.19 -1.19
C SER G 61 10.98 -16.85 -1.03
N ASP G 62 10.96 -18.16 -1.16
CA ASP G 62 9.72 -18.89 -1.07
C ASP G 62 9.43 -19.31 0.37
N ASP G 67 8.52 -25.63 8.02
CA ASP G 67 8.65 -27.03 8.33
C ASP G 67 9.84 -27.26 9.22
N THR G 68 10.26 -26.19 9.86
CA THR G 68 11.39 -26.09 10.81
C THR G 68 12.77 -26.12 10.17
N GLU G 69 12.86 -26.30 8.85
CA GLU G 69 14.18 -26.34 8.22
C GLU G 69 14.83 -25.01 8.52
N VAL G 70 16.11 -25.01 8.82
CA VAL G 70 16.67 -23.74 9.22
C VAL G 70 16.65 -22.60 8.22
N HIS G 71 16.73 -22.88 6.92
CA HIS G 71 16.75 -21.81 5.96
C HIS G 71 15.33 -21.30 5.81
N ASN G 72 14.35 -22.21 5.90
CA ASN G 72 12.96 -21.80 5.81
C ASN G 72 12.54 -21.02 7.03
N VAL G 73 13.08 -21.38 8.19
CA VAL G 73 12.75 -20.67 9.39
C VAL G 73 13.31 -19.28 9.29
N TRP G 74 14.54 -19.18 8.85
CA TRP G 74 15.14 -17.90 8.66
C TRP G 74 14.36 -17.09 7.65
N ALA G 75 14.09 -17.67 6.49
CA ALA G 75 13.44 -16.97 5.41
C ALA G 75 12.09 -16.45 5.84
N THR G 76 11.41 -17.19 6.71
CA THR G 76 10.11 -16.77 7.20
C THR G 76 10.13 -15.33 7.68
N HIS G 77 11.20 -14.91 8.35
CA HIS G 77 11.22 -13.55 8.82
C HIS G 77 12.25 -12.68 8.10
N ALA G 78 13.23 -13.31 7.45
CA ALA G 78 14.30 -12.59 6.76
C ALA G 78 13.97 -12.14 5.33
N CYS G 79 13.11 -12.89 4.64
CA CYS G 79 12.84 -12.62 3.23
C CYS G 79 11.39 -12.35 2.95
N VAL G 80 11.12 -11.62 1.89
CA VAL G 80 9.75 -11.39 1.53
C VAL G 80 9.35 -12.46 0.53
N PRO G 81 8.06 -12.67 0.26
CA PRO G 81 7.58 -13.54 -0.78
C PRO G 81 8.15 -13.03 -2.06
N THR G 82 8.42 -13.90 -3.01
CA THR G 82 9.04 -13.44 -4.24
C THR G 82 8.11 -12.72 -5.16
N ASP G 83 8.71 -12.04 -6.12
CA ASP G 83 8.03 -11.33 -7.16
C ASP G 83 7.46 -12.31 -8.16
N PRO G 84 6.12 -12.41 -8.36
CA PRO G 84 5.49 -13.31 -9.31
C PRO G 84 6.05 -13.16 -10.73
N ASN G 85 6.59 -11.97 -11.05
CA ASN G 85 7.16 -11.66 -12.35
C ASN G 85 7.67 -10.22 -12.35
N ILE G 89 14.44 -6.29 -18.71
CA ILE G 89 14.32 -5.34 -19.81
C ILE G 89 15.62 -5.14 -20.52
N VAL G 90 15.73 -5.65 -21.73
CA VAL G 90 16.97 -5.49 -22.46
C VAL G 90 17.09 -4.03 -22.85
N LEU G 91 18.29 -3.49 -22.71
CA LEU G 91 18.55 -2.12 -23.06
C LEU G 91 19.03 -2.09 -24.48
N GLY G 92 19.03 -0.91 -25.08
CA GLY G 92 19.45 -0.77 -26.45
C GLY G 92 20.95 -0.76 -26.58
N ASN G 93 21.46 0.14 -27.38
CA ASN G 93 22.87 0.07 -27.69
C ASN G 93 23.72 0.67 -26.60
N VAL G 94 23.90 -0.10 -25.54
CA VAL G 94 24.65 0.34 -24.39
C VAL G 94 25.77 -0.64 -24.12
N THR G 95 26.80 -0.19 -23.42
CA THR G 95 27.91 -1.05 -23.01
C THR G 95 28.22 -0.78 -21.55
N GLU G 96 28.49 -1.83 -20.76
CA GLU G 96 28.84 -1.59 -19.36
C GLU G 96 29.94 -2.49 -18.83
N ASN G 97 30.86 -1.91 -18.08
CA ASN G 97 31.95 -2.68 -17.53
C ASN G 97 31.61 -3.33 -16.19
N PHE G 98 31.14 -4.56 -16.26
CA PHE G 98 30.79 -5.33 -15.08
C PHE G 98 32.11 -5.87 -14.57
N ASN G 99 32.31 -5.94 -13.26
CA ASN G 99 33.54 -6.54 -12.74
C ASN G 99 33.25 -7.39 -11.53
N MET G 100 33.26 -8.70 -11.75
CA MET G 100 32.86 -9.63 -10.73
C MET G 100 33.81 -9.69 -9.56
N TRP G 101 35.04 -9.28 -9.75
CA TRP G 101 35.97 -9.40 -8.67
C TRP G 101 36.02 -8.15 -7.86
N LYS G 102 35.25 -7.15 -8.26
CA LYS G 102 35.26 -5.87 -7.59
C LYS G 102 33.84 -5.44 -7.31
N ASN G 103 32.94 -6.39 -7.23
CA ASN G 103 31.54 -6.08 -7.01
C ASN G 103 31.31 -5.86 -5.53
N ASN G 104 30.08 -5.54 -5.15
CA ASN G 104 29.78 -5.35 -3.75
C ASN G 104 28.53 -6.09 -3.30
N MET G 105 27.85 -6.79 -4.23
CA MET G 105 26.64 -7.53 -3.87
C MET G 105 27.01 -8.70 -2.99
N VAL G 106 28.27 -9.06 -3.13
CA VAL G 106 28.93 -10.13 -2.47
C VAL G 106 29.01 -9.87 -0.98
N GLU G 107 29.28 -8.63 -0.59
CA GLU G 107 29.46 -8.45 0.83
C GLU G 107 28.16 -8.64 1.50
N GLN G 108 27.07 -8.21 0.90
CA GLN G 108 25.85 -8.45 1.61
C GLN G 108 25.56 -9.93 1.63
N MET G 109 25.78 -10.64 0.52
CA MET G 109 25.48 -12.06 0.56
C MET G 109 26.31 -12.75 1.62
N HIS G 110 27.52 -12.28 1.82
CA HIS G 110 28.39 -12.95 2.76
C HIS G 110 28.28 -12.40 4.18
N GLU G 111 27.26 -11.58 4.43
CA GLU G 111 26.94 -11.15 5.78
C GLU G 111 25.63 -11.81 6.17
N ASP G 112 24.71 -11.93 5.21
CA ASP G 112 23.41 -12.52 5.49
C ASP G 112 23.54 -14.00 5.74
N ILE G 113 24.40 -14.66 4.98
CA ILE G 113 24.59 -16.08 5.17
C ILE G 113 25.28 -16.38 6.48
N ILE G 114 26.27 -15.59 6.88
CA ILE G 114 26.87 -15.89 8.16
C ILE G 114 25.84 -15.71 9.23
N SER G 115 25.04 -14.65 9.18
CA SER G 115 24.06 -14.49 10.21
C SER G 115 23.10 -15.68 10.24
N LEU G 116 22.63 -16.13 9.08
CA LEU G 116 21.72 -17.26 9.04
C LEU G 116 22.35 -18.47 9.67
N TRP G 117 23.53 -18.77 9.19
CA TRP G 117 24.23 -19.96 9.55
C TRP G 117 24.53 -20.01 11.02
N ASP G 118 25.09 -18.93 11.55
CA ASP G 118 25.53 -18.91 12.94
C ASP G 118 24.34 -19.02 13.88
N GLN G 119 23.23 -18.40 13.54
CA GLN G 119 22.06 -18.50 14.38
C GLN G 119 21.45 -19.89 14.33
N SER G 120 21.44 -20.50 13.15
CA SER G 120 20.83 -21.80 12.93
C SER G 120 21.65 -23.06 13.22
N LEU G 121 22.96 -23.04 13.07
CA LEU G 121 23.73 -24.25 13.29
C LEU G 121 24.66 -24.05 14.45
N LYS G 122 24.15 -24.31 15.64
CA LYS G 122 24.89 -24.03 16.83
C LYS G 122 25.93 -25.10 17.14
N PRO G 123 27.18 -24.71 17.37
CA PRO G 123 28.25 -25.58 17.73
C PRO G 123 28.01 -25.86 19.15
N CYS G 124 28.48 -26.96 19.63
CA CYS G 124 28.39 -27.18 21.07
C CYS G 124 29.47 -26.39 21.74
N VAL G 125 30.61 -26.31 21.08
CA VAL G 125 31.72 -25.53 21.58
C VAL G 125 32.22 -24.61 20.48
N LYS G 126 32.35 -23.33 20.78
CA LYS G 126 32.87 -22.39 19.81
C LYS G 126 34.04 -21.62 20.39
N LEU G 127 35.19 -21.72 19.75
CA LEU G 127 36.37 -21.04 20.24
C LEU G 127 36.79 -19.90 19.34
N THR G 128 36.91 -18.74 19.96
CA THR G 128 37.37 -17.51 19.32
C THR G 128 38.74 -17.16 19.90
N PRO G 129 39.76 -16.86 19.09
CA PRO G 129 41.08 -16.48 19.57
C PRO G 129 41.14 -14.97 19.81
N ASN G 213 44.77 -14.22 23.14
CA ASN G 213 44.04 -15.06 24.07
C ASN G 213 42.87 -15.75 23.38
N THR G 214 42.10 -16.50 24.16
CA THR G 214 40.95 -17.20 23.62
C THR G 214 39.72 -16.99 24.47
N SER G 215 38.58 -17.25 23.87
CA SER G 215 37.30 -17.22 24.53
C SER G 215 36.44 -18.37 24.06
N VAL G 216 35.95 -19.16 25.02
CA VAL G 216 35.18 -20.33 24.67
C VAL G 216 33.79 -20.31 25.25
N ILE G 217 32.82 -20.51 24.38
CA ILE G 217 31.44 -20.55 24.82
C ILE G 217 30.82 -21.84 24.37
N THR G 218 29.68 -22.17 24.97
CA THR G 218 28.96 -23.35 24.56
C THR G 218 27.51 -23.06 24.26
N GLN G 219 26.88 -24.00 23.57
CA GLN G 219 25.46 -23.94 23.18
C GLN G 219 24.76 -25.28 23.28
N ALA G 220 23.43 -25.26 23.38
CA ALA G 220 22.68 -26.51 23.24
C ALA G 220 22.81 -26.95 21.78
N CYS G 221 22.91 -28.26 21.52
CA CYS G 221 23.08 -28.73 20.15
C CYS G 221 22.09 -29.71 19.60
N PRO G 222 20.85 -29.32 19.36
CA PRO G 222 19.87 -30.17 18.76
C PRO G 222 20.30 -30.29 17.32
N LYS G 223 19.96 -31.37 16.66
CA LYS G 223 20.26 -31.43 15.25
C LYS G 223 19.16 -30.71 14.54
N VAL G 224 19.48 -30.13 13.39
CA VAL G 224 18.48 -29.42 12.65
C VAL G 224 18.45 -29.92 11.24
N SER G 225 17.34 -29.71 10.56
CA SER G 225 17.30 -30.04 9.16
C SER G 225 18.08 -28.98 8.41
N PHE G 226 18.87 -29.43 7.45
CA PHE G 226 19.70 -28.53 6.68
C PHE G 226 19.75 -28.88 5.20
N GLU G 227 19.02 -28.08 4.44
CA GLU G 227 18.87 -28.19 3.00
C GLU G 227 18.69 -26.79 2.37
N PRO G 228 19.76 -26.15 1.86
CA PRO G 228 19.74 -24.81 1.30
C PRO G 228 18.69 -24.64 0.21
N ILE G 229 18.02 -23.49 0.25
CA ILE G 229 16.93 -23.11 -0.64
C ILE G 229 17.38 -21.87 -1.38
N PRO G 230 16.84 -21.55 -2.54
CA PRO G 230 17.20 -20.35 -3.25
C PRO G 230 16.64 -19.08 -2.61
N ILE G 231 17.42 -18.01 -2.66
CA ILE G 231 16.93 -16.71 -2.26
C ILE G 231 17.27 -15.73 -3.37
N HIS G 232 16.54 -14.64 -3.45
CA HIS G 232 16.75 -13.64 -4.47
C HIS G 232 17.15 -12.33 -3.85
N TYR G 233 18.06 -11.60 -4.48
CA TYR G 233 18.32 -10.26 -4.00
C TYR G 233 17.62 -9.25 -4.86
N CYS G 234 16.97 -8.30 -4.21
CA CYS G 234 16.18 -7.32 -4.91
C CYS G 234 16.51 -5.87 -4.54
N ALA G 235 16.49 -5.00 -5.55
CA ALA G 235 16.78 -3.57 -5.36
C ALA G 235 15.67 -2.82 -4.58
N PRO G 236 16.06 -1.91 -3.66
CA PRO G 236 15.19 -1.01 -2.91
C PRO G 236 14.75 0.12 -3.81
N ALA G 237 13.75 0.88 -3.39
CA ALA G 237 13.32 2.03 -4.17
C ALA G 237 14.48 2.96 -4.46
N GLY G 238 14.55 3.42 -5.71
CA GLY G 238 15.59 4.32 -6.18
C GLY G 238 16.73 3.61 -6.91
N PHE G 239 16.76 2.28 -6.85
CA PHE G 239 17.84 1.53 -7.48
C PHE G 239 17.41 0.45 -8.46
N ALA G 240 18.34 0.07 -9.33
CA ALA G 240 18.08 -1.03 -10.27
C ALA G 240 19.32 -1.86 -10.48
N ILE G 241 19.14 -3.10 -10.90
CA ILE G 241 20.24 -3.99 -11.14
C ILE G 241 20.45 -4.29 -12.61
N LEU G 242 21.66 -4.02 -13.07
CA LEU G 242 22.03 -4.26 -14.44
C LEU G 242 22.41 -5.70 -14.53
N LYS G 243 22.10 -6.33 -15.64
CA LYS G 243 22.48 -7.71 -15.86
C LYS G 243 23.19 -7.90 -17.17
N CYS G 244 24.27 -8.67 -17.16
CA CYS G 244 24.95 -8.98 -18.40
C CYS G 244 24.40 -10.26 -19.01
N ASN G 245 23.91 -10.17 -20.24
CA ASN G 245 23.28 -11.28 -20.93
C ASN G 245 24.16 -11.87 -22.01
N SER G 246 25.45 -11.55 -21.97
CA SER G 246 26.36 -12.10 -22.94
C SER G 246 26.76 -13.49 -22.50
N LYS G 247 26.48 -14.48 -23.32
CA LYS G 247 26.78 -15.87 -22.95
C LYS G 247 28.27 -16.06 -22.82
N THR G 248 29.01 -15.45 -23.73
CA THR G 248 30.46 -15.51 -23.72
C THR G 248 30.91 -14.36 -22.86
N PHE G 249 30.57 -14.47 -21.60
CA PHE G 249 30.76 -13.41 -20.64
C PHE G 249 32.20 -12.99 -20.52
N ASN G 250 33.07 -13.98 -20.41
CA ASN G 250 34.51 -13.83 -20.31
C ASN G 250 34.99 -13.23 -18.99
N GLY G 251 34.52 -12.05 -18.63
CA GLY G 251 35.08 -11.46 -17.42
C GLY G 251 34.69 -10.01 -17.14
N SER G 252 35.69 -9.23 -16.74
CA SER G 252 35.58 -7.84 -16.33
C SER G 252 35.57 -6.83 -17.48
N GLY G 253 35.68 -7.32 -18.70
CA GLY G 253 35.69 -6.44 -19.84
C GLY G 253 34.25 -5.98 -20.04
N PRO G 254 34.00 -5.14 -21.02
CA PRO G 254 32.70 -4.60 -21.31
C PRO G 254 31.73 -5.63 -21.77
N CYS G 255 30.51 -5.54 -21.28
CA CYS G 255 29.43 -6.39 -21.68
C CYS G 255 28.62 -5.62 -22.67
N THR G 256 28.37 -6.20 -23.81
CA THR G 256 27.67 -5.52 -24.87
C THR G 256 26.22 -5.94 -24.97
N ASN G 257 25.78 -6.70 -23.99
CA ASN G 257 24.41 -7.16 -23.93
C ASN G 257 23.86 -6.93 -22.54
N VAL G 258 23.21 -5.79 -22.31
CA VAL G 258 22.81 -5.45 -20.95
C VAL G 258 21.30 -5.24 -20.82
N SER G 259 20.75 -5.78 -19.73
CA SER G 259 19.32 -5.65 -19.39
C SER G 259 19.11 -5.25 -17.94
N THR G 260 17.90 -4.84 -17.57
CA THR G 260 17.68 -4.51 -16.16
C THR G 260 16.58 -5.30 -15.47
N VAL G 261 16.84 -5.57 -14.19
CA VAL G 261 15.91 -6.27 -13.31
C VAL G 261 15.79 -5.61 -11.94
N GLN G 262 14.74 -5.96 -11.20
CA GLN G 262 14.72 -5.58 -9.80
C GLN G 262 15.39 -6.65 -8.99
N CYS G 263 15.12 -7.90 -9.35
CA CYS G 263 15.60 -9.02 -8.60
C CYS G 263 16.45 -9.93 -9.43
N THR G 264 17.42 -10.54 -8.78
CA THR G 264 18.28 -11.53 -9.38
C THR G 264 17.51 -12.84 -9.37
N HIS G 265 18.05 -13.85 -10.02
CA HIS G 265 17.47 -15.17 -9.99
C HIS G 265 17.75 -15.72 -8.62
N GLY G 266 17.08 -16.80 -8.25
CA GLY G 266 17.36 -17.33 -6.93
C GLY G 266 18.68 -18.08 -6.91
N ILE G 267 19.42 -17.92 -5.82
CA ILE G 267 20.68 -18.61 -5.59
C ILE G 267 20.64 -19.42 -4.31
N ARG G 268 21.01 -20.69 -4.38
CA ARG G 268 21.05 -21.50 -3.17
C ARG G 268 22.42 -21.26 -2.53
N PRO G 269 22.52 -20.82 -1.28
CA PRO G 269 23.75 -20.52 -0.61
C PRO G 269 24.47 -21.77 -0.15
N VAL G 270 24.89 -22.57 -1.10
CA VAL G 270 25.54 -23.83 -0.84
C VAL G 270 27.00 -23.59 -0.58
N VAL G 271 27.53 -24.19 0.46
CA VAL G 271 28.92 -24.03 0.76
C VAL G 271 29.65 -25.36 0.57
N SER G 272 30.73 -25.31 -0.17
CA SER G 272 31.55 -26.48 -0.46
C SER G 272 32.94 -26.00 -0.83
N THR G 273 33.92 -26.91 -0.85
CA THR G 273 35.25 -26.45 -1.26
C THR G 273 35.75 -26.70 -2.69
N GLN G 274 35.95 -27.94 -3.13
CA GLN G 274 36.69 -28.09 -4.38
C GLN G 274 35.77 -28.07 -5.56
N LEU G 275 34.63 -28.68 -5.37
CA LEU G 275 33.66 -28.69 -6.43
C LEU G 275 32.55 -27.77 -6.02
N LEU G 276 32.04 -27.04 -6.98
CA LEU G 276 30.94 -26.14 -6.77
C LEU G 276 29.73 -26.95 -7.07
N LEU G 277 28.86 -27.06 -6.09
CA LEU G 277 27.70 -27.91 -6.25
C LEU G 277 26.41 -27.13 -6.31
N ASN G 278 25.47 -27.69 -7.05
CA ASN G 278 24.09 -27.22 -7.18
C ASN G 278 23.99 -25.78 -7.66
N GLY G 279 24.87 -25.34 -8.54
CA GLY G 279 24.80 -23.98 -9.04
C GLY G 279 24.22 -23.96 -10.42
N SER G 280 24.40 -22.86 -11.13
CA SER G 280 23.88 -22.76 -12.48
C SER G 280 24.89 -23.27 -13.50
N LEU G 281 24.40 -23.58 -14.68
CA LEU G 281 25.27 -24.01 -15.76
C LEU G 281 25.45 -22.94 -16.79
N ALA G 282 26.58 -23.00 -17.46
CA ALA G 282 26.91 -22.12 -18.55
C ALA G 282 25.93 -22.42 -19.66
N GLU G 283 25.57 -21.41 -20.43
CA GLU G 283 24.57 -21.59 -21.46
C GLU G 283 24.94 -22.51 -22.61
N GLU G 284 26.18 -22.43 -23.05
CA GLU G 284 26.58 -23.23 -24.20
C GLU G 284 27.86 -24.01 -24.03
N GLU G 285 28.85 -23.38 -23.45
CA GLU G 285 30.21 -23.87 -23.41
C GLU G 285 30.79 -23.61 -22.04
N ILE G 286 31.82 -24.38 -21.70
CA ILE G 286 32.48 -24.19 -20.44
C ILE G 286 33.15 -22.84 -20.45
N VAL G 287 32.92 -22.07 -19.41
CA VAL G 287 33.49 -20.74 -19.35
C VAL G 287 34.48 -20.66 -18.24
N ILE G 288 35.68 -20.23 -18.57
CA ILE G 288 36.68 -20.11 -17.55
C ILE G 288 36.86 -18.67 -17.19
N ARG G 289 36.57 -18.35 -15.94
CA ARG G 289 36.64 -16.97 -15.48
C ARG G 289 37.71 -16.80 -14.42
N SER G 290 38.67 -15.92 -14.67
CA SER G 290 39.72 -15.71 -13.70
C SER G 290 40.23 -14.31 -13.86
N GLU G 291 40.48 -13.63 -12.75
CA GLU G 291 40.93 -12.25 -12.84
C GLU G 291 42.25 -12.14 -13.58
N ASN G 292 43.15 -13.08 -13.32
CA ASN G 292 44.44 -13.12 -13.99
C ASN G 292 44.92 -14.55 -14.14
N ILE G 293 44.66 -15.13 -15.30
CA ILE G 293 44.99 -16.52 -15.54
C ILE G 293 46.48 -16.73 -15.50
N THR G 294 47.21 -15.81 -16.10
CA THR G 294 48.66 -15.86 -16.24
C THR G 294 49.40 -15.88 -14.91
N ASP G 295 48.93 -15.09 -13.94
CA ASP G 295 49.59 -14.91 -12.65
C ASP G 295 49.65 -16.09 -11.66
N ASN G 296 48.58 -16.85 -11.55
CA ASN G 296 48.41 -17.98 -10.60
C ASN G 296 48.31 -17.65 -9.11
N ALA G 297 48.26 -16.39 -8.71
CA ALA G 297 48.04 -16.11 -7.29
C ALA G 297 46.55 -16.03 -7.04
N LYS G 298 45.79 -16.21 -8.10
CA LYS G 298 44.36 -16.14 -8.10
C LYS G 298 43.78 -17.43 -8.61
N THR G 299 42.56 -17.70 -8.21
CA THR G 299 41.88 -18.90 -8.63
C THR G 299 41.26 -18.79 -9.98
N ILE G 300 40.92 -19.96 -10.50
CA ILE G 300 40.21 -20.11 -11.72
C ILE G 300 38.84 -20.70 -11.44
N ILE G 301 37.79 -20.02 -11.82
CA ILE G 301 36.48 -20.57 -11.59
C ILE G 301 35.99 -21.16 -12.88
N VAL G 302 35.72 -22.44 -12.86
CA VAL G 302 35.26 -23.07 -14.07
C VAL G 302 33.79 -23.38 -13.97
N GLN G 303 33.03 -22.83 -14.89
CA GLN G 303 31.61 -23.10 -14.89
C GLN G 303 31.29 -24.08 -15.99
N LEU G 304 30.64 -25.15 -15.65
CA LEU G 304 30.35 -26.17 -16.64
C LEU G 304 29.07 -25.85 -17.33
N ASN G 305 28.96 -26.30 -18.57
CA ASN G 305 27.74 -26.18 -19.35
C ASN G 305 26.89 -27.45 -19.26
N GLU G 306 27.34 -28.37 -18.45
CA GLU G 306 26.68 -29.64 -18.19
C GLU G 306 26.85 -29.97 -16.72
N ALA G 307 25.87 -30.59 -16.10
CA ALA G 307 26.10 -31.00 -14.71
C ALA G 307 26.47 -32.46 -14.67
N VAL G 308 27.25 -32.82 -13.66
CA VAL G 308 27.58 -34.22 -13.44
C VAL G 308 26.97 -34.68 -12.13
N GLU G 309 26.19 -35.74 -12.19
CA GLU G 309 25.52 -36.18 -10.99
C GLU G 309 26.43 -36.98 -10.09
N ILE G 310 26.33 -36.68 -8.80
CA ILE G 310 27.05 -37.42 -7.78
C ILE G 310 26.11 -37.90 -6.67
N ASN G 311 26.24 -39.17 -6.31
CA ASN G 311 25.42 -39.76 -5.27
C ASN G 311 26.25 -40.17 -4.06
N CYS G 312 26.06 -39.46 -2.94
CA CYS G 312 26.87 -39.74 -1.76
C CYS G 312 26.04 -40.28 -0.61
N THR G 313 26.49 -41.37 -0.03
CA THR G 313 25.71 -41.94 1.05
C THR G 313 26.47 -42.73 2.08
N ARG G 314 25.83 -42.79 3.24
CA ARG G 314 26.24 -43.60 4.37
C ARG G 314 25.12 -44.59 4.67
N PRO G 315 25.21 -45.85 4.18
CA PRO G 315 24.24 -46.91 4.28
C PRO G 315 24.02 -47.34 5.71
N ASN G 316 22.95 -48.07 5.94
CA ASN G 316 22.70 -48.60 7.25
C ASN G 316 23.65 -49.75 7.49
N ASN G 317 23.57 -50.33 8.68
CA ASN G 317 24.45 -51.42 9.12
C ASN G 317 25.94 -51.03 9.15
N ASN G 318 26.21 -49.78 9.53
CA ASN G 318 27.54 -49.25 9.69
C ASN G 318 27.54 -48.54 11.04
N THR G 319 27.57 -49.36 12.07
CA THR G 319 27.40 -48.91 13.45
C THR G 319 28.63 -49.17 14.31
N ARG G 320 29.74 -49.47 13.67
CA ARG G 320 30.97 -49.77 14.39
C ARG G 320 31.64 -48.51 14.95
N LYS G 321 32.41 -48.71 16.02
CA LYS G 321 33.19 -47.63 16.61
C LYS G 321 34.67 -47.72 16.23
N SER G 322 35.11 -48.92 15.87
CA SER G 322 36.50 -49.19 15.53
C SER G 322 36.57 -50.48 14.76
N ASN G 340 31.02 -48.69 10.34
CA ASN G 340 31.46 -47.54 11.11
C ASN G 340 30.60 -46.34 10.83
N ILE G 341 30.12 -45.71 11.89
CA ILE G 341 29.20 -44.58 11.80
C ILE G 341 29.76 -43.35 11.07
N ARG G 342 31.07 -43.24 10.98
CA ARG G 342 31.66 -42.09 10.31
C ARG G 342 32.14 -42.36 8.89
N GLN G 343 31.83 -43.53 8.33
CA GLN G 343 32.26 -43.82 6.96
C GLN G 343 31.14 -43.62 5.94
N ALA G 344 31.51 -43.17 4.74
CA ALA G 344 30.56 -42.93 3.64
C ALA G 344 31.26 -43.04 2.27
N HIS G 345 30.49 -43.17 1.18
CA HIS G 345 31.12 -43.19 -0.15
C HIS G 345 30.29 -42.48 -1.21
N CYS G 346 30.96 -42.04 -2.28
CA CYS G 346 30.27 -41.36 -3.38
C CYS G 346 30.50 -41.96 -4.73
N ASN G 347 29.45 -42.01 -5.55
CA ASN G 347 29.57 -42.53 -6.91
C ASN G 347 29.36 -41.47 -7.98
N ILE G 348 30.35 -41.39 -8.87
CA ILE G 348 30.39 -40.48 -10.01
C ILE G 348 30.41 -41.27 -11.29
N SER G 349 29.55 -40.97 -12.25
CA SER G 349 29.63 -41.77 -13.47
C SER G 349 30.98 -41.65 -14.13
N LYS G 350 31.59 -42.80 -14.46
CA LYS G 350 32.90 -42.78 -15.09
C LYS G 350 32.90 -42.03 -16.39
N ALA G 351 31.93 -42.33 -17.24
CA ALA G 351 31.91 -41.65 -18.51
C ALA G 351 31.66 -40.19 -18.33
N ARG G 352 30.76 -39.82 -17.43
CA ARG G 352 30.49 -38.39 -17.37
C ARG G 352 31.69 -37.62 -16.92
N TRP G 353 32.42 -38.16 -15.96
CA TRP G 353 33.56 -37.45 -15.47
C TRP G 353 34.61 -37.32 -16.56
N ASN G 354 34.87 -38.42 -17.27
CA ASN G 354 35.90 -38.38 -18.27
C ASN G 354 35.54 -37.49 -19.45
N GLU G 355 34.25 -37.45 -19.81
CA GLU G 355 33.80 -36.61 -20.90
C GLU G 355 33.99 -35.17 -20.51
N THR G 356 33.65 -34.86 -19.26
CA THR G 356 33.74 -33.52 -18.75
C THR G 356 35.17 -33.04 -18.72
N LEU G 357 36.10 -33.88 -18.25
CA LEU G 357 37.46 -33.38 -18.23
C LEU G 357 37.98 -33.17 -19.64
N GLY G 358 37.63 -34.05 -20.58
CA GLY G 358 38.14 -33.82 -21.92
C GLY G 358 37.67 -32.47 -22.46
N GLN G 359 36.43 -32.10 -22.16
CA GLN G 359 35.89 -30.82 -22.60
C GLN G 359 36.60 -29.66 -21.92
N ILE G 360 36.89 -29.80 -20.63
CA ILE G 360 37.58 -28.76 -19.88
C ILE G 360 38.97 -28.56 -20.42
N VAL G 361 39.67 -29.64 -20.68
CA VAL G 361 41.02 -29.53 -21.17
C VAL G 361 41.01 -28.86 -22.52
N ALA G 362 40.08 -29.22 -23.40
CA ALA G 362 40.09 -28.58 -24.71
C ALA G 362 39.98 -27.07 -24.56
N LYS G 363 39.19 -26.62 -23.59
CA LYS G 363 39.07 -25.19 -23.33
C LYS G 363 40.35 -24.63 -22.66
N LEU G 364 40.95 -25.36 -21.71
CA LEU G 364 42.17 -24.86 -21.05
C LEU G 364 43.33 -24.68 -22.01
N GLU G 365 43.40 -25.55 -23.01
CA GLU G 365 44.45 -25.53 -24.02
C GLU G 365 44.43 -24.25 -24.83
N GLU G 366 43.34 -23.50 -24.81
CA GLU G 366 43.33 -22.24 -25.54
C GLU G 366 44.35 -21.29 -24.91
N GLN G 367 44.52 -21.36 -23.58
CA GLN G 367 45.46 -20.48 -22.88
C GLN G 367 46.84 -21.06 -22.93
N PHE G 368 46.91 -22.39 -22.95
CA PHE G 368 48.20 -23.07 -22.94
C PHE G 368 48.29 -24.11 -24.05
N PRO G 369 48.28 -23.70 -25.33
CA PRO G 369 48.18 -24.55 -26.51
C PRO G 369 49.36 -25.50 -26.75
N ASN G 370 50.51 -25.22 -26.18
CA ASN G 370 51.64 -26.10 -26.43
C ASN G 370 51.90 -27.06 -25.28
N LYS G 371 50.99 -27.13 -24.31
CA LYS G 371 51.25 -28.01 -23.18
C LYS G 371 50.20 -29.06 -22.91
N THR G 372 50.66 -30.23 -22.51
CA THR G 372 49.81 -31.31 -22.04
C THR G 372 49.27 -30.91 -20.67
N ILE G 373 47.99 -31.12 -20.44
CA ILE G 373 47.43 -30.79 -19.15
C ILE G 373 47.17 -31.98 -18.26
N ILE G 374 47.77 -31.90 -17.09
CA ILE G 374 47.70 -32.91 -16.07
C ILE G 374 46.98 -32.37 -14.86
N PHE G 375 46.04 -33.15 -14.36
CA PHE G 375 45.37 -32.72 -13.15
C PHE G 375 46.01 -33.45 -11.98
N ASN G 376 46.10 -32.77 -10.86
CA ASN G 376 46.65 -33.33 -9.65
C ASN G 376 45.71 -33.14 -8.48
N HIS G 377 46.05 -33.79 -7.39
CA HIS G 377 45.36 -33.67 -6.13
C HIS G 377 45.91 -32.47 -5.39
N SER G 378 45.34 -32.22 -4.22
CA SER G 378 45.69 -31.07 -3.41
C SER G 378 47.09 -31.16 -2.82
N SER G 379 47.65 -30.00 -2.45
CA SER G 379 48.98 -29.90 -1.87
C SER G 379 49.08 -30.00 -0.37
N GLY G 380 48.06 -29.55 0.35
CA GLY G 380 48.15 -29.54 1.80
C GLY G 380 47.47 -28.32 2.41
N GLY G 381 47.51 -28.26 3.74
CA GLY G 381 46.85 -27.18 4.44
C GLY G 381 45.66 -27.74 5.18
N ASP G 382 44.77 -26.87 5.57
CA ASP G 382 43.63 -27.24 6.39
C ASP G 382 42.79 -28.33 5.70
N PRO G 383 42.35 -29.39 6.40
CA PRO G 383 41.62 -30.52 5.85
C PRO G 383 40.32 -30.16 5.19
N GLU G 384 39.72 -29.02 5.55
CA GLU G 384 38.47 -28.58 4.96
C GLU G 384 38.63 -28.23 3.51
N ILE G 385 39.87 -27.94 3.12
CA ILE G 385 40.14 -27.61 1.76
C ILE G 385 41.08 -28.60 1.07
N VAL G 386 41.83 -29.38 1.86
CA VAL G 386 42.71 -30.38 1.28
C VAL G 386 41.87 -31.40 0.58
N THR G 387 40.80 -31.81 1.22
CA THR G 387 39.93 -32.77 0.61
C THR G 387 38.64 -32.05 0.30
N HIS G 388 37.67 -32.71 -0.28
CA HIS G 388 36.48 -31.98 -0.61
C HIS G 388 35.47 -32.06 0.48
N SER G 389 35.13 -30.92 1.01
CA SER G 389 34.21 -30.84 2.11
C SER G 389 32.88 -30.26 1.69
N PHE G 390 31.83 -30.73 2.37
CA PHE G 390 30.44 -30.29 2.17
C PHE G 390 29.55 -30.64 3.36
N ASN G 391 28.31 -30.17 3.36
CA ASN G 391 27.41 -30.46 4.47
C ASN G 391 25.97 -30.77 4.04
N CYS G 392 25.47 -31.93 4.49
CA CYS G 392 24.09 -32.32 4.19
C CYS G 392 23.40 -32.80 5.44
N GLY G 393 22.23 -32.27 5.75
CA GLY G 393 21.51 -32.81 6.91
C GLY G 393 22.12 -32.29 8.20
N GLY G 394 23.08 -31.40 8.06
CA GLY G 394 23.82 -30.84 9.15
C GLY G 394 25.14 -31.57 9.37
N GLU G 395 25.34 -32.71 8.72
CA GLU G 395 26.58 -33.44 8.93
C GLU G 395 27.68 -32.90 8.05
N PHE G 396 28.89 -32.92 8.58
CA PHE G 396 30.06 -32.43 7.86
C PHE G 396 30.84 -33.55 7.21
N PHE G 397 30.83 -33.57 5.89
CA PHE G 397 31.42 -34.62 5.07
C PHE G 397 32.72 -34.19 4.47
N TYR G 398 33.63 -35.14 4.34
CA TYR G 398 34.89 -34.95 3.66
C TYR G 398 35.10 -36.07 2.64
N CYS G 399 35.52 -35.75 1.41
CA CYS G 399 35.73 -36.78 0.40
C CYS G 399 37.06 -36.72 -0.33
N ASN G 400 37.62 -37.90 -0.58
CA ASN G 400 38.86 -38.04 -1.33
C ASN G 400 38.59 -37.98 -2.81
N THR G 401 39.02 -36.90 -3.42
CA THR G 401 38.79 -36.61 -4.82
C THR G 401 39.99 -36.99 -5.67
N THR G 402 40.98 -37.62 -5.05
CA THR G 402 42.16 -38.00 -5.79
C THR G 402 41.79 -38.76 -7.05
N PRO G 403 40.90 -39.78 -7.05
CA PRO G 403 40.52 -40.55 -8.22
C PRO G 403 39.92 -39.72 -9.35
N LEU G 404 39.45 -38.51 -9.03
CA LEU G 404 38.86 -37.67 -10.04
C LEU G 404 39.93 -36.83 -10.73
N PHE G 405 41.02 -36.55 -10.02
CA PHE G 405 42.10 -35.72 -10.53
C PHE G 405 43.44 -36.40 -10.36
N ASN G 406 43.69 -37.42 -11.17
CA ASN G 406 44.92 -38.19 -11.01
C ASN G 406 45.53 -38.52 -12.36
N GLN G 423 30.48 -47.89 -15.57
CA GLN G 423 30.54 -48.04 -14.12
C GLN G 423 30.73 -46.72 -13.44
N ASN G 424 30.79 -46.73 -12.11
CA ASN G 424 31.02 -45.51 -11.36
C ASN G 424 32.42 -45.45 -10.77
N ILE G 425 32.82 -44.24 -10.50
CA ILE G 425 34.03 -43.94 -9.78
C ILE G 425 33.59 -43.83 -8.35
N THR G 426 34.18 -44.59 -7.44
CA THR G 426 33.74 -44.48 -6.05
C THR G 426 34.76 -43.76 -5.21
N LEU G 427 34.31 -42.76 -4.47
CA LEU G 427 35.19 -42.00 -3.62
C LEU G 427 34.93 -42.44 -2.20
N GLN G 428 35.97 -42.38 -1.39
CA GLN G 428 35.83 -42.70 0.02
C GLN G 428 35.69 -41.42 0.79
N CYS G 429 34.66 -41.37 1.62
CA CYS G 429 34.31 -40.21 2.40
C CYS G 429 34.20 -40.49 3.89
N ARG G 430 34.33 -39.43 4.69
CA ARG G 430 34.18 -39.52 6.14
C ARG G 430 33.33 -38.38 6.71
N ILE G 431 32.74 -38.62 7.87
CA ILE G 431 31.99 -37.59 8.60
C ILE G 431 32.73 -37.27 9.89
N LYS G 432 32.96 -35.98 10.18
CA LYS G 432 33.72 -35.65 11.41
C LYS G 432 33.14 -34.51 12.29
N GLN G 433 33.23 -34.70 13.62
CA GLN G 433 32.76 -33.78 14.68
C GLN G 433 33.51 -32.46 14.95
N ILE G 434 34.80 -32.37 14.64
CA ILE G 434 35.56 -31.14 14.90
C ILE G 434 36.00 -30.51 13.61
N ILE G 435 35.58 -29.27 13.39
CA ILE G 435 35.87 -28.58 12.15
C ILE G 435 36.43 -27.18 12.37
N ASN G 436 37.06 -26.62 11.34
CA ASN G 436 37.43 -25.21 11.39
C ASN G 436 36.29 -24.39 10.86
N MET G 437 36.24 -23.13 11.27
CA MET G 437 35.19 -22.25 10.78
C MET G 437 35.56 -21.52 9.50
N TRP G 438 34.56 -21.26 8.66
CA TRP G 438 34.74 -20.51 7.43
C TRP G 438 34.28 -19.08 7.62
N GLN G 439 33.68 -18.84 8.77
CA GLN G 439 33.09 -17.57 9.14
C GLN G 439 34.14 -16.58 9.61
N GLY G 440 35.30 -17.09 9.95
CA GLY G 440 36.40 -16.32 10.49
C GLY G 440 37.39 -17.30 11.07
N VAL G 441 38.43 -16.81 11.71
CA VAL G 441 39.39 -17.72 12.28
C VAL G 441 38.89 -18.23 13.60
N GLY G 442 38.85 -19.54 13.74
CA GLY G 442 38.41 -20.18 14.97
C GLY G 442 37.97 -21.60 14.68
N LYS G 443 37.61 -22.32 15.74
CA LYS G 443 37.16 -23.72 15.64
C LYS G 443 35.85 -24.01 16.30
N ALA G 444 35.20 -25.07 15.83
CA ALA G 444 33.95 -25.44 16.45
C ALA G 444 33.72 -26.94 16.48
N MET G 445 33.09 -27.36 17.56
CA MET G 445 32.69 -28.73 17.73
C MET G 445 31.20 -28.83 17.58
N TYR G 446 30.78 -29.81 16.82
CA TYR G 446 29.39 -30.13 16.62
C TYR G 446 29.08 -31.50 17.17
N ALA G 447 27.84 -31.72 17.55
CA ALA G 447 27.41 -32.99 18.09
C ALA G 447 27.69 -34.11 17.05
N PRO G 448 27.99 -35.36 17.49
CA PRO G 448 28.33 -36.54 16.70
C PRO G 448 27.15 -37.00 15.84
N PRO G 449 27.38 -37.87 14.82
CA PRO G 449 26.43 -38.38 13.84
C PRO G 449 25.33 -39.25 14.41
N ILE G 450 24.28 -39.40 13.61
CA ILE G 450 23.08 -40.13 13.98
C ILE G 450 22.92 -41.40 13.18
N ARG G 451 21.99 -42.25 13.62
CA ARG G 451 21.76 -43.52 12.96
C ARG G 451 20.73 -43.39 11.84
N GLY G 452 20.83 -44.29 10.87
CA GLY G 452 19.93 -44.38 9.72
C GLY G 452 20.71 -44.02 8.48
N GLN G 453 20.16 -44.29 7.31
CA GLN G 453 20.90 -43.98 6.10
C GLN G 453 20.86 -42.52 5.75
N ILE G 454 22.04 -42.00 5.45
CA ILE G 454 22.19 -40.59 5.10
C ILE G 454 22.57 -40.41 3.63
N ARG G 455 21.86 -39.55 2.92
CA ARG G 455 22.21 -39.32 1.51
C ARG G 455 22.18 -37.88 1.06
N CYS G 456 23.18 -37.53 0.23
CA CYS G 456 23.25 -36.25 -0.44
C CYS G 456 23.01 -36.57 -1.91
N SER G 457 22.40 -35.66 -2.61
CA SER G 457 22.21 -35.83 -4.05
C SER G 457 22.58 -34.54 -4.70
N SER G 458 23.60 -34.52 -5.52
CA SER G 458 23.98 -33.21 -6.03
C SER G 458 24.51 -33.15 -7.43
N ASN G 459 24.50 -31.93 -7.94
CA ASN G 459 24.97 -31.58 -9.28
C ASN G 459 26.32 -30.89 -9.25
N ILE G 460 27.31 -31.48 -9.86
CA ILE G 460 28.57 -30.79 -9.90
C ILE G 460 28.39 -29.80 -11.02
N THR G 461 28.49 -28.52 -10.70
CA THR G 461 28.27 -27.48 -11.69
C THR G 461 29.53 -26.69 -11.97
N GLY G 462 30.55 -26.85 -11.12
CA GLY G 462 31.78 -26.13 -11.36
C GLY G 462 32.94 -26.57 -10.50
N LEU G 463 34.09 -25.98 -10.76
CA LEU G 463 35.31 -26.31 -10.06
C LEU G 463 36.13 -25.11 -9.65
N LEU G 464 36.80 -25.20 -8.52
CA LEU G 464 37.76 -24.15 -8.19
C LEU G 464 39.14 -24.71 -8.37
N LEU G 465 39.82 -24.22 -9.37
CA LEU G 465 41.14 -24.75 -9.68
C LEU G 465 42.23 -23.73 -9.53
N THR G 466 43.42 -24.21 -9.27
CA THR G 466 44.58 -23.34 -9.32
C THR G 466 45.60 -23.96 -10.26
N ARG G 467 46.57 -23.17 -10.70
CA ARG G 467 47.60 -23.63 -11.62
C ARG G 467 49.00 -23.43 -11.05
N ASP G 468 49.91 -24.34 -11.36
CA ASP G 468 51.30 -24.23 -10.90
C ASP G 468 52.08 -23.10 -11.56
N GLY G 469 53.00 -22.52 -10.81
CA GLY G 469 53.85 -21.48 -11.34
C GLY G 469 55.14 -22.07 -11.87
N GLY G 470 56.14 -21.21 -12.08
CA GLY G 470 57.44 -21.60 -12.61
C GLY G 470 57.43 -22.96 -13.29
N THR G 476 54.29 -29.12 -20.52
CA THR G 476 53.29 -29.71 -19.68
C THR G 476 52.93 -28.76 -18.55
N GLU G 477 51.65 -28.74 -18.19
CA GLU G 477 51.17 -27.87 -17.12
C GLU G 477 50.30 -28.66 -16.15
N THR G 478 50.30 -28.23 -14.89
CA THR G 478 49.53 -28.90 -13.85
C THR G 478 48.53 -28.01 -13.12
N PHE G 479 47.33 -28.57 -12.99
CA PHE G 479 46.22 -27.94 -12.29
C PHE G 479 45.75 -28.82 -11.16
N ARG G 480 45.21 -28.22 -10.11
CA ARG G 480 44.62 -29.00 -9.01
C ARG G 480 43.45 -28.25 -8.38
N PRO G 481 42.50 -28.94 -7.75
CA PRO G 481 41.42 -28.40 -6.95
C PRO G 481 41.90 -27.72 -5.68
N GLY G 482 41.13 -26.74 -5.23
CA GLY G 482 41.35 -26.04 -3.97
C GLY G 482 40.15 -25.14 -3.71
N GLY G 483 40.23 -24.25 -2.72
CA GLY G 483 39.07 -23.41 -2.42
C GLY G 483 39.13 -22.98 -0.96
N GLY G 484 37.97 -22.60 -0.40
CA GLY G 484 37.92 -22.16 0.99
C GLY G 484 37.33 -20.77 1.20
N ASN G 485 37.19 -19.99 0.16
CA ASN G 485 36.63 -18.66 0.34
C ASN G 485 35.21 -18.65 -0.14
N MET G 486 34.27 -18.49 0.78
CA MET G 486 32.91 -18.56 0.34
C MET G 486 32.62 -17.40 -0.59
N ARG G 487 33.37 -16.30 -0.48
CA ARG G 487 33.17 -15.19 -1.39
C ARG G 487 33.42 -15.63 -2.82
N ASP G 488 34.36 -16.57 -3.04
CA ASP G 488 34.63 -17.00 -4.40
C ASP G 488 33.42 -17.77 -4.89
N ASN G 489 32.81 -18.51 -3.98
CA ASN G 489 31.67 -19.27 -4.39
C ASN G 489 30.53 -18.32 -4.74
N TRP G 490 30.38 -17.22 -3.98
CA TRP G 490 29.30 -16.30 -4.26
C TRP G 490 29.50 -15.61 -5.62
N ARG G 491 30.76 -15.26 -5.93
CA ARG G 491 31.05 -14.58 -7.17
C ARG G 491 30.64 -15.40 -8.37
N SER G 492 30.76 -16.70 -8.26
CA SER G 492 30.44 -17.56 -9.39
C SER G 492 28.99 -17.44 -9.80
N GLU G 493 28.10 -16.91 -8.94
CA GLU G 493 26.72 -16.73 -9.32
C GLU G 493 26.37 -15.24 -9.49
N LEU G 494 27.03 -14.37 -8.74
CA LEU G 494 26.70 -12.95 -8.79
C LEU G 494 27.40 -12.13 -9.87
N TYR G 495 28.33 -12.73 -10.61
CA TYR G 495 29.09 -12.05 -11.66
C TYR G 495 28.27 -11.38 -12.73
N LYS G 496 27.05 -11.81 -12.92
CA LYS G 496 26.25 -11.21 -13.96
C LYS G 496 25.57 -9.94 -13.54
N TYR G 497 25.62 -9.57 -12.25
CA TYR G 497 24.83 -8.43 -11.83
C TYR G 497 25.61 -7.28 -11.23
N LYS G 498 25.12 -6.06 -11.49
CA LYS G 498 25.65 -4.81 -10.92
C LYS G 498 24.51 -3.89 -10.46
N VAL G 499 24.69 -3.18 -9.35
CA VAL G 499 23.60 -2.29 -8.93
C VAL G 499 23.99 -0.84 -9.11
N VAL G 500 23.11 -0.09 -9.75
CA VAL G 500 23.33 1.30 -10.07
C VAL G 500 22.21 2.25 -9.67
N LYS G 501 22.56 3.51 -9.69
CA LYS G 501 21.68 4.64 -9.42
C LYS G 501 21.72 5.63 -10.58
N ILE G 502 20.68 6.45 -10.70
CA ILE G 502 20.63 7.46 -11.75
C ILE G 502 20.73 8.86 -11.22
N GLU G 503 21.59 9.64 -11.86
CA GLU G 503 21.77 11.03 -11.53
C GLU G 503 21.22 11.89 -12.67
N PRO G 504 19.94 12.26 -12.65
CA PRO G 504 19.20 12.84 -13.77
C PRO G 504 19.46 14.31 -13.97
N LEU G 505 20.71 14.68 -14.16
CA LEU G 505 21.06 16.08 -14.35
C LEU G 505 22.34 16.19 -15.12
N GLY G 506 22.33 16.93 -16.22
CA GLY G 506 23.56 17.08 -16.96
C GLY G 506 23.73 18.42 -17.62
N ILE G 507 24.92 18.61 -18.15
CA ILE G 507 25.36 19.83 -18.78
C ILE G 507 25.84 19.57 -20.19
N ALA G 508 25.53 20.45 -21.10
CA ALA G 508 25.99 20.30 -22.45
C ALA G 508 26.20 21.67 -23.03
N PRO G 509 27.06 21.84 -24.04
CA PRO G 509 27.20 23.06 -24.76
C PRO G 509 25.99 23.23 -25.63
N THR G 510 25.58 24.45 -25.83
CA THR G 510 24.48 24.75 -26.72
C THR G 510 24.69 25.99 -27.51
N ALA G 511 23.65 26.38 -28.23
CA ALA G 511 23.72 27.53 -29.10
C ALA G 511 22.51 28.46 -28.90
N CYS G 512 22.28 28.88 -27.66
CA CYS G 512 21.21 29.78 -27.29
C CYS G 512 21.69 30.64 -26.15
N LYS G 513 21.00 31.74 -25.91
CA LYS G 513 21.36 32.51 -24.71
C LYS G 513 20.13 32.98 -23.93
N ARG G 514 20.32 33.10 -22.63
CA ARG G 514 19.34 33.63 -21.72
C ARG G 514 19.19 35.11 -21.95
N ARG G 515 17.96 35.60 -21.96
CA ARG G 515 17.76 37.03 -22.09
C ARG G 515 18.06 37.68 -20.77
N VAL G 516 18.89 38.71 -20.79
CA VAL G 516 19.25 39.42 -19.59
C VAL G 516 19.13 40.91 -19.85
N ILE H 8 10.53 6.64 -13.28
CA ILE H 8 11.24 6.97 -14.50
C ILE H 8 11.86 8.34 -14.44
N LEU H 9 13.14 8.41 -14.13
CA LEU H 9 13.81 9.71 -14.16
C LEU H 9 14.26 10.03 -15.56
N GLY H 10 14.49 8.99 -16.36
CA GLY H 10 14.96 9.14 -17.73
C GLY H 10 13.79 9.51 -18.60
N PHE H 11 13.34 10.73 -18.46
CA PHE H 11 12.14 11.23 -19.09
C PHE H 11 12.18 11.06 -20.58
N LEU H 12 13.34 11.23 -21.19
CA LEU H 12 13.44 11.09 -22.63
C LEU H 12 13.93 9.72 -23.09
N GLY H 13 14.30 8.82 -22.18
CA GLY H 13 14.73 7.50 -22.61
C GLY H 13 16.02 7.47 -23.44
N ALA H 14 16.97 8.36 -23.16
CA ALA H 14 18.17 8.42 -24.00
C ALA H 14 19.25 7.36 -23.75
N ALA H 15 19.19 6.53 -22.71
CA ALA H 15 20.29 5.58 -22.67
C ALA H 15 20.16 4.73 -23.93
N GLY H 16 21.26 4.50 -24.63
CA GLY H 16 21.21 3.70 -25.85
C GLY H 16 21.14 4.49 -27.16
N SER H 17 20.99 5.82 -27.11
CA SER H 17 20.95 6.62 -28.34
C SER H 17 21.62 7.97 -28.14
N THR H 18 21.94 8.68 -29.23
CA THR H 18 22.64 9.92 -29.00
C THR H 18 21.68 11.03 -28.59
N MET H 19 22.27 12.09 -28.07
CA MET H 19 21.51 13.20 -27.54
C MET H 19 20.64 13.90 -28.55
N GLY H 20 21.12 14.04 -29.77
CA GLY H 20 20.35 14.70 -30.81
C GLY H 20 19.05 13.95 -31.04
N ALA H 21 19.17 12.64 -31.19
CA ALA H 21 18.00 11.81 -31.41
C ALA H 21 17.02 11.92 -30.28
N ALA H 22 17.53 11.99 -29.05
CA ALA H 22 16.65 12.07 -27.90
C ALA H 22 15.81 13.35 -27.93
N SER H 23 16.41 14.46 -28.35
CA SER H 23 15.65 15.70 -28.38
C SER H 23 14.57 15.62 -29.45
N MET H 24 14.89 15.00 -30.58
CA MET H 24 13.88 14.90 -31.62
C MET H 24 12.73 14.02 -31.18
N ALA H 25 13.07 12.95 -30.48
CA ALA H 25 12.08 12.02 -30.00
C ALA H 25 11.12 12.70 -29.05
N LEU H 26 11.64 13.60 -28.22
CA LEU H 26 10.80 14.30 -27.25
C LEU H 26 9.79 15.13 -27.97
N THR H 27 10.22 15.89 -28.95
CA THR H 27 9.26 16.75 -29.59
C THR H 27 8.10 15.92 -30.13
N VAL H 28 8.40 14.79 -30.76
CA VAL H 28 7.34 13.99 -31.34
C VAL H 28 6.44 13.39 -30.29
N GLN H 29 7.01 12.84 -29.25
CA GLN H 29 6.17 12.21 -28.28
C GLN H 29 5.35 13.19 -27.51
N ALA H 30 5.88 14.37 -27.23
CA ALA H 30 5.11 15.31 -26.47
C ALA H 30 3.87 15.69 -27.23
N ARG H 31 4.02 15.82 -28.54
CA ARG H 31 2.89 16.15 -29.37
C ARG H 31 1.82 15.07 -29.31
N LEU H 32 2.22 13.81 -29.40
CA LEU H 32 1.26 12.72 -29.40
C LEU H 32 0.53 12.64 -28.07
N LEU H 33 1.25 12.88 -26.99
CA LEU H 33 0.65 12.80 -25.67
C LEU H 33 -0.36 13.89 -25.43
N LEU H 34 -0.08 15.10 -25.85
CA LEU H 34 -1.02 16.18 -25.70
C LEU H 34 -2.21 15.99 -26.60
N SER H 35 -1.95 15.43 -27.77
CA SER H 35 -2.96 15.22 -28.78
C SER H 35 -3.87 14.05 -28.42
N GLY H 36 -3.38 13.11 -27.61
CA GLY H 36 -4.20 11.96 -27.24
C GLY H 36 -4.17 10.87 -28.30
N ILE H 37 -3.10 10.83 -29.07
CA ILE H 37 -2.97 9.85 -30.12
C ILE H 37 -2.44 8.54 -29.57
N GLN H 56 1.65 -11.92 -1.93
CA GLN H 56 2.61 -11.42 -2.92
C GLN H 56 2.07 -10.21 -3.61
N LEU H 57 0.77 -10.15 -3.75
CA LEU H 57 0.16 -9.06 -4.50
C LEU H 57 -0.07 -7.84 -3.62
N THR H 58 0.25 -8.01 -2.35
CA THR H 58 0.19 -6.95 -1.37
C THR H 58 1.60 -6.43 -1.13
N VAL H 59 2.55 -7.36 -1.04
CA VAL H 59 3.94 -7.03 -0.77
C VAL H 59 4.57 -6.31 -1.92
N TRP H 60 4.39 -6.85 -3.11
CA TRP H 60 4.97 -6.25 -4.25
C TRP H 60 4.11 -5.08 -4.66
N GLY H 61 2.84 -5.09 -4.25
CA GLY H 61 1.91 -4.01 -4.52
C GLY H 61 2.45 -2.75 -3.85
N ILE H 62 2.77 -2.86 -2.56
CA ILE H 62 3.27 -1.72 -1.85
C ILE H 62 4.64 -1.32 -2.37
N LYS H 63 5.54 -2.27 -2.61
CA LYS H 63 6.87 -1.87 -3.08
C LYS H 63 6.80 -1.11 -4.40
N GLN H 64 5.89 -1.50 -5.29
CA GLN H 64 5.75 -0.81 -6.55
C GLN H 64 5.38 0.64 -6.32
N LEU H 65 4.54 0.93 -5.32
CA LEU H 65 4.19 2.32 -5.08
C LEU H 65 5.29 3.05 -4.37
N GLN H 66 6.03 2.39 -3.47
CA GLN H 66 7.05 3.12 -2.73
C GLN H 66 8.06 3.71 -3.68
N ALA H 67 8.35 2.95 -4.73
CA ALA H 67 9.26 3.39 -5.76
C ALA H 67 8.78 4.63 -6.49
N ARG H 68 7.47 4.76 -6.69
CA ARG H 68 6.94 5.87 -7.44
C ARG H 68 6.90 7.10 -6.57
N VAL H 69 6.59 6.91 -5.30
CA VAL H 69 6.48 8.03 -4.42
C VAL H 69 7.86 8.66 -4.25
N LEU H 70 8.90 7.83 -4.10
CA LEU H 70 10.25 8.39 -4.00
C LEU H 70 10.60 9.16 -5.23
N ALA H 71 10.33 8.60 -6.41
CA ALA H 71 10.69 9.30 -7.61
C ALA H 71 9.97 10.65 -7.71
N VAL H 72 8.71 10.70 -7.30
CA VAL H 72 8.00 11.96 -7.35
C VAL H 72 8.65 12.95 -6.45
N GLU H 73 8.97 12.53 -5.24
CA GLU H 73 9.56 13.48 -4.34
C GLU H 73 10.89 14.02 -4.85
N ARG H 74 11.73 13.18 -5.44
CA ARG H 74 12.97 13.72 -5.94
C ARG H 74 12.69 14.68 -7.05
N TYR H 75 11.73 14.37 -7.91
CA TYR H 75 11.41 15.28 -8.98
C TYR H 75 10.97 16.63 -8.49
N LEU H 76 10.03 16.65 -7.55
CA LEU H 76 9.52 17.93 -7.14
C LEU H 76 10.61 18.71 -6.46
N ARG H 77 11.42 18.04 -5.68
CA ARG H 77 12.50 18.69 -5.00
C ARG H 77 13.45 19.33 -5.99
N ASP H 78 13.88 18.57 -6.98
CA ASP H 78 14.86 19.07 -7.92
C ASP H 78 14.31 20.25 -8.69
N GLN H 79 13.03 20.23 -8.99
CA GLN H 79 12.50 21.34 -9.71
C GLN H 79 12.60 22.63 -8.97
N GLN H 80 12.59 22.64 -7.65
CA GLN H 80 12.77 23.94 -7.01
C GLN H 80 14.23 24.18 -6.62
N LEU H 81 15.02 23.12 -6.47
CA LEU H 81 16.42 23.31 -6.11
C LEU H 81 17.12 24.06 -7.20
N LEU H 82 16.70 23.81 -8.43
CA LEU H 82 17.27 24.40 -9.62
C LEU H 82 17.09 25.90 -9.69
N GLY H 83 16.30 26.46 -8.79
CA GLY H 83 16.16 27.89 -8.77
C GLY H 83 17.47 28.55 -8.41
N ILE H 84 18.39 27.82 -7.77
CA ILE H 84 19.67 28.40 -7.39
C ILE H 84 20.48 28.86 -8.60
N TRP H 85 20.23 28.26 -9.76
CA TRP H 85 20.90 28.62 -11.00
C TRP H 85 19.94 29.38 -11.90
N GLY H 86 18.77 29.71 -11.38
CA GLY H 86 17.72 30.37 -12.14
C GLY H 86 16.94 29.44 -13.04
N CYS H 87 16.92 28.14 -12.75
CA CYS H 87 16.27 27.19 -13.63
C CYS H 87 15.17 26.41 -12.96
N SER H 88 14.47 26.98 -11.99
CA SER H 88 13.39 26.22 -11.37
C SER H 88 12.20 26.05 -12.28
N GLY H 89 11.47 24.96 -12.06
CA GLY H 89 10.23 24.72 -12.78
C GLY H 89 10.51 24.39 -14.23
N LYS H 90 11.68 23.81 -14.51
CA LYS H 90 12.09 23.53 -15.86
C LYS H 90 12.81 22.23 -16.05
N ILE H 91 12.63 21.71 -17.24
CA ILE H 91 13.34 20.54 -17.68
C ILE H 91 14.61 20.99 -18.41
N ILE H 92 14.47 22.03 -19.22
CA ILE H 92 15.57 22.54 -20.02
C ILE H 92 15.79 24.00 -19.67
N CYS H 93 17.02 24.39 -19.39
CA CYS H 93 17.26 25.79 -19.04
C CYS H 93 18.54 26.42 -19.64
N CYS H 94 18.32 27.49 -20.40
CA CYS H 94 19.37 28.20 -21.14
C CYS H 94 20.00 29.24 -20.21
N THR H 95 21.32 29.42 -20.33
CA THR H 95 22.16 30.30 -19.49
C THR H 95 22.70 31.59 -20.07
N ASN H 96 23.45 32.31 -19.23
CA ASN H 96 24.20 33.50 -19.64
C ASN H 96 25.69 33.29 -19.33
N VAL H 97 26.05 32.04 -19.10
CA VAL H 97 27.43 31.64 -18.86
C VAL H 97 27.94 30.97 -20.11
N PRO H 98 28.98 31.50 -20.74
CA PRO H 98 29.53 31.03 -21.98
C PRO H 98 30.23 29.73 -21.72
N TRP H 99 30.34 28.92 -22.74
CA TRP H 99 31.07 27.69 -22.64
C TRP H 99 32.56 27.96 -22.71
N ASN H 100 33.31 27.32 -21.86
CA ASN H 100 34.75 27.42 -21.91
C ASN H 100 35.24 26.28 -22.74
N ASP H 101 35.83 26.56 -23.89
CA ASP H 101 36.26 25.52 -24.81
C ASP H 101 37.25 24.54 -24.21
N SER H 102 37.93 24.94 -23.14
CA SER H 102 38.92 24.10 -22.49
C SER H 102 38.27 22.87 -21.87
N TRP H 103 36.96 22.93 -21.69
CA TRP H 103 36.21 21.86 -21.12
C TRP H 103 35.85 20.79 -22.14
N SER H 104 36.05 21.05 -23.43
CA SER H 104 35.65 20.08 -24.45
C SER H 104 36.41 20.16 -25.78
N ASN H 105 36.55 21.36 -26.31
CA ASN H 105 37.19 21.59 -27.62
C ASN H 105 36.57 20.78 -28.76
N LYS H 106 35.24 20.70 -28.75
CA LYS H 106 34.43 20.01 -29.77
C LYS H 106 33.30 20.88 -30.27
N THR H 107 32.73 20.51 -31.41
CA THR H 107 31.63 21.31 -31.96
C THR H 107 30.30 20.82 -31.42
N ILE H 108 29.26 21.62 -31.67
CA ILE H 108 27.92 21.27 -31.24
C ILE H 108 27.44 20.00 -31.90
N ASN H 109 27.68 19.83 -33.20
CA ASN H 109 27.19 18.61 -33.80
C ASN H 109 28.02 17.41 -33.42
N GLU H 110 29.29 17.58 -33.11
CA GLU H 110 30.04 16.40 -32.75
C GLU H 110 29.49 15.82 -31.48
N ILE H 111 29.14 16.69 -30.55
CA ILE H 111 28.62 16.23 -29.30
C ILE H 111 27.18 15.79 -29.40
N TRP H 112 26.32 16.61 -29.97
CA TRP H 112 24.94 16.26 -29.99
C TRP H 112 24.57 15.14 -30.94
N ASP H 113 25.30 14.98 -32.04
CA ASP H 113 24.90 13.93 -32.94
C ASP H 113 25.57 12.60 -32.64
N ASN H 114 26.82 12.59 -32.16
CA ASN H 114 27.50 11.31 -31.97
C ASN H 114 27.56 10.77 -30.55
N MET H 115 27.34 11.58 -29.52
CA MET H 115 27.49 11.04 -28.18
C MET H 115 26.18 10.84 -27.45
N THR H 116 26.16 9.81 -26.61
CA THR H 116 25.05 9.53 -25.72
C THR H 116 25.24 10.38 -24.48
N TRP H 117 24.24 10.49 -23.63
CA TRP H 117 24.43 11.29 -22.44
C TRP H 117 25.49 10.70 -21.54
N MET H 118 25.57 9.38 -21.48
CA MET H 118 26.58 8.77 -20.64
C MET H 118 27.96 9.06 -21.17
N GLN H 119 28.14 8.98 -22.46
CA GLN H 119 29.46 9.25 -22.97
C GLN H 119 29.83 10.69 -22.73
N TRP H 120 28.86 11.56 -22.92
CA TRP H 120 29.11 12.95 -22.75
C TRP H 120 29.43 13.33 -21.32
N GLU H 121 28.62 12.91 -20.37
CA GLU H 121 28.93 13.29 -19.02
C GLU H 121 30.26 12.72 -18.60
N LYS H 122 30.59 11.51 -19.07
CA LYS H 122 31.87 10.97 -18.67
C LYS H 122 32.99 11.83 -19.23
N GLU H 123 32.87 12.30 -20.47
CA GLU H 123 33.88 13.14 -21.07
C GLU H 123 34.18 14.39 -20.26
N ILE H 124 33.16 14.99 -19.67
CA ILE H 124 33.33 16.21 -18.89
C ILE H 124 33.12 16.03 -17.39
N ASP H 125 33.30 14.81 -16.90
CA ASP H 125 32.99 14.51 -15.50
C ASP H 125 33.77 15.35 -14.49
N ASN H 126 34.99 15.80 -14.81
CA ASN H 126 35.76 16.54 -13.83
C ASN H 126 35.62 18.06 -13.86
N TYR H 127 34.66 18.59 -14.62
CA TYR H 127 34.49 20.04 -14.64
C TYR H 127 33.18 20.43 -14.02
N THR H 128 32.47 19.45 -13.50
CA THR H 128 31.14 19.64 -12.98
C THR H 128 31.03 20.63 -11.87
N GLN H 129 31.94 20.59 -10.92
CA GLN H 129 31.82 21.49 -9.82
C GLN H 129 32.17 22.89 -10.25
N HIS H 130 33.09 22.98 -11.19
CA HIS H 130 33.48 24.28 -11.67
C HIS H 130 32.28 24.90 -12.34
N ILE H 131 31.63 24.14 -13.20
CA ILE H 131 30.50 24.66 -13.93
C ILE H 131 29.37 25.01 -13.02
N TYR H 132 29.04 24.15 -12.07
CA TYR H 132 27.93 24.44 -11.21
C TYR H 132 28.21 25.71 -10.44
N THR H 133 29.45 25.90 -10.00
CA THR H 133 29.80 27.09 -9.28
C THR H 133 29.54 28.31 -10.12
N LEU H 134 29.95 28.26 -11.37
CA LEU H 134 29.77 29.41 -12.22
C LEU H 134 28.31 29.71 -12.43
N LEU H 135 27.48 28.69 -12.55
CA LEU H 135 26.07 28.94 -12.77
C LEU H 135 25.47 29.65 -11.57
N GLU H 136 25.87 29.24 -10.37
CA GLU H 136 25.35 29.91 -9.19
C GLU H 136 25.79 31.34 -9.17
N VAL H 137 27.05 31.59 -9.51
CA VAL H 137 27.55 32.94 -9.47
C VAL H 137 26.82 33.83 -10.42
N SER H 138 26.58 33.34 -11.62
CA SER H 138 25.88 34.15 -12.58
C SER H 138 24.51 34.51 -12.09
N GLN H 139 23.80 33.54 -11.50
CA GLN H 139 22.47 33.83 -11.03
C GLN H 139 22.49 34.85 -9.93
N ILE H 140 23.48 34.79 -9.07
CA ILE H 140 23.55 35.76 -8.02
C ILE H 140 23.75 37.13 -8.58
N GLN H 141 24.67 37.27 -9.52
CA GLN H 141 24.92 38.59 -10.05
C GLN H 141 23.70 39.16 -10.74
N GLN H 142 22.96 38.33 -11.46
CA GLN H 142 21.82 38.92 -12.12
C GLN H 142 20.76 39.37 -11.13
N GLU H 143 20.54 38.60 -10.07
CA GLU H 143 19.53 38.99 -9.10
C GLU H 143 19.90 40.29 -8.45
N LYS H 144 21.19 40.45 -8.19
CA LYS H 144 21.67 41.66 -7.59
C LYS H 144 21.40 42.81 -8.52
N ASN H 145 21.72 42.65 -9.79
CA ASN H 145 21.59 43.74 -10.71
C ASN H 145 20.15 44.16 -10.85
N GLU H 146 19.22 43.20 -10.83
CA GLU H 146 17.83 43.55 -10.99
C GLU H 146 17.27 44.28 -9.77
N GLN H 147 17.67 43.86 -8.58
CA GLN H 147 17.14 44.54 -7.41
C GLN H 147 17.70 45.93 -7.22
N GLU H 148 18.86 46.20 -7.81
CA GLU H 148 19.45 47.54 -7.76
C GLU H 148 18.62 48.56 -8.53
N LEU H 149 17.73 48.12 -9.40
CA LEU H 149 16.93 49.01 -10.19
C LEU H 149 15.53 49.16 -9.61
N LYS I 21 65.88 -4.80 -0.73
CA LYS I 21 65.05 -5.78 -0.05
C LYS I 21 65.45 -5.94 1.40
N LYS I 22 64.60 -6.60 2.17
CA LYS I 22 64.92 -6.91 3.55
C LYS I 22 65.60 -8.26 3.59
N VAL I 23 66.61 -8.45 4.42
CA VAL I 23 67.22 -9.77 4.47
C VAL I 23 67.19 -10.37 5.86
N VAL I 24 66.64 -11.57 5.93
CA VAL I 24 66.55 -12.34 7.14
C VAL I 24 67.05 -13.76 6.84
N LEU I 25 68.36 -13.90 6.65
CA LEU I 25 68.88 -15.17 6.17
C LEU I 25 69.47 -16.02 7.28
N GLY I 26 68.90 -17.20 7.47
CA GLY I 26 69.34 -18.14 8.50
C GLY I 26 70.20 -19.23 7.88
N LYS I 27 70.48 -20.26 8.67
CA LYS I 27 71.31 -21.37 8.24
C LYS I 27 70.60 -22.71 8.31
N LYS I 28 71.17 -23.71 7.66
CA LYS I 28 70.61 -25.05 7.68
C LYS I 28 70.41 -25.53 9.11
N GLY I 29 69.21 -26.01 9.38
CA GLY I 29 68.82 -26.53 10.68
C GLY I 29 68.04 -25.53 11.52
N ASP I 30 67.96 -24.29 11.07
CA ASP I 30 67.24 -23.28 11.83
C ASP I 30 65.74 -23.29 11.62
N THR I 31 65.09 -22.40 12.35
CA THR I 31 63.69 -22.13 12.21
C THR I 31 63.62 -20.63 12.09
N VAL I 32 62.90 -20.13 11.11
CA VAL I 32 62.82 -18.70 10.96
C VAL I 32 61.41 -18.19 10.84
N GLU I 33 61.22 -16.93 11.19
CA GLU I 33 59.93 -16.31 11.04
C GLU I 33 60.04 -14.92 10.44
N LEU I 34 59.25 -14.73 9.41
CA LEU I 34 59.15 -13.49 8.66
C LEU I 34 57.78 -12.92 8.81
N THR I 35 57.63 -11.60 8.94
CA THR I 35 56.26 -11.11 9.01
C THR I 35 55.90 -10.16 7.89
N CYS I 36 54.84 -10.51 7.20
CA CYS I 36 54.30 -9.67 6.15
C CYS I 36 53.17 -8.87 6.75
N THR I 37 52.98 -7.62 6.35
CA THR I 37 51.89 -6.92 6.98
C THR I 37 50.95 -6.21 6.05
N ALA I 38 49.74 -6.05 6.56
CA ALA I 38 48.68 -5.28 5.95
C ALA I 38 48.44 -4.04 6.78
N SER I 39 48.08 -2.93 6.14
CA SER I 39 47.77 -1.76 6.93
C SER I 39 46.29 -1.69 7.34
N GLN I 40 45.40 -2.37 6.62
CA GLN I 40 43.98 -2.24 6.94
C GLN I 40 43.40 -3.24 7.95
N LYS I 41 44.20 -4.23 8.37
CA LYS I 41 43.75 -5.26 9.31
C LYS I 41 42.48 -6.00 8.86
N LYS I 42 42.42 -6.40 7.59
CA LYS I 42 41.24 -7.09 7.05
C LYS I 42 41.35 -8.60 6.87
N SER I 43 42.42 -9.21 7.38
CA SER I 43 42.63 -10.65 7.18
C SER I 43 42.52 -10.97 5.72
N ILE I 44 43.16 -10.14 4.94
CA ILE I 44 43.17 -10.18 3.52
C ILE I 44 43.82 -11.44 3.02
N GLN I 45 43.30 -11.93 1.92
CA GLN I 45 43.88 -13.10 1.31
C GLN I 45 45.21 -12.68 0.81
N PHE I 46 46.17 -13.56 0.88
CA PHE I 46 47.47 -13.19 0.40
C PHE I 46 48.22 -14.41 0.02
N HIS I 47 49.25 -14.22 -0.78
CA HIS I 47 50.08 -15.38 -1.06
C HIS I 47 51.56 -15.08 -1.05
N TRP I 48 52.28 -15.98 -0.40
CA TRP I 48 53.72 -15.98 -0.31
C TRP I 48 54.30 -16.80 -1.44
N LYS I 49 55.19 -16.18 -2.22
CA LYS I 49 55.83 -16.84 -3.35
C LYS I 49 57.35 -16.71 -3.39
N ASN I 50 58.02 -17.68 -4.01
CA ASN I 50 59.47 -17.58 -4.24
C ASN I 50 59.79 -16.85 -5.56
N SER I 51 61.08 -16.74 -5.92
CA SER I 51 61.48 -16.03 -7.14
C SER I 51 61.11 -16.75 -8.41
N ASN I 52 60.75 -18.02 -8.29
CA ASN I 52 60.33 -18.84 -9.41
C ASN I 52 58.81 -18.89 -9.46
N GLN I 53 58.19 -18.00 -8.70
CA GLN I 53 56.76 -17.84 -8.62
C GLN I 53 55.99 -19.07 -8.25
N ILE I 54 56.49 -19.80 -7.29
CA ILE I 54 55.79 -20.97 -6.81
C ILE I 54 55.05 -20.55 -5.58
N LYS I 55 53.75 -20.85 -5.54
CA LYS I 55 52.97 -20.51 -4.37
C LYS I 55 53.44 -21.40 -3.25
N ILE I 56 53.73 -20.80 -2.12
CA ILE I 56 54.18 -21.56 -0.98
C ILE I 56 53.13 -21.64 0.09
N LEU I 57 52.68 -20.46 0.51
CA LEU I 57 51.76 -20.35 1.64
C LEU I 57 50.83 -19.17 1.49
N GLY I 58 49.55 -19.36 1.79
CA GLY I 58 48.68 -18.19 1.76
C GLY I 58 47.42 -18.32 2.56
N ASN I 59 46.63 -17.29 2.47
CA ASN I 59 45.37 -17.16 3.17
C ASN I 59 44.26 -17.19 2.18
N GLN I 60 43.48 -18.27 2.22
CA GLN I 60 42.37 -18.50 1.31
C GLN I 60 41.11 -18.56 2.15
N GLY I 61 40.24 -17.60 2.00
CA GLY I 61 39.10 -17.59 2.91
C GLY I 61 39.66 -17.41 4.33
N SER I 62 39.28 -18.31 5.25
CA SER I 62 39.73 -18.27 6.65
C SER I 62 40.74 -19.39 6.88
N PHE I 63 41.09 -20.09 5.81
CA PHE I 63 41.89 -21.30 5.88
C PHE I 63 43.33 -21.15 5.43
N LEU I 64 44.18 -22.00 5.96
CA LEU I 64 45.56 -22.00 5.54
C LEU I 64 45.73 -22.90 4.33
N THR I 65 46.22 -22.30 3.26
CA THR I 65 46.41 -23.01 2.00
C THR I 65 47.88 -23.11 1.66
N LYS I 66 48.32 -24.29 1.28
CA LYS I 66 49.70 -24.45 0.92
C LYS I 66 49.85 -24.70 -0.55
N GLY I 67 51.00 -24.37 -1.11
CA GLY I 67 51.21 -24.68 -2.52
C GLY I 67 52.21 -25.83 -2.62
N PRO I 68 52.53 -26.27 -3.83
CA PRO I 68 53.44 -27.38 -4.13
C PRO I 68 54.89 -26.94 -4.05
N SER I 69 55.26 -26.47 -2.89
CA SER I 69 56.58 -25.97 -2.60
C SER I 69 57.41 -26.97 -1.86
N LYS I 70 58.71 -26.79 -1.89
CA LYS I 70 59.60 -27.64 -1.12
C LYS I 70 59.37 -27.42 0.37
N LEU I 71 58.76 -26.29 0.69
CA LEU I 71 58.43 -25.88 2.04
C LEU I 71 57.03 -26.37 2.45
N ASN I 72 56.34 -27.10 1.56
CA ASN I 72 54.98 -27.56 1.83
C ASN I 72 54.88 -28.40 3.11
N ASP I 73 55.92 -29.15 3.40
CA ASP I 73 55.93 -30.00 4.57
C ASP I 73 56.60 -29.34 5.80
N ARG I 74 57.02 -28.09 5.67
CA ARG I 74 57.72 -27.40 6.75
C ARG I 74 57.17 -26.06 7.23
N ALA I 75 56.55 -25.31 6.34
CA ALA I 75 56.06 -23.98 6.65
C ALA I 75 54.72 -23.94 7.38
N ASP I 76 54.52 -22.87 8.18
CA ASP I 76 53.26 -22.61 8.87
C ASP I 76 53.03 -21.10 9.11
N SER I 77 51.91 -20.73 9.72
CA SER I 77 51.58 -19.33 10.01
C SER I 77 50.94 -19.18 11.39
N ARG I 78 50.37 -18.01 11.64
CA ARG I 78 49.71 -17.72 12.92
C ARG I 78 48.34 -17.17 12.61
N ARG I 79 47.37 -18.05 12.58
CA ARG I 79 46.05 -17.70 12.09
C ARG I 79 45.38 -16.57 12.85
N SER I 80 45.59 -16.51 14.15
CA SER I 80 44.93 -15.51 14.97
C SER I 80 45.43 -14.11 14.73
N LEU I 81 46.55 -13.99 14.03
CA LEU I 81 47.14 -12.70 13.75
C LEU I 81 46.68 -12.14 12.45
N TRP I 82 45.94 -12.93 11.68
CA TRP I 82 45.53 -12.45 10.38
C TRP I 82 44.58 -11.27 10.57
N ASP I 83 43.86 -11.27 11.69
CA ASP I 83 42.89 -10.23 12.04
C ASP I 83 43.55 -8.93 12.42
N GLN I 84 44.85 -8.95 12.65
CA GLN I 84 45.59 -7.76 13.01
C GLN I 84 46.41 -7.30 11.82
N GLY I 85 46.23 -7.96 10.68
CA GLY I 85 46.98 -7.62 9.49
C GLY I 85 48.38 -8.20 9.53
N ASN I 86 48.62 -9.18 10.38
CA ASN I 86 49.94 -9.75 10.49
C ASN I 86 49.92 -11.13 9.92
N PHE I 87 50.76 -11.35 8.94
CA PHE I 87 50.80 -12.60 8.26
C PHE I 87 52.19 -13.19 8.32
N PRO I 88 52.60 -13.74 9.47
CA PRO I 88 53.87 -14.31 9.68
C PRO I 88 54.00 -15.58 8.92
N LEU I 89 55.20 -15.90 8.54
CA LEU I 89 55.49 -17.14 7.90
C LEU I 89 56.65 -17.81 8.57
N ILE I 90 56.37 -19.00 9.07
CA ILE I 90 57.35 -19.75 9.83
C ILE I 90 57.86 -20.93 9.07
N ILE I 91 59.17 -21.04 8.92
CA ILE I 91 59.74 -22.21 8.26
C ILE I 91 60.54 -23.05 9.21
N LYS I 92 60.05 -24.25 9.46
CA LYS I 92 60.74 -25.12 10.38
C LYS I 92 61.73 -25.95 9.61
N ASN I 93 62.81 -26.38 10.24
CA ASN I 93 63.75 -27.25 9.54
C ASN I 93 64.20 -26.64 8.23
N LEU I 94 64.65 -25.39 8.31
CA LEU I 94 65.14 -24.59 7.21
C LEU I 94 66.41 -25.17 6.64
N LYS I 95 66.53 -25.19 5.32
CA LYS I 95 67.77 -25.66 4.71
C LYS I 95 68.45 -24.47 4.02
N ILE I 96 69.77 -24.51 3.88
CA ILE I 96 70.46 -23.43 3.18
C ILE I 96 70.07 -23.41 1.70
N GLU I 97 69.68 -24.57 1.19
CA GLU I 97 69.22 -24.74 -0.18
C GLU I 97 67.91 -23.99 -0.43
N ASP I 98 67.23 -23.53 0.63
CA ASP I 98 65.98 -22.80 0.51
C ASP I 98 66.29 -21.30 0.37
N SER I 99 67.59 -20.94 0.37
CA SER I 99 67.94 -19.54 0.27
C SER I 99 67.46 -19.01 -1.06
N ASP I 100 66.63 -17.99 -0.95
CA ASP I 100 65.94 -17.37 -2.08
C ASP I 100 65.32 -16.07 -1.63
N THR I 101 64.65 -15.39 -2.54
CA THR I 101 63.89 -14.26 -2.06
C THR I 101 62.45 -14.60 -2.30
N TYR I 102 61.62 -14.01 -1.48
CA TYR I 102 60.22 -14.29 -1.52
C TYR I 102 59.37 -13.04 -1.44
N ILE I 103 58.16 -13.12 -1.96
CA ILE I 103 57.26 -11.97 -1.96
C ILE I 103 56.04 -12.10 -1.07
N CYS I 104 55.82 -11.05 -0.29
CA CYS I 104 54.65 -10.89 0.56
C CYS I 104 53.53 -10.26 -0.22
N GLU I 105 52.75 -11.02 -0.97
CA GLU I 105 51.75 -10.32 -1.75
C GLU I 105 50.51 -10.07 -0.94
N VAL I 106 50.62 -9.09 -0.07
CA VAL I 106 49.61 -8.68 0.88
C VAL I 106 49.10 -7.29 0.55
N GLU I 107 47.82 -7.19 0.24
CA GLU I 107 47.18 -5.93 -0.18
C GLU I 107 47.80 -5.39 -1.47
N ASP I 108 48.30 -4.16 -1.46
CA ASP I 108 48.87 -3.55 -2.66
C ASP I 108 50.35 -3.84 -2.81
N GLN I 109 51.00 -3.98 -1.68
CA GLN I 109 52.43 -4.18 -1.56
C GLN I 109 52.86 -5.52 -2.09
N LYS I 110 54.12 -5.60 -2.49
CA LYS I 110 54.71 -6.82 -2.98
C LYS I 110 56.08 -6.87 -2.36
N GLU I 111 56.13 -6.87 -1.03
CA GLU I 111 57.41 -6.74 -0.34
C GLU I 111 58.32 -7.92 -0.60
N GLU I 112 59.58 -7.63 -0.89
CA GLU I 112 60.56 -8.68 -1.12
C GLU I 112 61.48 -8.85 0.06
N VAL I 113 61.58 -10.09 0.52
CA VAL I 113 62.45 -10.39 1.62
C VAL I 113 63.29 -11.62 1.30
N GLN I 114 64.56 -11.59 1.64
CA GLN I 114 65.44 -12.73 1.48
C GLN I 114 65.43 -13.61 2.71
N LEU I 115 65.32 -14.90 2.49
CA LEU I 115 65.38 -15.89 3.56
C LEU I 115 66.41 -16.92 3.20
C1 NAG J . -31.86 9.92 -9.43
C2 NAG J . -32.23 11.20 -8.74
C3 NAG J . -31.86 10.97 -7.36
C4 NAG J . -32.56 9.77 -6.64
C5 NAG J . -32.19 8.52 -7.55
C6 NAG J . -32.82 7.18 -7.24
C7 NAG J . -31.83 13.10 -10.20
C8 NAG J . -30.82 14.03 -10.78
N2 NAG J . -31.41 12.28 -9.27
O3 NAG J . -32.11 12.19 -6.62
O4 NAG J . -31.90 9.94 -5.38
O5 NAG J . -32.62 8.72 -8.87
O6 NAG J . -32.87 6.27 -8.34
O7 NAG J . -33.00 13.09 -10.58
C1 NAG J . -32.02 8.92 -4.41
C2 NAG J . -30.61 8.55 -4.03
C3 NAG J . -30.62 7.47 -3.03
C4 NAG J . -31.39 8.00 -1.78
C5 NAG J . -32.85 8.40 -2.18
C6 NAG J . -33.59 8.97 -1.00
C7 NAG J . -28.97 8.92 -5.78
C8 NAG J . -28.30 8.44 -7.03
N2 NAG J . -29.85 8.13 -5.20
O3 NAG J . -29.27 7.08 -2.73
O4 NAG J . -31.43 7.00 -0.81
O5 NAG J . -32.78 9.43 -3.17
O6 NAG J . -33.28 8.28 0.20
O7 NAG J . -28.70 10.02 -5.29
C1 NAG K . -31.38 -19.03 -7.89
C2 NAG K . -30.67 -20.23 -8.49
C3 NAG K . -30.89 -21.37 -7.57
C4 NAG K . -30.29 -21.12 -6.14
C5 NAG K . -30.93 -19.81 -5.60
C6 NAG K . -30.22 -19.33 -4.36
C7 NAG K . -30.44 -21.07 -10.75
C8 NAG K . -31.09 -21.58 -11.99
N2 NAG K . -31.21 -20.62 -9.78
O3 NAG K . -30.36 -22.59 -8.13
O4 NAG K . -30.78 -22.18 -5.37
O5 NAG K . -30.78 -18.74 -6.50
O6 NAG K . -28.83 -19.16 -4.58
O7 NAG K . -29.21 -21.04 -10.63
C1 NAG K . -29.80 -23.05 -4.85
C2 NAG K . -30.35 -23.60 -3.57
C3 NAG K . -29.33 -24.47 -2.94
C4 NAG K . -29.01 -25.69 -3.89
C5 NAG K . -28.52 -25.07 -5.25
C6 NAG K . -28.29 -26.14 -6.28
C7 NAG K . -31.87 -22.43 -2.11
C8 NAG K . -32.14 -21.19 -1.33
N2 NAG K . -30.69 -22.51 -2.70
O3 NAG K . -29.85 -24.85 -1.65
O4 NAG K . -27.93 -26.42 -3.36
O5 NAG K . -29.49 -24.20 -5.82
O6 NAG K . -27.54 -27.23 -5.76
O7 NAG K . -32.69 -23.34 -2.20
C1 BMA K . -28.30 -27.61 -2.57
C2 BMA K . -27.03 -28.42 -2.37
C3 BMA K . -27.26 -29.65 -1.56
C4 BMA K . -27.79 -29.15 -0.23
C5 BMA K . -29.11 -28.37 -0.42
C6 BMA K . -29.60 -27.82 0.97
O2 BMA K . -26.16 -27.63 -1.72
O3 BMA K . -25.98 -30.35 -1.37
O4 BMA K . -28.00 -30.24 0.62
O5 BMA K . -28.81 -27.24 -1.26
O6 BMA K . -29.56 -28.81 2.05
C1 MAN K . -26.01 -31.71 -1.93
C2 MAN K . -24.74 -32.47 -1.49
C3 MAN K . -23.52 -31.84 -2.06
C4 MAN K . -23.63 -31.89 -3.56
C5 MAN K . -24.91 -31.14 -3.99
C6 MAN K . -25.10 -31.18 -5.54
O2 MAN K . -24.80 -33.74 -1.98
O3 MAN K . -22.36 -32.56 -1.61
O4 MAN K . -22.53 -31.28 -4.14
O5 MAN K . -26.07 -31.73 -3.39
O6 MAN K . -24.02 -30.52 -6.28
C1 MAN K . -25.39 -34.73 -1.04
C2 MAN K . -24.62 -36.04 -1.16
C3 MAN K . -24.76 -36.66 -2.50
C4 MAN K . -26.22 -36.96 -2.72
C5 MAN K . -26.99 -35.60 -2.62
C6 MAN K . -28.54 -35.80 -2.76
O2 MAN K . -25.13 -36.88 -0.26
O3 MAN K . -23.99 -37.88 -2.55
O4 MAN K . -26.33 -37.52 -4.00
O5 MAN K . -26.78 -35.03 -1.31
O6 MAN K . -29.00 -35.99 -4.13
C1 NAG L . 14.24 16.12 27.21
C2 NAG L . 15.65 16.49 26.91
C3 NAG L . 16.21 15.27 26.33
C4 NAG L . 16.19 13.99 27.22
C5 NAG L . 14.65 13.81 27.57
C6 NAG L . 14.25 12.74 28.56
C7 NAG L . 15.81 18.80 26.18
C8 NAG L . 15.62 19.76 25.06
N2 NAG L . 15.68 17.53 25.89
O3 NAG L . 17.58 15.56 25.94
O4 NAG L . 16.80 13.12 26.28
O5 NAG L . 14.13 14.96 28.20
O6 NAG L . 12.99 12.96 29.19
O7 NAG L . 16.07 19.17 27.32
C1 NAG L . 16.80 11.73 26.53
C2 NAG L . 16.20 11.10 25.32
C3 NAG L . 16.13 9.63 25.50
C4 NAG L . 17.59 9.12 25.70
C5 NAG L . 18.22 9.79 26.96
C6 NAG L . 19.65 9.36 27.13
C7 NAG L . 14.64 12.51 24.11
C8 NAG L . 13.24 13.07 23.99
N2 NAG L . 14.87 11.63 25.06
O3 NAG L . 15.48 9.04 24.35
O4 NAG L . 17.56 7.73 25.87
O5 NAG L . 18.23 11.21 26.75
O6 NAG L . 19.82 7.98 26.83
O7 NAG L . 15.54 12.86 23.36
C1 NAG M . -3.82 -4.29 37.10
C2 NAG M . -5.29 -4.70 37.03
C3 NAG M . -5.34 -6.13 37.44
C4 NAG M . -4.56 -7.07 36.47
C5 NAG M . -3.08 -6.56 36.44
C6 NAG M . -2.30 -7.21 35.33
C7 NAG M . -7.34 -3.60 37.67
C8 NAG M . -8.18 -2.96 38.74
N2 NAG M . -6.11 -3.96 37.97
O3 NAG M . -6.72 -6.56 37.56
O4 NAG M . -4.55 -8.31 37.12
O5 NAG M . -3.03 -5.18 36.12
O6 NAG M . -2.94 -7.05 34.07
O7 NAG M . -7.77 -3.76 36.53
C1 NAG M . -5.21 -9.35 36.44
C2 NAG M . -4.54 -10.62 36.84
C3 NAG M . -5.13 -11.75 36.10
C4 NAG M . -6.66 -11.88 36.48
C5 NAG M . -7.32 -10.50 36.13
C6 NAG M . -8.77 -10.46 36.56
C7 NAG M . -2.20 -10.81 37.43
C8 NAG M . -0.79 -10.55 37.05
N2 NAG M . -3.12 -10.52 36.54
O3 NAG M . -4.35 -12.93 36.41
O4 NAG M . -7.26 -12.85 35.65
O5 NAG M . -6.69 -9.42 36.82
O6 NAG M . -9.46 -11.63 36.17
O7 NAG M . -2.50 -11.29 38.54
C1 BMA M . -7.39 -14.19 36.25
C2 BMA M . -8.34 -14.98 35.35
C3 BMA M . -8.53 -16.38 35.82
C4 BMA M . -7.15 -17.00 35.81
C5 BMA M . -6.19 -16.23 36.75
C6 BMA M . -4.75 -16.86 36.66
O2 BMA M . -7.79 -15.01 34.14
O3 BMA M . -9.41 -17.09 34.89
O4 BMA M . -7.22 -18.34 36.20
O5 BMA M . -6.11 -14.88 36.26
O6 BMA M . -4.74 -18.32 36.74
C1 MAN M . -10.65 -17.57 35.56
C2 MAN M . -11.40 -18.50 34.59
C3 MAN M . -11.87 -17.76 33.39
C4 MAN M . -12.80 -16.67 33.86
C5 MAN M . -12.02 -15.75 34.83
C6 MAN M . -12.95 -14.61 35.38
O2 MAN M . -12.51 -18.98 35.23
O3 MAN M . -12.56 -18.67 32.49
O4 MAN M . -13.24 -15.92 32.78
O5 MAN M . -11.54 -16.49 35.96
O6 MAN M . -13.45 -13.70 34.34
C1 MAN M . -12.31 -20.29 35.90
C2 MAN M . -13.58 -21.13 35.72
C3 MAN M . -14.75 -20.53 36.39
C4 MAN M . -14.46 -20.45 37.87
C5 MAN M . -13.18 -19.57 38.03
C6 MAN M . -12.72 -19.47 39.53
O2 MAN M . -13.33 -22.32 36.27
O3 MAN M . -15.91 -21.37 36.16
O4 MAN M . -15.58 -19.87 38.46
O5 MAN M . -12.08 -20.17 37.33
O6 MAN M . -13.51 -18.54 40.33
C1 NAG N . 21.40 -10.64 -25.13
C2 NAG N . 20.84 -10.28 -26.47
C3 NAG N . 19.45 -10.71 -26.39
C4 NAG N . 19.19 -12.23 -26.11
C5 NAG N . 19.96 -12.48 -24.73
C6 NAG N . 20.05 -13.90 -24.20
C7 NAG N . 21.82 -8.22 -27.29
C8 NAG N . 21.83 -6.74 -27.22
N2 NAG N . 20.87 -8.84 -26.64
O3 NAG N . 18.81 -10.33 -27.62
O4 NAG N . 17.77 -12.15 -26.11
O5 NAG N . 21.32 -12.14 -24.84
O6 NAG N . 21.13 -14.12 -23.31
O7 NAG N . 22.67 -8.85 -27.94
C1 NAG N . 17.02 -13.26 -25.65
C2 NAG N . 16.11 -12.73 -24.60
C3 NAG N . 15.31 -13.83 -24.03
C4 NAG N . 14.47 -14.43 -25.20
C5 NAG N . 15.42 -14.97 -26.32
C6 NAG N . 14.63 -15.51 -27.48
C7 NAG N . 16.94 -10.77 -23.43
C8 NAG N . 17.83 -10.20 -22.36
N2 NAG N . 16.87 -12.08 -23.53
O3 NAG N . 14.48 -13.32 -22.96
O4 NAG N . 13.69 -15.48 -24.71
O5 NAG N . 16.21 -13.88 -26.80
O6 NAG N . 13.47 -16.21 -27.05
O7 NAG N . 16.31 -10.05 -24.20
C1 NAG O . 22.10 -30.12 -3.66
C2 NAG O . 22.42 -30.24 -2.19
C3 NAG O . 21.78 -31.48 -1.70
C4 NAG O . 20.21 -31.45 -1.84
C5 NAG O . 19.89 -31.20 -3.34
C6 NAG O . 18.44 -30.87 -3.55
C7 NAG O . 24.42 -29.81 -0.89
C8 NAG O . 25.86 -30.12 -0.63
N2 NAG O . 23.84 -30.38 -1.94
O3 NAG O . 22.16 -31.75 -0.33
O4 NAG O . 19.82 -32.76 -1.53
O5 NAG O . 20.57 -30.06 -3.83
O6 NAG O . 18.03 -29.77 -2.74
O7 NAG O . 23.78 -29.04 -0.17
C1 NAG O . 18.99 -32.89 -0.40
C2 NAG O . 18.12 -34.08 -0.63
C3 NAG O . 17.19 -34.23 0.50
C4 NAG O . 18.00 -34.49 1.83
C5 NAG O . 18.96 -33.26 2.00
C6 NAG O . 19.87 -33.44 3.18
C7 NAG O . 17.37 -34.83 -2.79
C8 NAG O . 16.69 -34.48 -4.08
N2 NAG O . 17.40 -33.91 -1.87
O3 NAG O . 16.28 -35.30 0.16
O4 NAG O . 17.11 -34.46 2.92
O5 NAG O . 19.82 -33.10 0.87
O6 NAG O . 19.17 -33.86 4.34
O7 NAG O . 17.88 -35.95 -2.62
C1 BMA O . 16.66 -35.78 3.40
C2 BMA O . 16.00 -35.57 4.75
C3 BMA O . 15.47 -36.83 5.33
C4 BMA O . 14.46 -37.35 4.31
C5 BMA O . 15.14 -37.61 2.95
C6 BMA O . 14.05 -38.08 1.91
O2 BMA O . 14.97 -34.73 4.55
O3 BMA O . 14.81 -36.54 6.60
O4 BMA O . 13.88 -38.52 4.78
O5 BMA O . 15.67 -36.35 2.50
O6 BMA O . 13.15 -39.11 2.41
C1 MAN O . 15.43 -37.26 7.73
C2 MAN O . 14.55 -37.10 8.98
C3 MAN O . 14.47 -35.67 9.41
C4 MAN O . 15.89 -35.23 9.74
C5 MAN O . 16.76 -35.40 8.47
C6 MAN O . 18.24 -34.99 8.74
O2 MAN O . 15.11 -37.81 10.00
O3 MAN O . 13.62 -35.57 10.57
O4 MAN O . 15.87 -33.89 10.11
O5 MAN O . 16.78 -36.77 8.05
O6 MAN O . 18.40 -33.57 9.11
C1 MAN O . 14.60 -39.19 10.16
C2 MAN O . 14.47 -39.51 11.64
C3 MAN O . 15.79 -39.52 12.33
C4 MAN O . 16.65 -40.59 11.69
C5 MAN O . 16.78 -40.23 10.16
C6 MAN O . 17.58 -41.31 9.38
O2 MAN O . 13.95 -40.74 11.73
O3 MAN O . 15.61 -39.81 13.73
O4 MAN O . 17.88 -40.56 12.34
O5 MAN O . 15.47 -40.19 9.56
O6 MAN O . 19.03 -41.23 9.55
C1 NAG P . -36.91 4.53 -25.39
C2 NAG P . -36.21 5.76 -25.93
C3 NAG P . -36.49 5.87 -27.36
C4 NAG P . -35.94 4.59 -28.08
C5 NAG P . -36.67 3.34 -27.51
C6 NAG P . -36.15 2.06 -28.13
C7 NAG P . -36.04 7.50 -24.24
C8 NAG P . -36.60 8.73 -23.65
N2 NAG P . -36.67 6.97 -25.28
O3 NAG P . -35.88 7.09 -27.87
O4 NAG P . -36.20 4.70 -29.44
O5 NAG P . -36.40 3.26 -26.10
O6 NAG P . -35.88 2.23 -29.51
O7 NAG P . -35.02 6.99 -23.79
C1 NAG Q . -36.86 0.17 -36.20
C2 NAG Q . -35.87 0.77 -37.17
C3 NAG Q . -36.58 1.48 -38.26
C4 NAG Q . -37.46 0.43 -39.01
C5 NAG Q . -38.48 -0.19 -38.03
C6 NAG Q . -39.27 -1.27 -38.72
C7 NAG Q . -33.81 2.00 -36.90
C8 NAG Q . -33.02 2.97 -36.10
N2 NAG Q . -35.03 1.71 -36.47
O3 NAG Q . -35.64 2.12 -39.15
O4 NAG Q . -38.15 1.06 -40.05
O5 NAG Q . -37.75 -0.82 -36.98
O6 NAG Q . -40.08 -0.71 -39.75
O7 NAG Q . -33.37 1.48 -37.93
C1 NAG R . -41.92 -22.32 -3.23
C2 NAG R . -43.38 -22.05 -3.00
C3 NAG R . -43.52 -20.95 -2.04
C4 NAG R . -42.85 -21.38 -0.68
C5 NAG R . -41.34 -21.66 -0.95
C6 NAG R . -40.63 -22.11 0.29
C7 NAG R . -44.67 -22.53 -5.00
C8 NAG R . -45.35 -22.02 -6.23
N2 NAG R . -44.05 -21.66 -4.24
O3 NAG R . -44.92 -20.62 -1.89
O4 NAG R . -43.01 -20.36 0.25
O5 NAG R . -41.24 -22.71 -1.90
O6 NAG R . -41.00 -21.35 1.44
O7 NAG R . -44.67 -23.73 -4.71
C1 NAG S . -46.75 -29.17 -6.89
C2 NAG S . -45.99 -29.71 -5.70
C3 NAG S . -46.36 -31.11 -5.46
C4 NAG S . -47.91 -31.15 -5.21
C5 NAG S . -48.64 -30.61 -6.47
C6 NAG S . -50.15 -30.64 -6.29
C7 NAG S . -43.75 -28.78 -5.46
C8 NAG S . -42.38 -28.63 -6.04
N2 NAG S . -44.57 -29.65 -6.03
O3 NAG S . -45.62 -31.59 -4.31
O4 NAG S . -48.29 -32.47 -4.98
O5 NAG S . -48.27 -29.25 -6.67
O6 NAG S . -50.60 -31.94 -5.94
O7 NAG S . -44.13 -28.14 -4.48
C1 NAG T . -49.52 -20.68 -31.44
C2 NAG T . -51.00 -20.66 -31.11
C3 NAG T . -51.66 -21.76 -31.83
C4 NAG T . -51.46 -21.58 -33.36
C5 NAG T . -49.93 -21.60 -33.66
C6 NAG T . -49.63 -21.47 -35.12
C7 NAG T . -51.53 -19.91 -28.87
C8 NAG T . -51.58 -20.22 -27.42
N2 NAG T . -51.19 -20.89 -29.69
O3 NAG T . -53.06 -21.78 -31.48
O4 NAG T . -52.09 -22.61 -34.04
O5 NAG T . -49.30 -20.52 -32.96
O6 NAG T . -50.36 -22.42 -35.88
O7 NAG T . -51.78 -18.79 -29.32
C1 NAG U . -45.56 -29.40 -23.49
C2 NAG U . -44.73 -29.81 -24.68
C3 NAG U . -45.62 -29.93 -25.85
C4 NAG U . -46.75 -30.97 -25.57
C5 NAG U . -47.57 -30.48 -24.34
C6 NAG U . -48.69 -31.41 -23.99
C7 NAG U . -42.51 -28.73 -24.60
C8 NAG U . -41.69 -27.53 -24.97
N2 NAG U . -43.76 -28.75 -25.02
O3 NAG U . -44.83 -30.29 -27.00
O4 NAG U . -47.58 -31.07 -26.68
O5 NAG U . -46.68 -30.40 -23.22
O6 NAG U . -49.49 -31.70 -25.13
O7 NAG U . -42.04 -29.64 -23.92
C1 NAG V . -53.37 -23.36 -20.41
C2 NAG V . -54.65 -23.88 -21.01
C3 NAG V . -55.67 -23.98 -19.96
C4 NAG V . -55.17 -24.94 -18.84
C5 NAG V . -53.85 -24.36 -18.27
C6 NAG V . -53.35 -25.20 -17.13
C7 NAG V . -54.95 -23.16 -23.31
C8 NAG V . -55.38 -22.06 -24.23
N2 NAG V . -55.11 -22.95 -22.02
O3 NAG V . -56.90 -24.44 -20.56
O4 NAG V . -56.11 -25.04 -17.84
O5 NAG V . -52.86 -24.31 -19.30
O6 NAG V . -54.41 -25.47 -16.21
O7 NAG V . -54.47 -24.21 -23.73
C1 NAG W . -49.35 -25.67 -4.29
C2 NAG W . -50.03 -26.94 -3.86
C3 NAG W . -49.81 -27.17 -2.41
C4 NAG W . -48.28 -27.29 -2.11
C5 NAG W . -47.61 -25.96 -2.52
C6 NAG W . -46.11 -26.03 -2.33
C7 NAG W . -52.16 -27.13 -5.13
C8 NAG W . -53.64 -27.26 -4.99
N2 NAG W . -51.49 -26.92 -4.02
O3 NAG W . -50.54 -28.35 -2.01
O4 NAG W . -48.09 -27.54 -0.76
O5 NAG W . -47.86 -25.78 -3.90
O6 NAG W . -45.76 -26.97 -1.34
O7 NAG W . -51.61 -27.19 -6.24
C1 NAG X . -36.51 -13.77 -4.36
C2 NAG X . -35.19 -14.18 -3.78
C3 NAG X . -35.26 -14.15 -2.32
C4 NAG X . -35.59 -12.70 -1.86
C5 NAG X . -36.96 -12.28 -2.48
C6 NAG X . -37.35 -10.88 -2.10
C7 NAG X . -33.77 -15.84 -4.82
C8 NAG X . -33.64 -17.27 -5.25
N2 NAG X . -34.87 -15.53 -4.19
O3 NAG X . -33.99 -14.61 -1.78
O4 NAG X . -35.66 -12.65 -0.47
O5 NAG X . -36.85 -12.33 -3.90
O6 NAG X . -36.88 -10.54 -0.80
O7 NAG X . -32.88 -15.02 -5.05
C01 N07 Y . -8.90 30.91 -9.90
C02 N07 Y . -8.13 29.67 -9.56
N03 N07 Y . -6.84 29.39 -9.86
N04 N07 Y . -6.51 28.16 -9.38
C05 N07 Y . -7.62 27.62 -8.76
C06 N07 Y . -7.71 26.32 -8.10
C07 N07 Y . -8.74 26.08 -7.18
C08 N07 Y . -8.83 24.82 -6.55
C09 N07 Y . -7.89 23.81 -6.85
C10 N07 Y . -6.86 24.05 -7.79
C11 N07 Y . -5.87 22.98 -8.10
C12 N07 Y . -4.72 23.29 -8.85
C13 N07 Y . -3.78 22.30 -9.14
C14 N07 Y . -4.02 21.00 -8.66
C15 N07 Y . -5.14 20.61 -7.90
C16 N07 Y . -5.29 19.11 -7.44
O17 N07 Y . -6.42 18.89 -6.98
N18 N07 Y . -4.40 17.95 -7.47
C19 N07 Y . -4.67 16.60 -7.01
C20 N07 Y . -4.64 15.66 -8.23
C21 N07 Y . -3.26 15.74 -8.92
C22 N07 Y . -2.93 17.19 -9.25
C23 N07 Y . -3.04 18.06 -7.99
C24 N07 Y . -6.07 21.65 -7.64
C25 N07 Y . -6.77 25.31 -8.41
O26 N07 Y . -8.62 28.57 -8.88
C1 NAG Z . 2.91 24.80 37.46
C2 NAG Z . 3.06 25.95 36.51
C3 NAG Z . 2.36 27.12 37.06
C4 NAG Z . 0.84 26.76 37.21
C5 NAG Z . 0.71 25.56 38.19
C6 NAG Z . -0.74 25.14 38.34
C7 NAG Z . 5.18 25.85 35.32
C8 NAG Z . 6.60 26.27 35.24
N2 NAG Z . 4.46 26.31 36.32
O3 NAG Z . 2.57 28.26 36.18
O4 NAG Z . 0.17 27.86 37.72
O5 NAG Z . 1.42 24.44 37.64
O6 NAG Z . -1.62 26.25 38.35
O7 NAG Z . 4.70 25.10 34.49
C1 NAG AA . -6.73 29.94 41.57
C2 NAG AA . -7.37 30.98 40.68
C3 NAG AA . -7.28 32.31 41.31
C4 NAG AA . -8.06 32.25 42.67
C5 NAG AA . -7.41 31.18 43.58
C6 NAG AA . -8.19 31.04 44.86
C7 NAG AA . -7.28 31.43 38.32
C8 NAG AA . -6.49 31.42 37.06
N2 NAG AA . -6.68 31.01 39.41
O3 NAG AA . -7.83 33.33 40.44
O4 NAG AA . -8.00 33.49 43.30
O5 NAG AA . -7.47 29.93 42.92
O6 NAG AA . -8.14 32.24 45.62
O7 NAG AA . -8.45 31.81 38.35
C1 NAG BA . 1.50 -9.12 46.70
C2 NAG BA . 2.44 -8.99 47.86
C3 NAG BA . 3.82 -8.96 47.36
C4 NAG BA . 4.10 -10.30 46.59
C5 NAG BA . 3.11 -10.41 45.40
C6 NAG BA . 3.28 -11.69 44.64
C7 NAG BA . 1.42 -7.71 49.66
C8 NAG BA . 1.28 -6.41 50.37
N2 NAG BA . 2.21 -7.76 48.60
O3 NAG BA . 4.72 -8.74 48.45
O4 NAG BA . 5.41 -10.31 46.13
O5 NAG BA . 1.78 -10.41 45.92
O6 NAG BA . 4.65 -12.01 44.42
O7 NAG BA . 0.83 -8.73 50.04
C1 NAG CA . -3.18 -10.56 54.43
C2 NAG CA . -3.12 -11.86 53.67
C3 NAG CA . -3.70 -12.94 54.46
C4 NAG CA . -2.92 -13.03 55.81
C5 NAG CA . -3.03 -11.68 56.57
C6 NAG CA . -2.30 -11.71 57.89
C7 NAG CA . -3.32 -11.60 51.26
C8 NAG CA . -4.17 -11.18 50.10
N2 NAG CA . -3.88 -11.69 52.45
O3 NAG CA . -3.63 -14.17 53.70
O4 NAG CA . -3.45 -14.05 56.58
O5 NAG CA . -2.45 -10.66 55.77
O6 NAG CA . -2.74 -12.80 58.69
O7 NAG CA . -2.13 -11.88 51.12
C1 NAG DA . -11.85 13.55 59.54
C2 NAG DA . -10.99 13.43 60.78
C3 NAG DA . -11.87 13.29 61.95
C4 NAG DA . -12.81 14.54 62.06
C5 NAG DA . -13.66 14.61 60.76
C6 NAG DA . -14.62 15.77 60.79
C7 NAG DA . -8.88 12.31 60.45
C8 NAG DA . -8.14 11.03 60.28
N2 NAG DA . -10.16 12.24 60.71
O3 NAG DA . -11.06 13.12 63.14
O4 NAG DA . -13.63 14.40 63.17
O5 NAG DA . -12.78 14.77 59.63
O6 NAG DA . -15.41 15.76 61.98
O7 NAG DA . -8.31 13.40 60.38
C1 NAG EA . -14.24 1.54 57.33
C2 NAG EA . -15.61 2.08 57.01
C3 NAG EA . -16.03 2.94 58.14
C4 NAG EA . -16.05 2.13 59.47
C5 NAG EA . -14.61 1.61 59.73
C6 NAG EA . -14.51 0.82 61.01
C7 NAG EA . -15.80 2.56 54.60
C8 NAG EA . -15.61 3.57 53.51
N2 NAG EA . -15.55 2.96 55.83
O3 NAG EA . -17.33 3.50 57.83
O4 NAG EA . -16.46 2.96 60.52
O5 NAG EA . -14.23 0.76 58.65
O6 NAG EA . -15.07 1.53 62.10
O7 NAG EA . -16.18 1.41 54.35
C1 NAG FA . -5.03 3.87 61.40
C2 NAG FA . -5.19 4.07 62.88
C3 NAG FA . -4.16 3.31 63.60
C4 NAG FA . -4.30 1.80 63.24
C5 NAG FA . -4.13 1.66 61.70
C6 NAG FA . -4.17 0.21 61.29
C7 NAG FA . -6.02 6.28 63.43
C8 NAG FA . -5.71 7.73 63.62
N2 NAG FA . -5.02 5.48 63.19
O3 NAG FA . -4.30 3.55 65.02
O4 NAG FA . -3.32 1.06 63.88
O5 NAG FA . -5.16 2.38 61.04
O6 NAG FA . -3.33 -0.57 62.13
O7 NAG FA . -7.18 5.86 63.48
C1 NAG GA . 1.85 -9.96 54.87
C2 NAG GA . 1.58 -11.08 55.85
C3 NAG GA . 2.25 -12.32 55.40
C4 NAG GA . 1.70 -12.74 54.00
C5 NAG GA . 2.01 -11.60 52.99
C6 NAG GA . 1.45 -11.91 51.63
C7 NAG GA . 1.57 -10.09 58.13
C8 NAG GA . 2.22 -10.16 59.47
N2 NAG GA . 2.13 -10.83 57.19
O3 NAG GA . 2.04 -13.35 56.38
O4 NAG GA . 2.29 -13.93 53.59
O5 NAG GA . 1.37 -10.44 53.47
O6 NAG GA . 1.31 -13.30 51.42
O7 NAG GA . 0.61 -9.35 57.91
C1 NAG HA . 4.02 -3.02 38.94
C2 NAG HA . 3.54 -3.83 37.76
C3 NAG HA . 4.51 -4.90 37.47
C4 NAG HA . 5.88 -4.24 37.13
C5 NAG HA . 6.35 -3.40 38.35
C6 NAG HA . 7.67 -2.72 38.10
C7 NAG HA . 1.20 -4.27 37.35
C8 NAG HA . -0.04 -4.91 37.86
N2 NAG HA . 2.28 -4.45 38.07
O3 NAG HA . 4.01 -5.70 36.37
O4 NAG HA . 6.81 -5.24 36.85
O5 NAG HA . 5.39 -2.37 38.62
O6 NAG HA . 8.50 -3.51 37.25
O7 NAG HA . 1.20 -3.63 36.30
C01 N07 IA . 17.72 28.59 -1.09
C02 N07 IA . 16.79 27.46 -1.39
N03 N07 IA . 15.86 27.39 -2.39
N04 N07 IA . 15.23 26.19 -2.33
C05 N07 IA . 15.75 25.46 -1.29
C06 N07 IA . 15.35 24.12 -0.88
C07 N07 IA . 16.21 23.35 -0.08
C08 N07 IA . 15.82 22.06 0.32
C09 N07 IA . 14.58 21.53 -0.08
C10 N07 IA . 13.71 22.31 -0.88
C11 N07 IA . 12.38 21.75 -1.31
C12 N07 IA . 11.63 22.42 -2.28
C13 N07 IA . 10.39 21.90 -2.70
C14 N07 IA . 9.96 20.70 -2.11
C15 N07 IA . 10.66 19.97 -1.13
C16 N07 IA . 10.04 18.64 -0.56
O17 N07 IA . 10.67 18.24 0.43
N18 N07 IA . 8.88 17.82 -0.93
C19 N07 IA . 8.41 16.61 -0.28
C20 N07 IA . 7.01 16.88 0.31
C21 N07 IA . 6.05 17.35 -0.78
C22 N07 IA . 6.64 18.53 -1.55
C23 N07 IA . 8.03 18.18 -2.06
C24 N07 IA . 11.91 20.53 -0.75
C25 N07 IA . 14.10 23.60 -1.28
O26 N07 IA . 16.71 26.26 -0.72
C1 NAG JA . 38.34 -11.61 -20.55
C2 NAG JA . 38.43 -10.14 -20.89
C3 NAG JA . 39.83 -9.72 -20.81
C4 NAG JA . 40.35 -9.95 -19.36
C5 NAG JA . 40.24 -11.46 -19.01
C6 NAG JA . 40.68 -11.75 -17.60
C7 NAG JA . 36.71 -9.50 -22.48
C8 NAG JA . 36.32 -9.27 -23.88
N2 NAG JA . 37.94 -9.87 -22.23
O3 NAG JA . 39.94 -8.32 -21.22
O4 NAG JA . 41.67 -9.54 -19.27
O5 NAG JA . 38.87 -11.86 -19.12
O6 NAG JA . 41.79 -10.94 -17.22
O7 NAG JA . 35.91 -9.34 -21.56
C1 NAG KA . 48.40 -10.48 -14.73
C2 NAG KA . 48.79 -9.08 -14.34
C3 NAG KA . 50.02 -8.67 -15.06
C4 NAG KA . 51.16 -9.67 -14.66
C5 NAG KA . 50.77 -11.10 -15.06
C6 NAG KA . 51.80 -12.07 -14.59
C7 NAG KA . 47.57 -7.03 -14.03
C8 NAG KA . 46.43 -6.17 -14.44
N2 NAG KA . 47.72 -8.17 -14.67
O3 NAG KA . 50.37 -7.31 -14.74
O4 NAG KA . 52.34 -9.31 -15.30
O5 NAG KA . 49.55 -11.43 -14.38
O6 NAG KA . 53.04 -11.85 -15.27
O7 NAG KA . 48.34 -6.71 -13.12
C1 NAG LA . 22.69 -40.89 -8.92
C2 NAG LA . 23.09 -41.74 -10.09
C3 NAG LA . 22.20 -41.45 -11.22
C4 NAG LA . 20.73 -41.80 -10.80
C5 NAG LA . 20.34 -40.91 -9.58
C6 NAG LA . 18.96 -41.21 -9.09
C7 NAG LA . 25.49 -42.15 -10.07
C8 NAG LA . 26.84 -41.81 -10.59
N2 NAG LA . 24.46 -41.45 -10.51
O3 NAG LA . 22.64 -42.20 -12.38
O4 NAG LA . 19.88 -41.57 -11.87
O5 NAG LA . 21.24 -41.19 -8.51
O6 NAG LA . 18.03 -41.37 -10.16
O7 NAG LA . 25.32 -43.06 -9.25
C1 NAG MA . 28.60 -47.22 -5.99
C2 NAG MA . 27.26 -47.53 -5.40
C3 NAG MA . 27.30 -48.78 -4.64
C4 NAG MA . 27.75 -49.91 -5.64
C5 NAG MA . 29.15 -49.56 -6.21
C6 NAG MA . 29.65 -50.63 -7.16
C7 NAG MA . 26.00 -45.55 -4.75
C8 NAG MA . 25.91 -44.34 -3.86
N2 NAG MA . 26.93 -46.44 -4.47
O3 NAG MA . 26.00 -49.05 -4.09
O4 NAG MA . 27.80 -51.12 -4.96
O5 NAG MA . 29.06 -48.34 -6.93
O6 NAG MA . 29.63 -51.92 -6.56
O7 NAG MA . 25.23 -45.73 -5.68
C1 NAG NA . 51.20 -34.32 -8.30
C2 NAG NA . 51.54 -35.39 -9.31
C3 NAG NA . 52.56 -36.29 -8.74
C4 NAG NA . 53.84 -35.47 -8.38
C5 NAG NA . 53.44 -34.38 -7.35
C6 NAG NA . 54.62 -33.56 -6.91
C7 NAG NA . 49.69 -36.06 -10.72
C8 NAG NA . 48.43 -36.84 -10.87
N2 NAG NA . 50.36 -36.19 -9.59
O3 NAG NA . 52.85 -37.34 -9.68
O4 NAG NA . 54.80 -36.31 -7.85
O5 NAG NA . 52.46 -33.51 -7.92
O6 NAG NA . 55.70 -34.39 -6.48
O7 NAG NA . 50.13 -35.33 -11.61
C1 NAG OA . 43.04 -40.47 -1.19
C2 NAG OA . 43.80 -39.76 -0.08
C3 NAG OA . 45.23 -40.00 -0.29
C4 NAG OA . 45.54 -41.52 -0.28
C5 NAG OA . 44.76 -42.18 -1.44
C6 NAG OA . 44.99 -43.66 -1.54
C7 NAG OA . 42.67 -37.64 0.48
C8 NAG OA . 42.56 -36.17 0.19
N2 NAG OA . 43.59 -38.31 -0.19
O3 NAG OA . 45.96 -39.29 0.75
O4 NAG OA . 46.91 -41.72 -0.47
O5 NAG OA . 43.36 -41.97 -1.22
O6 NAG OA . 46.39 -43.95 -1.56
O7 NAG OA . 41.93 -38.19 1.30
C1 NAG PA . 43.15 -42.68 -11.29
C2 NAG PA . 44.28 -43.63 -11.56
C3 NAG PA . 43.79 -44.75 -12.38
C4 NAG PA . 42.64 -45.47 -11.61
C5 NAG PA . 41.51 -44.44 -11.36
C6 NAG PA . 40.33 -45.09 -10.68
C7 NAG PA . 46.42 -42.50 -11.76
C8 NAG PA . 47.35 -41.71 -12.62
N2 NAG PA . 45.31 -42.93 -12.31
O3 NAG PA . 44.89 -45.64 -12.67
O4 NAG PA . 42.15 -46.52 -12.37
O5 NAG PA . 42.00 -43.38 -10.53
O6 NAG PA . 39.99 -46.30 -11.35
O7 NAG PA . 46.68 -42.74 -10.58
C1 NAG QA . 27.10 -47.55 -10.84
C2 NAG QA . 27.11 -49.00 -10.42
C3 NAG QA . 25.74 -49.54 -10.45
C4 NAG QA . 24.82 -48.73 -9.47
C5 NAG QA . 24.79 -47.26 -9.94
C6 NAG QA . 23.99 -46.40 -8.99
C7 NAG QA . 29.19 -50.04 -11.31
C8 NAG QA . 29.71 -51.13 -12.17
N2 NAG QA . 27.88 -49.87 -11.31
O3 NAG QA . 25.77 -50.94 -10.12
O4 NAG QA . 23.54 -49.27 -9.48
O5 NAG QA . 26.13 -46.80 -9.90
O6 NAG QA . 23.01 -47.16 -8.31
O7 NAG QA . 29.95 -49.31 -10.66
C1 NAG RA . 20.71 -31.27 -11.63
C2 NAG RA . 19.65 -30.89 -10.62
C3 NAG RA . 18.36 -31.46 -11.02
C4 NAG RA . 17.98 -30.88 -12.42
C5 NAG RA . 19.09 -31.27 -13.45
C6 NAG RA . 18.80 -30.73 -14.82
C7 NAG RA . 20.11 -30.69 -8.25
C8 NAG RA . 20.55 -31.40 -7.02
N2 NAG RA . 19.99 -31.44 -9.32
O3 NAG RA . 17.37 -31.14 -10.02
O4 NAG RA . 16.75 -31.41 -12.82
O5 NAG RA . 20.34 -30.71 -13.01
O6 NAG RA . 17.41 -30.68 -15.08
O7 NAG RA . 19.87 -29.49 -8.25
C01 N07 SA . 10.29 18.40 -26.23
C02 N07 SA . 9.75 17.95 -24.91
N03 N07 SA . 9.48 18.72 -23.82
N04 N07 SA . 9.01 17.93 -22.81
C05 N07 SA . 8.97 16.63 -23.25
C06 N07 SA . 8.53 15.46 -22.50
C07 N07 SA . 8.16 14.29 -23.17
C08 N07 SA . 7.73 13.16 -22.45
C09 N07 SA . 7.68 13.21 -21.04
C10 N07 SA . 8.05 14.39 -20.35
C11 N07 SA . 7.99 14.44 -18.86
C12 N07 SA . 8.14 15.67 -18.20
C13 N07 SA . 8.08 15.73 -16.80
C14 N07 SA . 7.86 14.53 -16.10
C15 N07 SA . 7.69 13.27 -16.69
C16 N07 SA . 7.45 12.01 -15.77
O17 N07 SA . 7.55 10.96 -16.43
N18 N07 SA . 7.19 11.82 -14.35
C19 N07 SA . 7.00 10.58 -13.62
C20 N07 SA . 8.15 10.43 -12.61
C21 N07 SA . 8.18 11.62 -11.66
C22 N07 SA . 8.22 12.93 -12.44
C23 N07 SA . 7.06 12.97 -13.46
C24 N07 SA . 7.76 13.26 -18.11
C25 N07 SA . 8.48 15.51 -21.09
O26 N07 SA . 9.44 16.65 -24.56
#